data_3JUI
# 
_entry.id   3JUI 
# 
_audit_conform.dict_name       mmcif_pdbx.dic 
_audit_conform.dict_version    5.398 
_audit_conform.dict_location   http://mmcif.pdb.org/dictionaries/ascii/mmcif_pdbx.dic 
# 
loop_
_database_2.database_id 
_database_2.database_code 
_database_2.pdbx_database_accession 
_database_2.pdbx_DOI 
PDB   3JUI         pdb_00003jui 10.2210/pdb3jui/pdb 
RCSB  RCSB055175   ?            ?                   
WWPDB D_1000055175 ?            ?                   
# 
loop_
_pdbx_audit_revision_history.ordinal 
_pdbx_audit_revision_history.data_content_type 
_pdbx_audit_revision_history.major_revision 
_pdbx_audit_revision_history.minor_revision 
_pdbx_audit_revision_history.revision_date 
1 'Structure model' 1 0 2009-10-06 
2 'Structure model' 1 1 2011-07-13 
3 'Structure model' 1 2 2017-11-01 
4 'Structure model' 1 3 2021-11-10 
5 'Structure model' 1 4 2024-11-13 
# 
_pdbx_audit_revision_details.ordinal             1 
_pdbx_audit_revision_details.revision_ordinal    1 
_pdbx_audit_revision_details.data_content_type   'Structure model' 
_pdbx_audit_revision_details.provider            repository 
_pdbx_audit_revision_details.type                'Initial release' 
_pdbx_audit_revision_details.description         ? 
_pdbx_audit_revision_details.details             ? 
# 
loop_
_pdbx_audit_revision_group.ordinal 
_pdbx_audit_revision_group.revision_ordinal 
_pdbx_audit_revision_group.data_content_type 
_pdbx_audit_revision_group.group 
1 2 'Structure model' 'Non-polymer description'   
2 2 'Structure model' 'Version format compliance' 
3 3 'Structure model' Advisory                    
4 3 'Structure model' 'Refinement description'    
5 4 'Structure model' Advisory                    
6 4 'Structure model' 'Database references'       
7 4 'Structure model' 'Derived calculations'      
8 5 'Structure model' 'Data collection'           
9 5 'Structure model' 'Structure summary'         
# 
loop_
_pdbx_audit_revision_category.ordinal 
_pdbx_audit_revision_category.revision_ordinal 
_pdbx_audit_revision_category.data_content_type 
_pdbx_audit_revision_category.category 
1  3 'Structure model' pdbx_unobs_or_zero_occ_atoms 
2  3 'Structure model' software                     
3  4 'Structure model' database_2                   
4  4 'Structure model' pdbx_unobs_or_zero_occ_atoms 
5  4 'Structure model' struct_conn                  
6  4 'Structure model' struct_ref_seq_dif           
7  4 'Structure model' struct_site                  
8  5 'Structure model' chem_comp_atom               
9  5 'Structure model' chem_comp_bond               
10 5 'Structure model' pdbx_entry_details           
11 5 'Structure model' pdbx_modification_feature    
# 
loop_
_pdbx_audit_revision_item.ordinal 
_pdbx_audit_revision_item.revision_ordinal 
_pdbx_audit_revision_item.data_content_type 
_pdbx_audit_revision_item.item 
1 4 'Structure model' '_database_2.pdbx_DOI'                
2 4 'Structure model' '_database_2.pdbx_database_accession' 
3 4 'Structure model' '_struct_conn.pdbx_leaving_atom_flag' 
4 4 'Structure model' '_struct_ref_seq_dif.details'         
5 4 'Structure model' '_struct_site.pdbx_auth_asym_id'      
6 4 'Structure model' '_struct_site.pdbx_auth_comp_id'      
7 4 'Structure model' '_struct_site.pdbx_auth_seq_id'       
# 
_pdbx_database_status.entry_id                        3JUI 
_pdbx_database_status.status_code                     REL 
_pdbx_database_status.deposit_site                    RCSB 
_pdbx_database_status.process_site                    PDBJ 
_pdbx_database_status.recvd_initial_deposition_date   2009-09-15 
_pdbx_database_status.status_code_sf                  REL 
_pdbx_database_status.status_code_mr                  ? 
_pdbx_database_status.SG_entry                        ? 
_pdbx_database_status.pdb_format_compatible           Y 
_pdbx_database_status.status_code_cs                  ? 
_pdbx_database_status.methods_development_category    ? 
_pdbx_database_status.status_code_nmr_data            ? 
# 
loop_
_audit_author.name 
_audit_author.pdbx_ordinal 
'Wei, J.'   1 
'Xu, H.'    2 
'Zhang, C.' 3 
'Wang, M.'  4 
'Gao, F.'   5 
'Gong, W.'  6 
# 
_citation.id                        primary 
_citation.title                     
'Crystal Structure of the C-terminal Domain of Human Translation Initiation Factor eIF2B epsilon Subunit' 
_citation.journal_abbrev            'To be published' 
_citation.journal_volume            ? 
_citation.page_first                ? 
_citation.page_last                 ? 
_citation.year                      ? 
_citation.journal_id_ASTM           ? 
_citation.country                   ? 
_citation.journal_id_ISSN           ? 
_citation.journal_id_CSD            0353 
_citation.book_publisher            ? 
_citation.pdbx_database_id_PubMed   ? 
_citation.pdbx_database_id_DOI      ? 
# 
loop_
_citation_author.citation_id 
_citation_author.name 
_citation_author.ordinal 
_citation_author.identifier_ORCID 
primary 'Wei, J.'   1 ? 
primary 'Xu, H.'    2 ? 
primary 'Zhang, C.' 3 ? 
primary 'Wang, M.'  4 ? 
primary 'Gao, F.'   5 ? 
primary 'Gong, W.'  6 ? 
# 
loop_
_entity.id 
_entity.type 
_entity.src_method 
_entity.pdbx_description 
_entity.formula_weight 
_entity.pdbx_number_of_molecules 
_entity.pdbx_ec 
_entity.pdbx_mutation 
_entity.pdbx_fragment 
_entity.details 
1 polymer     man 'Translation initiation factor eIF-2B subunit epsilon' 21384.492 1  ? E678G 'C-terminal Domain' ? 
2 non-polymer syn GLYCEROL                                               92.094    1  ? ?     ?                   ? 
3 water       nat water                                                  18.015    94 ? ?     ?                   ? 
# 
_entity_name_com.entity_id   1 
_entity_name_com.name        'eIF-2B GDP-GTP exchange factor subunit epsilon' 
# 
_entity_poly.entity_id                      1 
_entity_poly.type                           'polypeptide(L)' 
_entity_poly.nstd_linkage                   no 
_entity_poly.nstd_monomer                   yes 
_entity_poly.pdbx_seq_one_letter_code       
;GHHHHHH(MSE)DDIKVFQNEVLGTLQRGKEENISCDNLVLEINSLKYAYNISLKEV(MSE)QVLSHVVLEFPLQQ
(MSE)DSPLDSSRYCALLLPLLKAWSPVFRNYIKRAADHLEALAAIEDFFLEHEALGIS(MSE)AKVL(MSE)AFYQLEI
LAGETILSWFSQRDTTDKGQQLRKNQQLQRFIQWLKEAEEESSEDD
;
_entity_poly.pdbx_seq_one_letter_code_can   
;GHHHHHHMDDIKVFQNEVLGTLQRGKEENISCDNLVLEINSLKYAYNISLKEVMQVLSHVVLEFPLQQMDSPLDSSRYCA
LLLPLLKAWSPVFRNYIKRAADHLEALAAIEDFFLEHEALGISMAKVLMAFYQLEILAGETILSWFSQRDTTDKGQQLRK
NQQLQRFIQWLKEAEEESSEDD
;
_entity_poly.pdbx_strand_id                 A 
_entity_poly.pdbx_target_identifier         ? 
# 
loop_
_pdbx_entity_nonpoly.entity_id 
_pdbx_entity_nonpoly.name 
_pdbx_entity_nonpoly.comp_id 
2 GLYCEROL GOL 
3 water    HOH 
# 
loop_
_entity_poly_seq.entity_id 
_entity_poly_seq.num 
_entity_poly_seq.mon_id 
_entity_poly_seq.hetero 
1 1   GLY n 
1 2   HIS n 
1 3   HIS n 
1 4   HIS n 
1 5   HIS n 
1 6   HIS n 
1 7   HIS n 
1 8   MSE n 
1 9   ASP n 
1 10  ASP n 
1 11  ILE n 
1 12  LYS n 
1 13  VAL n 
1 14  PHE n 
1 15  GLN n 
1 16  ASN n 
1 17  GLU n 
1 18  VAL n 
1 19  LEU n 
1 20  GLY n 
1 21  THR n 
1 22  LEU n 
1 23  GLN n 
1 24  ARG n 
1 25  GLY n 
1 26  LYS n 
1 27  GLU n 
1 28  GLU n 
1 29  ASN n 
1 30  ILE n 
1 31  SER n 
1 32  CYS n 
1 33  ASP n 
1 34  ASN n 
1 35  LEU n 
1 36  VAL n 
1 37  LEU n 
1 38  GLU n 
1 39  ILE n 
1 40  ASN n 
1 41  SER n 
1 42  LEU n 
1 43  LYS n 
1 44  TYR n 
1 45  ALA n 
1 46  TYR n 
1 47  ASN n 
1 48  ILE n 
1 49  SER n 
1 50  LEU n 
1 51  LYS n 
1 52  GLU n 
1 53  VAL n 
1 54  MSE n 
1 55  GLN n 
1 56  VAL n 
1 57  LEU n 
1 58  SER n 
1 59  HIS n 
1 60  VAL n 
1 61  VAL n 
1 62  LEU n 
1 63  GLU n 
1 64  PHE n 
1 65  PRO n 
1 66  LEU n 
1 67  GLN n 
1 68  GLN n 
1 69  MSE n 
1 70  ASP n 
1 71  SER n 
1 72  PRO n 
1 73  LEU n 
1 74  ASP n 
1 75  SER n 
1 76  SER n 
1 77  ARG n 
1 78  TYR n 
1 79  CYS n 
1 80  ALA n 
1 81  LEU n 
1 82  LEU n 
1 83  LEU n 
1 84  PRO n 
1 85  LEU n 
1 86  LEU n 
1 87  LYS n 
1 88  ALA n 
1 89  TRP n 
1 90  SER n 
1 91  PRO n 
1 92  VAL n 
1 93  PHE n 
1 94  ARG n 
1 95  ASN n 
1 96  TYR n 
1 97  ILE n 
1 98  LYS n 
1 99  ARG n 
1 100 ALA n 
1 101 ALA n 
1 102 ASP n 
1 103 HIS n 
1 104 LEU n 
1 105 GLU n 
1 106 ALA n 
1 107 LEU n 
1 108 ALA n 
1 109 ALA n 
1 110 ILE n 
1 111 GLU n 
1 112 ASP n 
1 113 PHE n 
1 114 PHE n 
1 115 LEU n 
1 116 GLU n 
1 117 HIS n 
1 118 GLU n 
1 119 ALA n 
1 120 LEU n 
1 121 GLY n 
1 122 ILE n 
1 123 SER n 
1 124 MSE n 
1 125 ALA n 
1 126 LYS n 
1 127 VAL n 
1 128 LEU n 
1 129 MSE n 
1 130 ALA n 
1 131 PHE n 
1 132 TYR n 
1 133 GLN n 
1 134 LEU n 
1 135 GLU n 
1 136 ILE n 
1 137 LEU n 
1 138 ALA n 
1 139 GLY n 
1 140 GLU n 
1 141 THR n 
1 142 ILE n 
1 143 LEU n 
1 144 SER n 
1 145 TRP n 
1 146 PHE n 
1 147 SER n 
1 148 GLN n 
1 149 ARG n 
1 150 ASP n 
1 151 THR n 
1 152 THR n 
1 153 ASP n 
1 154 LYS n 
1 155 GLY n 
1 156 GLN n 
1 157 GLN n 
1 158 LEU n 
1 159 ARG n 
1 160 LYS n 
1 161 ASN n 
1 162 GLN n 
1 163 GLN n 
1 164 LEU n 
1 165 GLN n 
1 166 ARG n 
1 167 PHE n 
1 168 ILE n 
1 169 GLN n 
1 170 TRP n 
1 171 LEU n 
1 172 LYS n 
1 173 GLU n 
1 174 ALA n 
1 175 GLU n 
1 176 GLU n 
1 177 GLU n 
1 178 SER n 
1 179 SER n 
1 180 GLU n 
1 181 ASP n 
1 182 ASP n 
# 
_entity_src_gen.entity_id                          1 
_entity_src_gen.pdbx_src_id                        1 
_entity_src_gen.pdbx_alt_source_flag               sample 
_entity_src_gen.pdbx_seq_type                      ? 
_entity_src_gen.pdbx_beg_seq_num                   ? 
_entity_src_gen.pdbx_end_seq_num                   ? 
_entity_src_gen.gene_src_common_name               human 
_entity_src_gen.gene_src_genus                     ? 
_entity_src_gen.pdbx_gene_src_gene                 'EIF2B5, EIF2BE' 
_entity_src_gen.gene_src_species                   ? 
_entity_src_gen.gene_src_strain                    ? 
_entity_src_gen.gene_src_tissue                    ? 
_entity_src_gen.gene_src_tissue_fraction           ? 
_entity_src_gen.gene_src_details                   ? 
_entity_src_gen.pdbx_gene_src_fragment             ? 
_entity_src_gen.pdbx_gene_src_scientific_name      'Homo sapiens' 
_entity_src_gen.pdbx_gene_src_ncbi_taxonomy_id     9606 
_entity_src_gen.pdbx_gene_src_variant              ? 
_entity_src_gen.pdbx_gene_src_cell_line            ? 
_entity_src_gen.pdbx_gene_src_atcc                 ? 
_entity_src_gen.pdbx_gene_src_organ                ? 
_entity_src_gen.pdbx_gene_src_organelle            ? 
_entity_src_gen.pdbx_gene_src_cell                 ? 
_entity_src_gen.pdbx_gene_src_cellular_location    ? 
_entity_src_gen.host_org_common_name               ? 
_entity_src_gen.pdbx_host_org_scientific_name      'Escherichia coli' 
_entity_src_gen.pdbx_host_org_ncbi_taxonomy_id     562 
_entity_src_gen.host_org_genus                     ? 
_entity_src_gen.pdbx_host_org_gene                 ? 
_entity_src_gen.pdbx_host_org_organ                ? 
_entity_src_gen.host_org_species                   ? 
_entity_src_gen.pdbx_host_org_tissue               ? 
_entity_src_gen.pdbx_host_org_tissue_fraction      ? 
_entity_src_gen.pdbx_host_org_strain               b834 
_entity_src_gen.pdbx_host_org_variant              ? 
_entity_src_gen.pdbx_host_org_cell_line            ? 
_entity_src_gen.pdbx_host_org_atcc                 ? 
_entity_src_gen.pdbx_host_org_culture_collection   ? 
_entity_src_gen.pdbx_host_org_cell                 ? 
_entity_src_gen.pdbx_host_org_organelle            ? 
_entity_src_gen.pdbx_host_org_cellular_location    ? 
_entity_src_gen.pdbx_host_org_vector_type          plasmid 
_entity_src_gen.pdbx_host_org_vector               ? 
_entity_src_gen.host_org_details                   ? 
_entity_src_gen.expression_system_id               ? 
_entity_src_gen.plasmid_name                       p28 
_entity_src_gen.plasmid_details                    ? 
_entity_src_gen.pdbx_description                   ? 
# 
loop_
_chem_comp.id 
_chem_comp.type 
_chem_comp.mon_nstd_flag 
_chem_comp.name 
_chem_comp.pdbx_synonyms 
_chem_comp.formula 
_chem_comp.formula_weight 
ALA 'L-peptide linking' y ALANINE          ?                               'C3 H7 N O2'     89.093  
ARG 'L-peptide linking' y ARGININE         ?                               'C6 H15 N4 O2 1' 175.209 
ASN 'L-peptide linking' y ASPARAGINE       ?                               'C4 H8 N2 O3'    132.118 
ASP 'L-peptide linking' y 'ASPARTIC ACID'  ?                               'C4 H7 N O4'     133.103 
CYS 'L-peptide linking' y CYSTEINE         ?                               'C3 H7 N O2 S'   121.158 
GLN 'L-peptide linking' y GLUTAMINE        ?                               'C5 H10 N2 O3'   146.144 
GLU 'L-peptide linking' y 'GLUTAMIC ACID'  ?                               'C5 H9 N O4'     147.129 
GLY 'peptide linking'   y GLYCINE          ?                               'C2 H5 N O2'     75.067  
GOL non-polymer         . GLYCEROL         'GLYCERIN; PROPANE-1,2,3-TRIOL' 'C3 H8 O3'       92.094  
HIS 'L-peptide linking' y HISTIDINE        ?                               'C6 H10 N3 O2 1' 156.162 
HOH non-polymer         . WATER            ?                               'H2 O'           18.015  
ILE 'L-peptide linking' y ISOLEUCINE       ?                               'C6 H13 N O2'    131.173 
LEU 'L-peptide linking' y LEUCINE          ?                               'C6 H13 N O2'    131.173 
LYS 'L-peptide linking' y LYSINE           ?                               'C6 H15 N2 O2 1' 147.195 
MSE 'L-peptide linking' n SELENOMETHIONINE ?                               'C5 H11 N O2 Se' 196.106 
PHE 'L-peptide linking' y PHENYLALANINE    ?                               'C9 H11 N O2'    165.189 
PRO 'L-peptide linking' y PROLINE          ?                               'C5 H9 N O2'     115.130 
SER 'L-peptide linking' y SERINE           ?                               'C3 H7 N O3'     105.093 
THR 'L-peptide linking' y THREONINE        ?                               'C4 H9 N O3'     119.119 
TRP 'L-peptide linking' y TRYPTOPHAN       ?                               'C11 H12 N2 O2'  204.225 
TYR 'L-peptide linking' y TYROSINE         ?                               'C9 H11 N O3'    181.189 
VAL 'L-peptide linking' y VALINE           ?                               'C5 H11 N O2'    117.146 
# 
loop_
_pdbx_poly_seq_scheme.asym_id 
_pdbx_poly_seq_scheme.entity_id 
_pdbx_poly_seq_scheme.seq_id 
_pdbx_poly_seq_scheme.mon_id 
_pdbx_poly_seq_scheme.ndb_seq_num 
_pdbx_poly_seq_scheme.pdb_seq_num 
_pdbx_poly_seq_scheme.auth_seq_num 
_pdbx_poly_seq_scheme.pdb_mon_id 
_pdbx_poly_seq_scheme.auth_mon_id 
_pdbx_poly_seq_scheme.pdb_strand_id 
_pdbx_poly_seq_scheme.pdb_ins_code 
_pdbx_poly_seq_scheme.hetero 
A 1 1   GLY 1   540 540 GLY GLY A . n 
A 1 2   HIS 2   541 541 HIS HIS A . n 
A 1 3   HIS 3   542 542 HIS HIS A . n 
A 1 4   HIS 4   543 543 HIS HIS A . n 
A 1 5   HIS 5   544 544 HIS HIS A . n 
A 1 6   HIS 6   545 545 HIS HIS A . n 
A 1 7   HIS 7   546 546 HIS HIS A . n 
A 1 8   MSE 8   547 547 MSE MSE A . n 
A 1 9   ASP 9   548 548 ASP ASP A . n 
A 1 10  ASP 10  549 549 ASP ASP A . n 
A 1 11  ILE 11  550 550 ILE ILE A . n 
A 1 12  LYS 12  551 551 LYS LYS A . n 
A 1 13  VAL 13  552 552 VAL VAL A . n 
A 1 14  PHE 14  553 553 PHE PHE A . n 
A 1 15  GLN 15  554 554 GLN GLN A . n 
A 1 16  ASN 16  555 555 ASN ASN A . n 
A 1 17  GLU 17  556 556 GLU GLU A . n 
A 1 18  VAL 18  557 557 VAL VAL A . n 
A 1 19  LEU 19  558 558 LEU LEU A . n 
A 1 20  GLY 20  559 559 GLY GLY A . n 
A 1 21  THR 21  560 560 THR THR A . n 
A 1 22  LEU 22  561 561 LEU LEU A . n 
A 1 23  GLN 23  562 562 GLN GLN A . n 
A 1 24  ARG 24  563 563 ARG ARG A . n 
A 1 25  GLY 25  564 564 GLY GLY A . n 
A 1 26  LYS 26  565 565 LYS LYS A . n 
A 1 27  GLU 27  566 566 GLU GLU A . n 
A 1 28  GLU 28  567 567 GLU GLU A . n 
A 1 29  ASN 29  568 568 ASN ASN A . n 
A 1 30  ILE 30  569 569 ILE ILE A . n 
A 1 31  SER 31  570 570 SER SER A . n 
A 1 32  CYS 32  571 571 CYS CYS A . n 
A 1 33  ASP 33  572 572 ASP ASP A . n 
A 1 34  ASN 34  573 573 ASN ASN A . n 
A 1 35  LEU 35  574 574 LEU LEU A . n 
A 1 36  VAL 36  575 575 VAL VAL A . n 
A 1 37  LEU 37  576 576 LEU LEU A . n 
A 1 38  GLU 38  577 577 GLU GLU A . n 
A 1 39  ILE 39  578 578 ILE ILE A . n 
A 1 40  ASN 40  579 579 ASN ASN A . n 
A 1 41  SER 41  580 580 SER SER A . n 
A 1 42  LEU 42  581 581 LEU LEU A . n 
A 1 43  LYS 43  582 582 LYS LYS A . n 
A 1 44  TYR 44  583 583 TYR TYR A . n 
A 1 45  ALA 45  584 584 ALA ALA A . n 
A 1 46  TYR 46  585 585 TYR TYR A . n 
A 1 47  ASN 47  586 586 ASN ASN A . n 
A 1 48  ILE 48  587 587 ILE ILE A . n 
A 1 49  SER 49  588 588 SER SER A . n 
A 1 50  LEU 50  589 589 LEU LEU A . n 
A 1 51  LYS 51  590 590 LYS LYS A . n 
A 1 52  GLU 52  591 591 GLU GLU A . n 
A 1 53  VAL 53  592 592 VAL VAL A . n 
A 1 54  MSE 54  593 593 MSE MSE A . n 
A 1 55  GLN 55  594 594 GLN GLN A . n 
A 1 56  VAL 56  595 595 VAL VAL A . n 
A 1 57  LEU 57  596 596 LEU LEU A . n 
A 1 58  SER 58  597 597 SER SER A . n 
A 1 59  HIS 59  598 598 HIS HIS A . n 
A 1 60  VAL 60  599 599 VAL VAL A . n 
A 1 61  VAL 61  600 600 VAL VAL A . n 
A 1 62  LEU 62  601 601 LEU LEU A . n 
A 1 63  GLU 63  602 602 GLU GLU A . n 
A 1 64  PHE 64  603 603 PHE PHE A . n 
A 1 65  PRO 65  604 604 PRO PRO A . n 
A 1 66  LEU 66  605 605 LEU LEU A . n 
A 1 67  GLN 67  606 606 GLN GLN A . n 
A 1 68  GLN 68  607 607 GLN GLN A . n 
A 1 69  MSE 69  608 608 MSE MSE A . n 
A 1 70  ASP 70  609 609 ASP ASP A . n 
A 1 71  SER 71  610 610 SER SER A . n 
A 1 72  PRO 72  611 611 PRO PRO A . n 
A 1 73  LEU 73  612 612 LEU LEU A . n 
A 1 74  ASP 74  613 613 ASP ASP A . n 
A 1 75  SER 75  614 614 SER SER A . n 
A 1 76  SER 76  615 615 SER SER A . n 
A 1 77  ARG 77  616 616 ARG ARG A . n 
A 1 78  TYR 78  617 617 TYR TYR A . n 
A 1 79  CYS 79  618 618 CYS CYS A . n 
A 1 80  ALA 80  619 619 ALA ALA A . n 
A 1 81  LEU 81  620 620 LEU LEU A . n 
A 1 82  LEU 82  621 621 LEU LEU A . n 
A 1 83  LEU 83  622 622 LEU LEU A . n 
A 1 84  PRO 84  623 623 PRO PRO A . n 
A 1 85  LEU 85  624 624 LEU LEU A . n 
A 1 86  LEU 86  625 625 LEU LEU A . n 
A 1 87  LYS 87  626 626 LYS LYS A . n 
A 1 88  ALA 88  627 627 ALA ALA A . n 
A 1 89  TRP 89  628 628 TRP TRP A . n 
A 1 90  SER 90  629 629 SER SER A . n 
A 1 91  PRO 91  630 630 PRO PRO A . n 
A 1 92  VAL 92  631 631 VAL VAL A . n 
A 1 93  PHE 93  632 632 PHE PHE A . n 
A 1 94  ARG 94  633 633 ARG ARG A . n 
A 1 95  ASN 95  634 634 ASN ASN A . n 
A 1 96  TYR 96  635 635 TYR TYR A . n 
A 1 97  ILE 97  636 636 ILE ILE A . n 
A 1 98  LYS 98  637 637 LYS LYS A . n 
A 1 99  ARG 99  638 638 ARG ARG A . n 
A 1 100 ALA 100 639 639 ALA ALA A . n 
A 1 101 ALA 101 640 640 ALA ALA A . n 
A 1 102 ASP 102 641 641 ASP ASP A . n 
A 1 103 HIS 103 642 642 HIS HIS A . n 
A 1 104 LEU 104 643 643 LEU LEU A . n 
A 1 105 GLU 105 644 644 GLU GLU A . n 
A 1 106 ALA 106 645 645 ALA ALA A . n 
A 1 107 LEU 107 646 646 LEU LEU A . n 
A 1 108 ALA 108 647 647 ALA ALA A . n 
A 1 109 ALA 109 648 648 ALA ALA A . n 
A 1 110 ILE 110 649 649 ILE ILE A . n 
A 1 111 GLU 111 650 650 GLU GLU A . n 
A 1 112 ASP 112 651 651 ASP ASP A . n 
A 1 113 PHE 113 652 652 PHE PHE A . n 
A 1 114 PHE 114 653 653 PHE PHE A . n 
A 1 115 LEU 115 654 654 LEU LEU A . n 
A 1 116 GLU 116 655 655 GLU GLU A . n 
A 1 117 HIS 117 656 656 HIS HIS A . n 
A 1 118 GLU 118 657 657 GLU GLU A . n 
A 1 119 ALA 119 658 658 ALA ALA A . n 
A 1 120 LEU 120 659 659 LEU LEU A . n 
A 1 121 GLY 121 660 660 GLY GLY A . n 
A 1 122 ILE 122 661 661 ILE ILE A . n 
A 1 123 SER 123 662 662 SER SER A . n 
A 1 124 MSE 124 663 663 MSE MSE A . n 
A 1 125 ALA 125 664 664 ALA ALA A . n 
A 1 126 LYS 126 665 665 LYS LYS A . n 
A 1 127 VAL 127 666 666 VAL VAL A . n 
A 1 128 LEU 128 667 667 LEU LEU A . n 
A 1 129 MSE 129 668 668 MSE MSE A . n 
A 1 130 ALA 130 669 669 ALA ALA A . n 
A 1 131 PHE 131 670 670 PHE PHE A . n 
A 1 132 TYR 132 671 671 TYR TYR A . n 
A 1 133 GLN 133 672 672 GLN GLN A . n 
A 1 134 LEU 134 673 673 LEU LEU A . n 
A 1 135 GLU 135 674 674 GLU GLU A . n 
A 1 136 ILE 136 675 675 ILE ILE A . n 
A 1 137 LEU 137 676 676 LEU LEU A . n 
A 1 138 ALA 138 677 677 ALA ALA A . n 
A 1 139 GLY 139 678 678 GLY GLY A . n 
A 1 140 GLU 140 679 679 GLU GLU A . n 
A 1 141 THR 141 680 680 THR THR A . n 
A 1 142 ILE 142 681 681 ILE ILE A . n 
A 1 143 LEU 143 682 682 LEU LEU A . n 
A 1 144 SER 144 683 683 SER SER A . n 
A 1 145 TRP 145 684 684 TRP TRP A . n 
A 1 146 PHE 146 685 685 PHE PHE A . n 
A 1 147 SER 147 686 686 SER SER A . n 
A 1 148 GLN 148 687 687 GLN GLN A . n 
A 1 149 ARG 149 688 688 ARG ARG A . n 
A 1 150 ASP 150 689 689 ASP ASP A . n 
A 1 151 THR 151 690 ?   ?   ?   A . n 
A 1 152 THR 152 691 ?   ?   ?   A . n 
A 1 153 ASP 153 692 692 ASP ASP A . n 
A 1 154 LYS 154 693 693 LYS LYS A . n 
A 1 155 GLY 155 694 694 GLY GLY A . n 
A 1 156 GLN 156 695 695 GLN GLN A . n 
A 1 157 GLN 157 696 696 GLN GLN A . n 
A 1 158 LEU 158 697 697 LEU LEU A . n 
A 1 159 ARG 159 698 698 ARG ARG A . n 
A 1 160 LYS 160 699 699 LYS LYS A . n 
A 1 161 ASN 161 700 700 ASN ASN A . n 
A 1 162 GLN 162 701 701 GLN GLN A . n 
A 1 163 GLN 163 702 702 GLN GLN A . n 
A 1 164 LEU 164 703 703 LEU LEU A . n 
A 1 165 GLN 165 704 704 GLN GLN A . n 
A 1 166 ARG 166 705 705 ARG ARG A . n 
A 1 167 PHE 167 706 706 PHE PHE A . n 
A 1 168 ILE 168 707 707 ILE ILE A . n 
A 1 169 GLN 169 708 708 GLN GLN A . n 
A 1 170 TRP 170 709 709 TRP TRP A . n 
A 1 171 LEU 171 710 710 LEU LEU A . n 
A 1 172 LYS 172 711 711 LYS LYS A . n 
A 1 173 GLU 173 712 712 GLU GLU A . n 
A 1 174 ALA 174 713 713 ALA ALA A . n 
A 1 175 GLU 175 714 714 GLU GLU A . n 
A 1 176 GLU 176 715 715 GLU GLY A . n 
A 1 177 GLU 177 716 ?   ?   ?   A . n 
A 1 178 SER 178 717 ?   ?   ?   A . n 
A 1 179 SER 179 718 ?   ?   ?   A . n 
A 1 180 GLU 180 719 ?   ?   ?   A . n 
A 1 181 ASP 181 720 ?   ?   ?   A . n 
A 1 182 ASP 182 721 ?   ?   ?   A . n 
# 
loop_
_pdbx_nonpoly_scheme.asym_id 
_pdbx_nonpoly_scheme.entity_id 
_pdbx_nonpoly_scheme.mon_id 
_pdbx_nonpoly_scheme.ndb_seq_num 
_pdbx_nonpoly_scheme.pdb_seq_num 
_pdbx_nonpoly_scheme.auth_seq_num 
_pdbx_nonpoly_scheme.pdb_mon_id 
_pdbx_nonpoly_scheme.auth_mon_id 
_pdbx_nonpoly_scheme.pdb_strand_id 
_pdbx_nonpoly_scheme.pdb_ins_code 
B 2 GOL 1  1   1  GOL GOL A . 
C 3 HOH 1  2   2  HOH HOH A . 
C 3 HOH 2  3   3  HOH HOH A . 
C 3 HOH 3  4   4  HOH HOH A . 
C 3 HOH 4  5   5  HOH HOH A . 
C 3 HOH 5  6   6  HOH HOH A . 
C 3 HOH 6  7   7  HOH HOH A . 
C 3 HOH 7  8   8  HOH HOH A . 
C 3 HOH 8  9   9  HOH HOH A . 
C 3 HOH 9  10  10 HOH HOH A . 
C 3 HOH 10 11  11 HOH HOH A . 
C 3 HOH 11 12  12 HOH HOH A . 
C 3 HOH 12 13  13 HOH HOH A . 
C 3 HOH 13 14  14 HOH HOH A . 
C 3 HOH 14 15  15 HOH HOH A . 
C 3 HOH 15 16  16 HOH HOH A . 
C 3 HOH 16 17  17 HOH HOH A . 
C 3 HOH 17 18  18 HOH HOH A . 
C 3 HOH 18 19  19 HOH HOH A . 
C 3 HOH 19 20  20 HOH HOH A . 
C 3 HOH 20 21  21 HOH HOH A . 
C 3 HOH 21 22  22 HOH HOH A . 
C 3 HOH 22 23  23 HOH HOH A . 
C 3 HOH 23 24  24 HOH HOH A . 
C 3 HOH 24 25  25 HOH HOH A . 
C 3 HOH 25 26  26 HOH HOH A . 
C 3 HOH 26 27  27 HOH HOH A . 
C 3 HOH 27 28  28 HOH HOH A . 
C 3 HOH 28 29  29 HOH HOH A . 
C 3 HOH 29 30  30 HOH HOH A . 
C 3 HOH 30 31  31 HOH HOH A . 
C 3 HOH 31 32  32 HOH HOH A . 
C 3 HOH 32 33  33 HOH HOH A . 
C 3 HOH 33 34  34 HOH HOH A . 
C 3 HOH 34 35  35 HOH HOH A . 
C 3 HOH 35 36  36 HOH HOH A . 
C 3 HOH 36 37  37 HOH HOH A . 
C 3 HOH 37 38  38 HOH HOH A . 
C 3 HOH 38 39  39 HOH HOH A . 
C 3 HOH 39 40  40 HOH HOH A . 
C 3 HOH 40 41  41 HOH HOH A . 
C 3 HOH 41 42  42 HOH HOH A . 
C 3 HOH 42 43  43 HOH HOH A . 
C 3 HOH 43 44  44 HOH HOH A . 
C 3 HOH 44 45  45 HOH HOH A . 
C 3 HOH 45 46  46 HOH HOH A . 
C 3 HOH 46 47  47 HOH HOH A . 
C 3 HOH 47 48  48 HOH HOH A . 
C 3 HOH 48 49  49 HOH HOH A . 
C 3 HOH 49 50  50 HOH HOH A . 
C 3 HOH 50 51  51 HOH HOH A . 
C 3 HOH 51 52  52 HOH HOH A . 
C 3 HOH 52 53  53 HOH HOH A . 
C 3 HOH 53 54  54 HOH HOH A . 
C 3 HOH 54 55  55 HOH HOH A . 
C 3 HOH 55 56  56 HOH HOH A . 
C 3 HOH 56 57  57 HOH HOH A . 
C 3 HOH 57 58  58 HOH HOH A . 
C 3 HOH 58 59  59 HOH HOH A . 
C 3 HOH 59 60  60 HOH HOH A . 
C 3 HOH 60 61  61 HOH HOH A . 
C 3 HOH 61 62  62 HOH HOH A . 
C 3 HOH 62 63  63 HOH HOH A . 
C 3 HOH 63 64  64 HOH HOH A . 
C 3 HOH 64 65  65 HOH HOH A . 
C 3 HOH 65 66  66 HOH HOH A . 
C 3 HOH 66 67  67 HOH HOH A . 
C 3 HOH 67 68  68 HOH HOH A . 
C 3 HOH 68 69  69 HOH HOH A . 
C 3 HOH 69 70  70 HOH HOH A . 
C 3 HOH 70 71  71 HOH HOH A . 
C 3 HOH 71 72  72 HOH HOH A . 
C 3 HOH 72 73  73 HOH HOH A . 
C 3 HOH 73 74  74 HOH HOH A . 
C 3 HOH 74 75  75 HOH HOH A . 
C 3 HOH 75 76  76 HOH HOH A . 
C 3 HOH 76 77  77 HOH HOH A . 
C 3 HOH 77 78  78 HOH HOH A . 
C 3 HOH 78 79  79 HOH HOH A . 
C 3 HOH 79 80  80 HOH HOH A . 
C 3 HOH 80 81  81 HOH HOH A . 
C 3 HOH 81 82  82 HOH HOH A . 
C 3 HOH 82 83  83 HOH HOH A . 
C 3 HOH 83 84  84 HOH HOH A . 
C 3 HOH 84 85  85 HOH HOH A . 
C 3 HOH 85 86  86 HOH HOH A . 
C 3 HOH 86 87  87 HOH HOH A . 
C 3 HOH 87 88  88 HOH HOH A . 
C 3 HOH 88 89  89 HOH HOH A . 
C 3 HOH 89 90  90 HOH HOH A . 
C 3 HOH 90 91  91 HOH HOH A . 
C 3 HOH 91 92  92 HOH HOH A . 
C 3 HOH 92 93  93 HOH HOH A . 
C 3 HOH 93 94  94 HOH HOH A . 
C 3 HOH 94 722 1  HOH HOH A . 
# 
loop_
_pdbx_unobs_or_zero_occ_atoms.id 
_pdbx_unobs_or_zero_occ_atoms.PDB_model_num 
_pdbx_unobs_or_zero_occ_atoms.polymer_flag 
_pdbx_unobs_or_zero_occ_atoms.occupancy_flag 
_pdbx_unobs_or_zero_occ_atoms.auth_asym_id 
_pdbx_unobs_or_zero_occ_atoms.auth_comp_id 
_pdbx_unobs_or_zero_occ_atoms.auth_seq_id 
_pdbx_unobs_or_zero_occ_atoms.PDB_ins_code 
_pdbx_unobs_or_zero_occ_atoms.auth_atom_id 
_pdbx_unobs_or_zero_occ_atoms.label_alt_id 
_pdbx_unobs_or_zero_occ_atoms.label_asym_id 
_pdbx_unobs_or_zero_occ_atoms.label_comp_id 
_pdbx_unobs_or_zero_occ_atoms.label_seq_id 
_pdbx_unobs_or_zero_occ_atoms.label_atom_id 
1  1 Y 0 A LEU 612 ? CA  B A LEU 73  CA  
2  1 Y 0 A LEU 612 ? CB  B A LEU 73  CB  
3  1 Y 0 A LEU 612 ? CG  B A LEU 73  CG  
4  1 Y 0 A LEU 612 ? CD1 B A LEU 73  CD1 
5  1 Y 0 A LEU 612 ? CD2 B A LEU 73  CD2 
6  1 Y 1 A GLU 715 ? CB  ? A GLU 176 CB  
7  1 Y 1 A GLU 715 ? CG  ? A GLU 176 CG  
8  1 Y 1 A GLU 715 ? CD  ? A GLU 176 CD  
9  1 Y 1 A GLU 715 ? OE1 ? A GLU 176 OE1 
10 1 Y 1 A GLU 715 ? OE2 ? A GLU 176 OE2 
# 
loop_
_software.pdbx_ordinal 
_software.name 
_software.version 
_software.date 
_software.type 
_software.contact_author 
_software.contact_author_email 
_software.classification 
_software.location 
_software.language 
_software.citation_id 
1 DENZO       .        ?               package 'Zbyszek Otwinowski'    hkl@hkl-xray.com      'data reduction'  
http://www.hkl-xray.com/                     ?          ? 
2 SCALEPACK   .        ?               package 'Zbyszek Otwinowski'    hkl@hkl-xray.com      'data scaling'    
http://www.hkl-xray.com/                     ?          ? 
3 SOLVE       2.10     8-Jun-2005      program 'Tom Terwilliger'       terwilliger@LANL.gov  phasing           
http://www.solve.lanl.gov/                   ?          ? 
4 RESOLVE     2.10     09-Aug-2005     program 'Thomas C. Terwilliger' terwilliger@lanl.gov  phasing           
http://www.solve.lanl.gov/                   ?          ? 
5 REFMAC      5.5.0072 ?               program 'Garib N. Murshudov'    garib@ysbl.york.ac.uk refinement        
http://www.ccp4.ac.uk/dist/html/refmac5.html Fortran_77 ? 
6 PDB_EXTRACT 3.005    'June 11, 2008' package PDB                     help@deposit.rcsb.org 'data extraction' 
http://sw-tools.pdb.org/apps/PDB_EXTRACT/    C++        ? 
7 HKL-2000    .        ?               ?       ?                       ?                     'data collection' ? ?          ? 
8 HKL-2000    .        ?               ?       ?                       ?                     'data reduction'  ? ?          ? 
9 HKL-2000    .        ?               ?       ?                       ?                     'data scaling'    ? ?          ? 
# 
_cell.length_a           46.537 
_cell.length_b           66.082 
_cell.length_c           136.128 
_cell.angle_alpha        90.000 
_cell.angle_beta         90.000 
_cell.angle_gamma        90.000 
_cell.entry_id           3JUI 
_cell.pdbx_unique_axis   ? 
_cell.Z_PDB              8 
_cell.length_a_esd       ? 
_cell.length_b_esd       ? 
_cell.length_c_esd       ? 
_cell.angle_alpha_esd    ? 
_cell.angle_beta_esd     ? 
_cell.angle_gamma_esd    ? 
# 
_symmetry.space_group_name_H-M             'C 2 2 21' 
_symmetry.entry_id                         3JUI 
_symmetry.Int_Tables_number                20 
_symmetry.pdbx_full_space_group_name_H-M   ? 
_symmetry.cell_setting                     ? 
_symmetry.space_group_name_Hall            ? 
# 
_exptl.crystals_number   1 
_exptl.entry_id          3JUI 
_exptl.method            'X-RAY DIFFRACTION' 
# 
_exptl_crystal.id                    1 
_exptl_crystal.pdbx_mosaicity        0.731 
_exptl_crystal.pdbx_mosaicity_esd    ? 
_exptl_crystal.density_Matthews      2.45 
_exptl_crystal.density_diffrn        ? 
_exptl_crystal.density_meas          ? 
_exptl_crystal.density_meas_temp     ? 
_exptl_crystal.density_percent_sol   49.73 
_exptl_crystal.size_max              ? 
_exptl_crystal.size_mid              ? 
_exptl_crystal.size_min              ? 
_exptl_crystal.size_rad              ? 
_exptl_crystal.description           ? 
_exptl_crystal.F_000                 ? 
_exptl_crystal.preparation           ? 
# 
_exptl_crystal_grow.crystal_id      1 
_exptl_crystal_grow.method          'VAPOR DIFFUSION' 
_exptl_crystal_grow.pH              7.7 
_exptl_crystal_grow.temp            289 
_exptl_crystal_grow.pdbx_details    'PEG8000, Calcium acetate, Sodium Cocadylate, pH 7.7, vapor diffusion, temperature 289K' 
_exptl_crystal_grow.temp_details    ? 
_exptl_crystal_grow.pdbx_pH_range   . 
# 
_diffrn.id                     1 
_diffrn.ambient_temp           100 
_diffrn.ambient_temp_details   ? 
_diffrn.crystal_id             1 
# 
_diffrn_detector.diffrn_id              1 
_diffrn_detector.detector               CCD 
_diffrn_detector.type                   'ADSC QUANTUM 210' 
_diffrn_detector.pdbx_collection_date   2008-11-13 
_diffrn_detector.details                mirrors 
# 
_diffrn_radiation.diffrn_id                        1 
_diffrn_radiation.pdbx_diffrn_protocol             MAD 
_diffrn_radiation.monochromator                    'Si 111 CHANNEL' 
_diffrn_radiation.wavelength_id                    1 
_diffrn_radiation.pdbx_monochromatic_or_laue_m_l   M 
_diffrn_radiation.pdbx_scattering_type             x-ray 
# 
loop_
_diffrn_radiation_wavelength.id 
_diffrn_radiation_wavelength.wavelength 
_diffrn_radiation_wavelength.wt 
1 0.9796 1.0 
2 0.9794 1.0 
3 0.9600 1.0 
# 
_diffrn_source.diffrn_id                   1 
_diffrn_source.source                      SYNCHROTRON 
_diffrn_source.type                        'NSLS BEAMLINE X12C' 
_diffrn_source.pdbx_wavelength_list        '0.9796, 0.9794, 0.9600' 
_diffrn_source.pdbx_wavelength             ? 
_diffrn_source.pdbx_synchrotron_site       NSLS 
_diffrn_source.pdbx_synchrotron_beamline   X12C 
# 
_reflns.entry_id                     3JUI 
_reflns.d_resolution_high            2.000 
_reflns.d_resolution_low             50.000 
_reflns.number_obs                   13260 
_reflns.pdbx_Rmerge_I_obs            0.070 
_reflns.pdbx_netI_over_sigmaI        13.200 
_reflns.pdbx_chi_squared             1.202 
_reflns.pdbx_redundancy              7.200 
_reflns.percent_possible_obs         90.600 
_reflns.observed_criterion_sigma_F   ? 
_reflns.observed_criterion_sigma_I   ? 
_reflns.number_all                   ? 
_reflns.pdbx_Rsym_value              ? 
_reflns.B_iso_Wilson_estimate        ? 
_reflns.R_free_details               ? 
_reflns.limit_h_max                  ? 
_reflns.limit_h_min                  ? 
_reflns.limit_k_max                  ? 
_reflns.limit_k_min                  ? 
_reflns.limit_l_max                  ? 
_reflns.limit_l_min                  ? 
_reflns.observed_criterion_F_max     ? 
_reflns.observed_criterion_F_min     ? 
_reflns.pdbx_scaling_rejects         ? 
_reflns.pdbx_ordinal                 1 
_reflns.pdbx_diffrn_id               1 
# 
loop_
_reflns_shell.d_res_high 
_reflns_shell.d_res_low 
_reflns_shell.number_measured_obs 
_reflns_shell.number_measured_all 
_reflns_shell.number_unique_obs 
_reflns_shell.Rmerge_I_obs 
_reflns_shell.meanI_over_sigI_obs 
_reflns_shell.pdbx_Rsym_value 
_reflns_shell.pdbx_chi_squared 
_reflns_shell.pdbx_redundancy 
_reflns_shell.percent_possible_obs 
_reflns_shell.number_unique_all 
_reflns_shell.percent_possible_all 
_reflns_shell.pdbx_ordinal 
_reflns_shell.pdbx_diffrn_id 
2.00 2.07  ? ? ? 0.313 ? ? 0.868 7.40 ? 1196 84.10 1  1 
2.07 2.15  ? ? ? 0.253 ? ? 0.874 7.30 ? 1201 83.10 2  1 
2.15 2.25  ? ? ? 0.194 ? ? 0.948 7.10 ? 1208 83.60 3  1 
2.25 2.37  ? ? ? 0.176 ? ? 0.966 6.80 ? 1251 86.00 4  1 
2.37 2.52  ? ? ? 0.133 ? ? 0.949 6.70 ? 1269 89.10 5  1 
2.52 2.71  ? ? ? 0.102 ? ? 1.009 6.70 ? 1323 90.70 6  1 
2.71 2.99  ? ? ? 0.080 ? ? 1.134 6.70 ? 1345 92.80 7  1 
2.99 3.42  ? ? ? 0.059 ? ? 1.352 6.80 ? 1413 96.30 8  1 
3.42 4.31  ? ? ? 0.046 ? ? 1.517 7.80 ? 1483 99.90 9  1 
4.31 50.00 ? ? ? 0.048 ? ? 1.859 8.70 ? 1571 99.30 10 1 
# 
_refine.entry_id                                 3JUI 
_refine.ls_d_res_high                            2.000 
_refine.ls_d_res_low                             29.160 
_refine.pdbx_ls_sigma_F                          0.00 
_refine.pdbx_data_cutoff_high_absF               ? 
_refine.pdbx_data_cutoff_low_absF                ? 
_refine.ls_percent_reflns_obs                    90.210 
_refine.ls_number_reflns_obs                     13149 
_refine.ls_number_reflns_all                     ? 
_refine.pdbx_ls_cross_valid_method               THROUGHOUT 
_refine.pdbx_R_Free_selection_details            RANDOM 
_refine.details                                  'HYDROGENS HAVE BEEN ADDED IN THE RIDING POSITIONS U VALUES: REFINED INDIVIDUALLY' 
_refine.ls_R_factor_all                          ? 
_refine.ls_R_factor_obs                          0.214 
_refine.ls_R_factor_R_work                       0.211 
_refine.ls_wR_factor_R_work                      0.217 
_refine.ls_R_factor_R_free                       0.279 
_refine.ls_wR_factor_R_free                      0.281 
_refine.ls_percent_reflns_R_free                 5.000 
_refine.ls_number_reflns_R_free                  661 
_refine.ls_R_factor_R_free_error                 ? 
_refine.B_iso_mean                               24.420 
_refine.solvent_model_param_bsol                 ? 
_refine.solvent_model_param_ksol                 ? 
_refine.pdbx_isotropic_thermal_model             ? 
_refine.aniso_B[1][1]                            -0.010 
_refine.aniso_B[2][2]                            -0.010 
_refine.aniso_B[3][3]                            0.010 
_refine.aniso_B[1][2]                            0.000 
_refine.aniso_B[1][3]                            0.000 
_refine.aniso_B[2][3]                            0.000 
_refine.correlation_coeff_Fo_to_Fc               0.930 
_refine.correlation_coeff_Fo_to_Fc_free          0.888 
_refine.overall_SU_R_Cruickshank_DPI             0.219 
_refine.overall_SU_R_free                        0.206 
_refine.pdbx_overall_ESU_R                       0.219 
_refine.pdbx_overall_ESU_R_Free                  0.206 
_refine.overall_SU_ML                            0.130 
_refine.overall_SU_B                             4.527 
_refine.solvent_model_details                    MASK 
_refine.pdbx_solvent_vdw_probe_radii             1.400 
_refine.pdbx_solvent_ion_probe_radii             0.800 
_refine.pdbx_solvent_shrinkage_radii             0.800 
_refine.ls_number_parameters                     ? 
_refine.ls_number_restraints                     ? 
_refine.pdbx_starting_model                      ? 
_refine.pdbx_method_to_determine_struct          MAD 
_refine.pdbx_stereochemistry_target_values       'MAXIMUM LIKELIHOOD WITH PHASES' 
_refine.pdbx_stereochem_target_val_spec_case     ? 
_refine.overall_FOM_work_R_set                   0.885 
_refine.B_iso_max                                64.35 
_refine.B_iso_min                                4.57 
_refine.occupancy_max                            1.00 
_refine.occupancy_min                            0.00 
_refine.pdbx_ls_sigma_I                          ? 
_refine.ls_redundancy_reflns_obs                 ? 
_refine.ls_R_factor_R_free_error_details         ? 
_refine.pdbx_data_cutoff_high_rms_absF           ? 
_refine.overall_FOM_free_R_set                   ? 
_refine.pdbx_refine_id                           'X-RAY DIFFRACTION' 
_refine.pdbx_overall_phase_error                 ? 
_refine.pdbx_diffrn_id                           1 
_refine.pdbx_TLS_residual_ADP_flag               ? 
_refine.pdbx_overall_SU_R_free_Cruickshank_DPI   ? 
_refine.pdbx_overall_SU_R_Blow_DPI               ? 
_refine.pdbx_overall_SU_R_free_Blow_DPI          ? 
# 
_refine_hist.pdbx_refine_id                   'X-RAY DIFFRACTION' 
_refine_hist.cycle_id                         LAST 
_refine_hist.pdbx_number_atoms_protein        1422 
_refine_hist.pdbx_number_atoms_nucleic_acid   0 
_refine_hist.pdbx_number_atoms_ligand         6 
_refine_hist.number_atoms_solvent             94 
_refine_hist.number_atoms_total               1522 
_refine_hist.d_res_high                       2.000 
_refine_hist.d_res_low                        29.160 
# 
loop_
_refine_ls_restr.type 
_refine_ls_restr.number 
_refine_ls_restr.dev_ideal 
_refine_ls_restr.dev_ideal_target 
_refine_ls_restr.weight 
_refine_ls_restr.pdbx_refine_id 
_refine_ls_restr.pdbx_restraint_function 
r_bond_refined_d       1481 0.022  0.022  ? 'X-RAY DIFFRACTION' ? 
r_angle_refined_deg    2001 1.761  1.950  ? 'X-RAY DIFFRACTION' ? 
r_dihedral_angle_1_deg 180  5.870  5.000  ? 'X-RAY DIFFRACTION' ? 
r_dihedral_angle_2_deg 77   36.704 24.935 ? 'X-RAY DIFFRACTION' ? 
r_dihedral_angle_3_deg 275  16.909 15.000 ? 'X-RAY DIFFRACTION' ? 
r_dihedral_angle_4_deg 7    20.742 15.000 ? 'X-RAY DIFFRACTION' ? 
r_chiral_restr         218  0.146  0.200  ? 'X-RAY DIFFRACTION' ? 
r_gen_planes_refined   1115 0.009  0.020  ? 'X-RAY DIFFRACTION' ? 
r_mcbond_it            877  1.100  1.500  ? 'X-RAY DIFFRACTION' ? 
r_mcangle_it           1409 1.812  2.000  ? 'X-RAY DIFFRACTION' ? 
r_scbond_it            604  3.190  3.000  ? 'X-RAY DIFFRACTION' ? 
r_scangle_it           588  4.448  4.500  ? 'X-RAY DIFFRACTION' ? 
# 
_refine_ls_shell.d_res_high                       2.000 
_refine_ls_shell.d_res_low                        2.052 
_refine_ls_shell.pdbx_total_number_of_bins_used   20 
_refine_ls_shell.percent_reflns_obs               83.250 
_refine_ls_shell.number_reflns_R_work             826 
_refine_ls_shell.R_factor_all                     ? 
_refine_ls_shell.R_factor_R_work                  0.212 
_refine_ls_shell.R_factor_R_free                  0.299 
_refine_ls_shell.percent_reflns_R_free            ? 
_refine_ls_shell.number_reflns_R_free             39 
_refine_ls_shell.R_factor_R_free_error            ? 
_refine_ls_shell.number_reflns_all                865 
_refine_ls_shell.number_reflns_obs                ? 
_refine_ls_shell.redundancy_reflns_obs            ? 
_refine_ls_shell.pdbx_refine_id                   'X-RAY DIFFRACTION' 
# 
_struct.entry_id                  3JUI 
_struct.title                     
'Crystal Structure of the C-terminal Domain of Human Translation Initiation Factor eIF2B epsilon Subunit' 
_struct.pdbx_model_details        ? 
_struct.pdbx_CASP_flag            ? 
_struct.pdbx_model_type_details   ? 
# 
_struct_keywords.entry_id        3JUI 
_struct_keywords.text            
;HEAT repeat, guanine nucleotide exchange factor, translation initiation factor, Disease mutation, Initiation factor, Leukodystrophy, Phosphoprotein, Protein biosynthesis, TRANSLATION
;
_struct_keywords.pdbx_keywords   TRANSLATION 
# 
loop_
_struct_asym.id 
_struct_asym.pdbx_blank_PDB_chainid_flag 
_struct_asym.pdbx_modified 
_struct_asym.entity_id 
_struct_asym.details 
A N N 1 ? 
B N N 2 ? 
C N N 3 ? 
# 
_struct_ref.id                         1 
_struct_ref.db_name                    UNP 
_struct_ref.db_code                    EI2BE_HUMAN 
_struct_ref.pdbx_db_accession          Q13144 
_struct_ref.entity_id                  1 
_struct_ref.pdbx_seq_one_letter_code   
;DDIKVFQNEVLGTLQRGKEENISCDNLVLEINSLKYAYNISLKEVMQVLSHVVLEFPLQQMDSPLDSSRYCALLLPLLKA
WSPVFRNYIKRAADHLEALAAIEDFFLEHEALGISMAKVLMAFYQLEILAEETILSWFSQRDTTDKGQQLRKNQQLQRFI
QWLKEAEEESSEDD
;
_struct_ref.pdbx_align_begin           548 
_struct_ref.pdbx_db_isoform            ? 
# 
_struct_ref_seq.align_id                      1 
_struct_ref_seq.ref_id                        1 
_struct_ref_seq.pdbx_PDB_id_code              3JUI 
_struct_ref_seq.pdbx_strand_id                A 
_struct_ref_seq.seq_align_beg                 9 
_struct_ref_seq.pdbx_seq_align_beg_ins_code   ? 
_struct_ref_seq.seq_align_end                 182 
_struct_ref_seq.pdbx_seq_align_end_ins_code   ? 
_struct_ref_seq.pdbx_db_accession             Q13144 
_struct_ref_seq.db_align_beg                  548 
_struct_ref_seq.pdbx_db_align_beg_ins_code    ? 
_struct_ref_seq.db_align_end                  721 
_struct_ref_seq.pdbx_db_align_end_ins_code    ? 
_struct_ref_seq.pdbx_auth_seq_align_beg       548 
_struct_ref_seq.pdbx_auth_seq_align_end       721 
# 
loop_
_struct_ref_seq_dif.align_id 
_struct_ref_seq_dif.pdbx_pdb_id_code 
_struct_ref_seq_dif.mon_id 
_struct_ref_seq_dif.pdbx_pdb_strand_id 
_struct_ref_seq_dif.seq_num 
_struct_ref_seq_dif.pdbx_pdb_ins_code 
_struct_ref_seq_dif.pdbx_seq_db_name 
_struct_ref_seq_dif.pdbx_seq_db_accession_code 
_struct_ref_seq_dif.db_mon_id 
_struct_ref_seq_dif.pdbx_seq_db_seq_num 
_struct_ref_seq_dif.details 
_struct_ref_seq_dif.pdbx_auth_seq_num 
_struct_ref_seq_dif.pdbx_ordinal 
1 3JUI GLY A 1   ? UNP Q13144 ?   ?   'expression tag'      540 1 
1 3JUI HIS A 2   ? UNP Q13144 ?   ?   'expression tag'      541 2 
1 3JUI HIS A 3   ? UNP Q13144 ?   ?   'expression tag'      542 3 
1 3JUI HIS A 4   ? UNP Q13144 ?   ?   'expression tag'      543 4 
1 3JUI HIS A 5   ? UNP Q13144 ?   ?   'expression tag'      544 5 
1 3JUI HIS A 6   ? UNP Q13144 ?   ?   'expression tag'      545 6 
1 3JUI HIS A 7   ? UNP Q13144 ?   ?   'expression tag'      546 7 
1 3JUI MSE A 8   ? UNP Q13144 ?   ?   'expression tag'      547 8 
1 3JUI GLY A 139 ? UNP Q13144 GLU 678 'engineered mutation' 678 9 
# 
_pdbx_struct_assembly.id                   1 
_pdbx_struct_assembly.details              author_and_software_defined_assembly 
_pdbx_struct_assembly.method_details       PISA 
_pdbx_struct_assembly.oligomeric_details   monomeric 
_pdbx_struct_assembly.oligomeric_count     1 
# 
_pdbx_struct_assembly_gen.assembly_id       1 
_pdbx_struct_assembly_gen.oper_expression   1 
_pdbx_struct_assembly_gen.asym_id_list      A,B,C 
# 
_pdbx_struct_oper_list.id                   1 
_pdbx_struct_oper_list.type                 'identity operation' 
_pdbx_struct_oper_list.name                 1_555 
_pdbx_struct_oper_list.symmetry_operation   x,y,z 
_pdbx_struct_oper_list.matrix[1][1]         1.0000000000 
_pdbx_struct_oper_list.matrix[1][2]         0.0000000000 
_pdbx_struct_oper_list.matrix[1][3]         0.0000000000 
_pdbx_struct_oper_list.vector[1]            0.0000000000 
_pdbx_struct_oper_list.matrix[2][1]         0.0000000000 
_pdbx_struct_oper_list.matrix[2][2]         1.0000000000 
_pdbx_struct_oper_list.matrix[2][3]         0.0000000000 
_pdbx_struct_oper_list.vector[2]            0.0000000000 
_pdbx_struct_oper_list.matrix[3][1]         0.0000000000 
_pdbx_struct_oper_list.matrix[3][2]         0.0000000000 
_pdbx_struct_oper_list.matrix[3][3]         1.0000000000 
_pdbx_struct_oper_list.vector[3]            0.0000000000 
# 
_struct_biol.id        1 
_struct_biol.details   ? 
# 
loop_
_struct_conf.conf_type_id 
_struct_conf.id 
_struct_conf.pdbx_PDB_helix_id 
_struct_conf.beg_label_comp_id 
_struct_conf.beg_label_asym_id 
_struct_conf.beg_label_seq_id 
_struct_conf.pdbx_beg_PDB_ins_code 
_struct_conf.end_label_comp_id 
_struct_conf.end_label_asym_id 
_struct_conf.end_label_seq_id 
_struct_conf.pdbx_end_PDB_ins_code 
_struct_conf.beg_auth_comp_id 
_struct_conf.beg_auth_asym_id 
_struct_conf.beg_auth_seq_id 
_struct_conf.end_auth_comp_id 
_struct_conf.end_auth_asym_id 
_struct_conf.end_auth_seq_id 
_struct_conf.pdbx_PDB_helix_class 
_struct_conf.details 
_struct_conf.pdbx_PDB_helix_length 
HELX_P HELX_P1  1  GLY A 1   ? ASN A 29  ? GLY A 540 ASN A 568 1 ? 29 
HELX_P HELX_P2  2  SER A 31  ? TYR A 46  ? SER A 570 TYR A 585 1 ? 16 
HELX_P HELX_P3  3  SER A 49  ? PHE A 64  ? SER A 588 PHE A 603 1 ? 16 
HELX_P HELX_P4  4  PRO A 65  ? MSE A 69  ? PRO A 604 MSE A 608 5 ? 5  
HELX_P HELX_P5  5  ASP A 74  ? ILE A 97  ? ASP A 613 ILE A 636 1 ? 24 
HELX_P HELX_P6  6  ARG A 99  ? HIS A 117 ? ARG A 638 HIS A 656 1 ? 19 
HELX_P HELX_P7  7  GLU A 118 ? ILE A 122 ? GLU A 657 ILE A 661 5 ? 5  
HELX_P HELX_P8  8  SER A 123 ? LEU A 134 ? SER A 662 LEU A 673 1 ? 12 
HELX_P HELX_P9  9  ALA A 138 ? SER A 147 ? ALA A 677 SER A 686 1 ? 10 
HELX_P HELX_P10 10 ASP A 153 ? ARG A 159 ? ASP A 692 ARG A 698 1 ? 7  
HELX_P HELX_P11 11 ASN A 161 ? GLU A 176 ? ASN A 700 GLU A 715 1 ? 16 
# 
_struct_conf_type.id          HELX_P 
_struct_conf_type.criteria    ? 
_struct_conf_type.reference   ? 
# 
loop_
_struct_conn.id 
_struct_conn.conn_type_id 
_struct_conn.pdbx_leaving_atom_flag 
_struct_conn.pdbx_PDB_id 
_struct_conn.ptnr1_label_asym_id 
_struct_conn.ptnr1_label_comp_id 
_struct_conn.ptnr1_label_seq_id 
_struct_conn.ptnr1_label_atom_id 
_struct_conn.pdbx_ptnr1_label_alt_id 
_struct_conn.pdbx_ptnr1_PDB_ins_code 
_struct_conn.pdbx_ptnr1_standard_comp_id 
_struct_conn.ptnr1_symmetry 
_struct_conn.ptnr2_label_asym_id 
_struct_conn.ptnr2_label_comp_id 
_struct_conn.ptnr2_label_seq_id 
_struct_conn.ptnr2_label_atom_id 
_struct_conn.pdbx_ptnr2_label_alt_id 
_struct_conn.pdbx_ptnr2_PDB_ins_code 
_struct_conn.ptnr1_auth_asym_id 
_struct_conn.ptnr1_auth_comp_id 
_struct_conn.ptnr1_auth_seq_id 
_struct_conn.ptnr2_auth_asym_id 
_struct_conn.ptnr2_auth_comp_id 
_struct_conn.ptnr2_auth_seq_id 
_struct_conn.ptnr2_symmetry 
_struct_conn.pdbx_ptnr3_label_atom_id 
_struct_conn.pdbx_ptnr3_label_seq_id 
_struct_conn.pdbx_ptnr3_label_comp_id 
_struct_conn.pdbx_ptnr3_label_asym_id 
_struct_conn.pdbx_ptnr3_label_alt_id 
_struct_conn.pdbx_ptnr3_PDB_ins_code 
_struct_conn.details 
_struct_conn.pdbx_dist_value 
_struct_conn.pdbx_value_order 
_struct_conn.pdbx_role 
covale1  covale both ? A HIS 7   C ? ? ? 1_555 A MSE 8   N ? ? A HIS 546 A MSE 547 1_555 ? ? ? ? ? ? ? 1.351 ? ? 
covale2  covale both ? A MSE 8   C ? ? ? 1_555 A ASP 9   N ? ? A MSE 547 A ASP 548 1_555 ? ? ? ? ? ? ? 1.356 ? ? 
covale3  covale both ? A VAL 53  C ? ? ? 1_555 A MSE 54  N ? ? A VAL 592 A MSE 593 1_555 ? ? ? ? ? ? ? 1.345 ? ? 
covale4  covale both ? A MSE 54  C ? ? ? 1_555 A GLN 55  N ? ? A MSE 593 A GLN 594 1_555 ? ? ? ? ? ? ? 1.336 ? ? 
covale5  covale both ? A GLN 68  C ? ? ? 1_555 A MSE 69  N ? ? A GLN 607 A MSE 608 1_555 ? ? ? ? ? ? ? 1.332 ? ? 
covale6  covale both ? A MSE 69  C ? ? ? 1_555 A ASP 70  N ? ? A MSE 608 A ASP 609 1_555 ? ? ? ? ? ? ? 1.329 ? ? 
covale7  covale both ? A SER 123 C ? ? ? 1_555 A MSE 124 N ? ? A SER 662 A MSE 663 1_555 ? ? ? ? ? ? ? 1.327 ? ? 
covale8  covale both ? A MSE 124 C ? ? ? 1_555 A ALA 125 N ? ? A MSE 663 A ALA 664 1_555 ? ? ? ? ? ? ? 1.349 ? ? 
covale9  covale both ? A LEU 128 C ? ? ? 1_555 A MSE 129 N ? ? A LEU 667 A MSE 668 1_555 ? ? ? ? ? ? ? 1.330 ? ? 
covale10 covale both ? A MSE 129 C ? ? ? 1_555 A ALA 130 N ? ? A MSE 668 A ALA 669 1_555 ? ? ? ? ? ? ? 1.340 ? ? 
# 
_struct_conn_type.id          covale 
_struct_conn_type.criteria    ? 
_struct_conn_type.reference   ? 
# 
loop_
_pdbx_modification_feature.ordinal 
_pdbx_modification_feature.label_comp_id 
_pdbx_modification_feature.label_asym_id 
_pdbx_modification_feature.label_seq_id 
_pdbx_modification_feature.label_alt_id 
_pdbx_modification_feature.modified_residue_label_comp_id 
_pdbx_modification_feature.modified_residue_label_asym_id 
_pdbx_modification_feature.modified_residue_label_seq_id 
_pdbx_modification_feature.modified_residue_label_alt_id 
_pdbx_modification_feature.auth_comp_id 
_pdbx_modification_feature.auth_asym_id 
_pdbx_modification_feature.auth_seq_id 
_pdbx_modification_feature.PDB_ins_code 
_pdbx_modification_feature.symmetry 
_pdbx_modification_feature.modified_residue_auth_comp_id 
_pdbx_modification_feature.modified_residue_auth_asym_id 
_pdbx_modification_feature.modified_residue_auth_seq_id 
_pdbx_modification_feature.modified_residue_PDB_ins_code 
_pdbx_modification_feature.modified_residue_symmetry 
_pdbx_modification_feature.comp_id_linking_atom 
_pdbx_modification_feature.modified_residue_id_linking_atom 
_pdbx_modification_feature.modified_residue_id 
_pdbx_modification_feature.ref_pcm_id 
_pdbx_modification_feature.ref_comp_id 
_pdbx_modification_feature.type 
_pdbx_modification_feature.category 
1 MSE A 8   ? . . . . MSE A 547 ? 1_555 . . . . . . . MET 1 MSE Selenomethionine 'Named protein modification' 
2 MSE A 54  ? . . . . MSE A 593 ? 1_555 . . . . . . . MET 1 MSE Selenomethionine 'Named protein modification' 
3 MSE A 69  ? . . . . MSE A 608 ? 1_555 . . . . . . . MET 1 MSE Selenomethionine 'Named protein modification' 
4 MSE A 124 ? . . . . MSE A 663 ? 1_555 . . . . . . . MET 1 MSE Selenomethionine 'Named protein modification' 
5 MSE A 129 ? . . . . MSE A 668 ? 1_555 . . . . . . . MET 1 MSE Selenomethionine 'Named protein modification' 
# 
_struct_mon_prot_cis.pdbx_id                1 
_struct_mon_prot_cis.label_comp_id          SER 
_struct_mon_prot_cis.label_seq_id           71 
_struct_mon_prot_cis.label_asym_id          A 
_struct_mon_prot_cis.label_alt_id           . 
_struct_mon_prot_cis.pdbx_PDB_ins_code      ? 
_struct_mon_prot_cis.auth_comp_id           SER 
_struct_mon_prot_cis.auth_seq_id            610 
_struct_mon_prot_cis.auth_asym_id           A 
_struct_mon_prot_cis.pdbx_label_comp_id_2   PRO 
_struct_mon_prot_cis.pdbx_label_seq_id_2    72 
_struct_mon_prot_cis.pdbx_label_asym_id_2   A 
_struct_mon_prot_cis.pdbx_PDB_ins_code_2    ? 
_struct_mon_prot_cis.pdbx_auth_comp_id_2    PRO 
_struct_mon_prot_cis.pdbx_auth_seq_id_2     611 
_struct_mon_prot_cis.pdbx_auth_asym_id_2    A 
_struct_mon_prot_cis.pdbx_PDB_model_num     1 
_struct_mon_prot_cis.pdbx_omega_angle       -7.48 
# 
_struct_site.id                   AC1 
_struct_site.pdbx_evidence_code   Software 
_struct_site.pdbx_auth_asym_id    A 
_struct_site.pdbx_auth_comp_id    GOL 
_struct_site.pdbx_auth_seq_id     1 
_struct_site.pdbx_auth_ins_code   ? 
_struct_site.pdbx_num_residues    7 
_struct_site.details              'BINDING SITE FOR RESIDUE GOL A 1' 
# 
loop_
_struct_site_gen.id 
_struct_site_gen.site_id 
_struct_site_gen.pdbx_num_res 
_struct_site_gen.label_comp_id 
_struct_site_gen.label_asym_id 
_struct_site_gen.label_seq_id 
_struct_site_gen.pdbx_auth_ins_code 
_struct_site_gen.auth_comp_id 
_struct_site_gen.auth_asym_id 
_struct_site_gen.auth_seq_id 
_struct_site_gen.label_atom_id 
_struct_site_gen.label_alt_id 
_struct_site_gen.symmetry 
_struct_site_gen.details 
1 AC1 7 HOH C .   ? HOH A 9   . ? 1_555 ? 
2 AC1 7 HOH C .   ? HOH A 19  . ? 1_555 ? 
3 AC1 7 HOH C .   ? HOH A 51  . ? 8_466 ? 
4 AC1 7 HOH C .   ? HOH A 63  . ? 1_555 ? 
5 AC1 7 ARG A 24  ? ARG A 563 . ? 8_466 ? 
6 AC1 7 GLU A 28  ? GLU A 567 . ? 8_466 ? 
7 AC1 7 ASP A 102 ? ASP A 641 . ? 1_555 ? 
# 
_pdbx_entry_details.entry_id                   3JUI 
_pdbx_entry_details.compound_details           ? 
_pdbx_entry_details.source_details             ? 
_pdbx_entry_details.nonpolymer_details         ? 
_pdbx_entry_details.sequence_details           ? 
_pdbx_entry_details.has_ligand_of_interest     ? 
_pdbx_entry_details.has_protein_modification   Y 
# 
_pdbx_validate_rmsd_bond.id                        1 
_pdbx_validate_rmsd_bond.PDB_model_num             1 
_pdbx_validate_rmsd_bond.auth_atom_id_1            CB 
_pdbx_validate_rmsd_bond.auth_asym_id_1            A 
_pdbx_validate_rmsd_bond.auth_comp_id_1            CYS 
_pdbx_validate_rmsd_bond.auth_seq_id_1             618 
_pdbx_validate_rmsd_bond.PDB_ins_code_1            ? 
_pdbx_validate_rmsd_bond.label_alt_id_1            ? 
_pdbx_validate_rmsd_bond.auth_atom_id_2            SG 
_pdbx_validate_rmsd_bond.auth_asym_id_2            A 
_pdbx_validate_rmsd_bond.auth_comp_id_2            CYS 
_pdbx_validate_rmsd_bond.auth_seq_id_2             618 
_pdbx_validate_rmsd_bond.PDB_ins_code_2            ? 
_pdbx_validate_rmsd_bond.label_alt_id_2            ? 
_pdbx_validate_rmsd_bond.bond_value                1.689 
_pdbx_validate_rmsd_bond.bond_target_value         1.812 
_pdbx_validate_rmsd_bond.bond_deviation            -0.123 
_pdbx_validate_rmsd_bond.bond_standard_deviation   0.016 
_pdbx_validate_rmsd_bond.linker_flag               N 
# 
loop_
_pdbx_validate_rmsd_angle.id 
_pdbx_validate_rmsd_angle.PDB_model_num 
_pdbx_validate_rmsd_angle.auth_atom_id_1 
_pdbx_validate_rmsd_angle.auth_asym_id_1 
_pdbx_validate_rmsd_angle.auth_comp_id_1 
_pdbx_validate_rmsd_angle.auth_seq_id_1 
_pdbx_validate_rmsd_angle.PDB_ins_code_1 
_pdbx_validate_rmsd_angle.label_alt_id_1 
_pdbx_validate_rmsd_angle.auth_atom_id_2 
_pdbx_validate_rmsd_angle.auth_asym_id_2 
_pdbx_validate_rmsd_angle.auth_comp_id_2 
_pdbx_validate_rmsd_angle.auth_seq_id_2 
_pdbx_validate_rmsd_angle.PDB_ins_code_2 
_pdbx_validate_rmsd_angle.label_alt_id_2 
_pdbx_validate_rmsd_angle.auth_atom_id_3 
_pdbx_validate_rmsd_angle.auth_asym_id_3 
_pdbx_validate_rmsd_angle.auth_comp_id_3 
_pdbx_validate_rmsd_angle.auth_seq_id_3 
_pdbx_validate_rmsd_angle.PDB_ins_code_3 
_pdbx_validate_rmsd_angle.label_alt_id_3 
_pdbx_validate_rmsd_angle.angle_value 
_pdbx_validate_rmsd_angle.angle_target_value 
_pdbx_validate_rmsd_angle.angle_deviation 
_pdbx_validate_rmsd_angle.angle_standard_deviation 
_pdbx_validate_rmsd_angle.linker_flag 
1 1 NE A ARG 563 ? ? CZ A ARG 563 ? ? NH1 A ARG 563 ? ? 125.76 120.30 5.46  0.50 N 
2 1 NE A ARG 563 ? ? CZ A ARG 563 ? ? NH2 A ARG 563 ? ? 112.09 120.30 -8.21 0.50 N 
# 
_pdbx_validate_torsion.id              1 
_pdbx_validate_torsion.PDB_model_num   1 
_pdbx_validate_torsion.auth_comp_id    GLU 
_pdbx_validate_torsion.auth_asym_id    A 
_pdbx_validate_torsion.auth_seq_id     714 
_pdbx_validate_torsion.PDB_ins_code    ? 
_pdbx_validate_torsion.label_alt_id    ? 
_pdbx_validate_torsion.phi             -76.03 
_pdbx_validate_torsion.psi             -70.71 
# 
loop_
_pdbx_struct_mod_residue.id 
_pdbx_struct_mod_residue.label_asym_id 
_pdbx_struct_mod_residue.label_comp_id 
_pdbx_struct_mod_residue.label_seq_id 
_pdbx_struct_mod_residue.auth_asym_id 
_pdbx_struct_mod_residue.auth_comp_id 
_pdbx_struct_mod_residue.auth_seq_id 
_pdbx_struct_mod_residue.PDB_ins_code 
_pdbx_struct_mod_residue.parent_comp_id 
_pdbx_struct_mod_residue.details 
1 A MSE 8   A MSE 547 ? MET SELENOMETHIONINE 
2 A MSE 54  A MSE 593 ? MET SELENOMETHIONINE 
3 A MSE 69  A MSE 608 ? MET SELENOMETHIONINE 
4 A MSE 124 A MSE 663 ? MET SELENOMETHIONINE 
5 A MSE 129 A MSE 668 ? MET SELENOMETHIONINE 
# 
_diffrn_reflns.diffrn_id                   1 
_diffrn_reflns.pdbx_d_res_high             2.300 
_diffrn_reflns.pdbx_d_res_low              50.000 
_diffrn_reflns.pdbx_number_obs             9770 
_diffrn_reflns.pdbx_Rmerge_I_obs           0.072 
_diffrn_reflns.pdbx_Rsym_value             ? 
_diffrn_reflns.pdbx_chi_squared            1.32 
_diffrn_reflns.av_sigmaI_over_netI         24.08 
_diffrn_reflns.pdbx_redundancy             7.10 
_diffrn_reflns.pdbx_percent_possible_obs   99.60 
_diffrn_reflns.number                      69282 
_diffrn_reflns.pdbx_observed_criterion     ? 
_diffrn_reflns.limit_h_max                 ? 
_diffrn_reflns.limit_h_min                 ? 
_diffrn_reflns.limit_k_max                 ? 
_diffrn_reflns.limit_k_min                 ? 
_diffrn_reflns.limit_l_max                 ? 
_diffrn_reflns.limit_l_min                 ? 
# 
loop_
_pdbx_diffrn_reflns_shell.diffrn_id 
_pdbx_diffrn_reflns_shell.d_res_high 
_pdbx_diffrn_reflns_shell.d_res_low 
_pdbx_diffrn_reflns_shell.number_obs 
_pdbx_diffrn_reflns_shell.rejects 
_pdbx_diffrn_reflns_shell.Rmerge_I_obs 
_pdbx_diffrn_reflns_shell.Rsym_value 
_pdbx_diffrn_reflns_shell.chi_squared 
_pdbx_diffrn_reflns_shell.redundancy 
_pdbx_diffrn_reflns_shell.percent_possible_obs 
1 4.95 50.00 ? ? 0.060 ? 2.214 6.30 97.20  
1 3.93 4.95  ? ? 0.053 ? 1.885 6.90 99.50  
1 3.44 3.93  ? ? 0.056 ? 1.478 7.10 100.00 
1 3.12 3.44  ? ? 0.069 ? 1.373 7.20 100.00 
1 2.90 3.12  ? ? 0.082 ? 1.285 7.30 100.00 
1 2.73 2.90  ? ? 0.094 ? 1.160 7.30 100.00 
1 2.59 2.73  ? ? 0.110 ? 1.011 7.30 100.00 
1 2.48 2.59  ? ? 0.127 ? 1.044 7.30 100.00 
1 2.38 2.48  ? ? 0.155 ? 0.944 7.40 100.00 
1 2.30 2.38  ? ? 0.170 ? 0.875 6.80 100.00 
# 
loop_
_pdbx_phasing_MAD_set_site.id 
_pdbx_phasing_MAD_set_site.atom_type_symbol 
_pdbx_phasing_MAD_set_site.occupancy 
_pdbx_phasing_MAD_set_site.fract_x 
_pdbx_phasing_MAD_set_site.fract_y 
_pdbx_phasing_MAD_set_site.fract_z 
_pdbx_phasing_MAD_set_site.b_iso 
1 Se 0.718 0.866 0.110 0.099 24.597 
2 Se 0.573 0.115 0.455 0.086 23.103 
3 Se 0.643 0.123 0.159 0.174 34.598 
4 Se 0.362 0.361 0.272 0.077 3.065  
5 Se 0.775 0.752 0.483 0.149 47.113 
# 
_pdbx_phasing_dm.entry_id          3JUI 
_pdbx_phasing_dm.fom_acentric      0.900 
_pdbx_phasing_dm.fom_centric       0.830 
_pdbx_phasing_dm.fom               0.890 
_pdbx_phasing_dm.reflns_acentric   3663 
_pdbx_phasing_dm.reflns_centric    713 
_pdbx_phasing_dm.reflns            4376 
# 
loop_
_pdbx_phasing_dm_shell.d_res_high 
_pdbx_phasing_dm_shell.d_res_low 
_pdbx_phasing_dm_shell.delta_phi_final 
_pdbx_phasing_dm_shell.delta_phi_initial 
_pdbx_phasing_dm_shell.fom_acentric 
_pdbx_phasing_dm_shell.fom_centric 
_pdbx_phasing_dm_shell.fom 
_pdbx_phasing_dm_shell.reflns_acentric 
_pdbx_phasing_dm_shell.reflns_centric 
_pdbx_phasing_dm_shell.reflns 
8.600 14.970 ? ? 0.940 0.960 0.950 107  50  157  
5.400 8.600  ? ? 0.940 0.860 0.920 469  151 620  
4.300 5.400  ? ? 0.950 0.860 0.930 609  131 740  
3.800 4.300  ? ? 0.930 0.860 0.920 628  116 744  
3.200 3.800  ? ? 0.890 0.810 0.880 1133 181 1314 
3.000 3.200  ? ? 0.820 0.650 0.800 717  84  801  
# 
_phasing.method   MAD 
# 
_phasing_MAD_clust.expt_id      1 
_phasing_MAD_clust.id           '3 wavelength' 
_phasing_MAD_clust.number_set   ? 
# 
_phasing_MAD_expt.id         1 
_phasing_MAD_expt.mean_fom   ? 
# 
loop_
_phasing_MAD_set.expt_id 
_phasing_MAD_set.clust_id 
_phasing_MAD_set.set_id 
_phasing_MAD_set.wavelength 
_phasing_MAD_set.pdbx_f_prime_refined 
_phasing_MAD_set.pdbx_f_double_prime_refined 
1 '3 wavelength' 1 0.9782 -8.43 2.73 
1 '3 wavelength' 2 0.9779 -7.56 5.48 
1 '3 wavelength' 3 0.8856 -2.98 3.93 
# 
loop_
_phasing_set.id 
_phasing_set.pdbx_d_res_high 
_phasing_set.pdbx_d_res_low 
1 . . 
2 . . 
3 . . 
# 
loop_
_pdbx_unobs_or_zero_occ_residues.id 
_pdbx_unobs_or_zero_occ_residues.PDB_model_num 
_pdbx_unobs_or_zero_occ_residues.polymer_flag 
_pdbx_unobs_or_zero_occ_residues.occupancy_flag 
_pdbx_unobs_or_zero_occ_residues.auth_asym_id 
_pdbx_unobs_or_zero_occ_residues.auth_comp_id 
_pdbx_unobs_or_zero_occ_residues.auth_seq_id 
_pdbx_unobs_or_zero_occ_residues.PDB_ins_code 
_pdbx_unobs_or_zero_occ_residues.label_asym_id 
_pdbx_unobs_or_zero_occ_residues.label_comp_id 
_pdbx_unobs_or_zero_occ_residues.label_seq_id 
1 1 Y 1 A THR 690 ? A THR 151 
2 1 Y 1 A THR 691 ? A THR 152 
3 1 Y 1 A GLU 716 ? A GLU 177 
4 1 Y 1 A SER 717 ? A SER 178 
5 1 Y 1 A SER 718 ? A SER 179 
6 1 Y 1 A GLU 719 ? A GLU 180 
7 1 Y 1 A ASP 720 ? A ASP 181 
8 1 Y 1 A ASP 721 ? A ASP 182 
# 
loop_
_chem_comp_atom.comp_id 
_chem_comp_atom.atom_id 
_chem_comp_atom.type_symbol 
_chem_comp_atom.pdbx_aromatic_flag 
_chem_comp_atom.pdbx_stereo_config 
_chem_comp_atom.pdbx_ordinal 
ALA N    N  N N 1   
ALA CA   C  N S 2   
ALA C    C  N N 3   
ALA O    O  N N 4   
ALA CB   C  N N 5   
ALA OXT  O  N N 6   
ALA H    H  N N 7   
ALA H2   H  N N 8   
ALA HA   H  N N 9   
ALA HB1  H  N N 10  
ALA HB2  H  N N 11  
ALA HB3  H  N N 12  
ALA HXT  H  N N 13  
ARG N    N  N N 14  
ARG CA   C  N S 15  
ARG C    C  N N 16  
ARG O    O  N N 17  
ARG CB   C  N N 18  
ARG CG   C  N N 19  
ARG CD   C  N N 20  
ARG NE   N  N N 21  
ARG CZ   C  N N 22  
ARG NH1  N  N N 23  
ARG NH2  N  N N 24  
ARG OXT  O  N N 25  
ARG H    H  N N 26  
ARG H2   H  N N 27  
ARG HA   H  N N 28  
ARG HB2  H  N N 29  
ARG HB3  H  N N 30  
ARG HG2  H  N N 31  
ARG HG3  H  N N 32  
ARG HD2  H  N N 33  
ARG HD3  H  N N 34  
ARG HE   H  N N 35  
ARG HH11 H  N N 36  
ARG HH12 H  N N 37  
ARG HH21 H  N N 38  
ARG HH22 H  N N 39  
ARG HXT  H  N N 40  
ASN N    N  N N 41  
ASN CA   C  N S 42  
ASN C    C  N N 43  
ASN O    O  N N 44  
ASN CB   C  N N 45  
ASN CG   C  N N 46  
ASN OD1  O  N N 47  
ASN ND2  N  N N 48  
ASN OXT  O  N N 49  
ASN H    H  N N 50  
ASN H2   H  N N 51  
ASN HA   H  N N 52  
ASN HB2  H  N N 53  
ASN HB3  H  N N 54  
ASN HD21 H  N N 55  
ASN HD22 H  N N 56  
ASN HXT  H  N N 57  
ASP N    N  N N 58  
ASP CA   C  N S 59  
ASP C    C  N N 60  
ASP O    O  N N 61  
ASP CB   C  N N 62  
ASP CG   C  N N 63  
ASP OD1  O  N N 64  
ASP OD2  O  N N 65  
ASP OXT  O  N N 66  
ASP H    H  N N 67  
ASP H2   H  N N 68  
ASP HA   H  N N 69  
ASP HB2  H  N N 70  
ASP HB3  H  N N 71  
ASP HD2  H  N N 72  
ASP HXT  H  N N 73  
CYS N    N  N N 74  
CYS CA   C  N R 75  
CYS C    C  N N 76  
CYS O    O  N N 77  
CYS CB   C  N N 78  
CYS SG   S  N N 79  
CYS OXT  O  N N 80  
CYS H    H  N N 81  
CYS H2   H  N N 82  
CYS HA   H  N N 83  
CYS HB2  H  N N 84  
CYS HB3  H  N N 85  
CYS HG   H  N N 86  
CYS HXT  H  N N 87  
GLN N    N  N N 88  
GLN CA   C  N S 89  
GLN C    C  N N 90  
GLN O    O  N N 91  
GLN CB   C  N N 92  
GLN CG   C  N N 93  
GLN CD   C  N N 94  
GLN OE1  O  N N 95  
GLN NE2  N  N N 96  
GLN OXT  O  N N 97  
GLN H    H  N N 98  
GLN H2   H  N N 99  
GLN HA   H  N N 100 
GLN HB2  H  N N 101 
GLN HB3  H  N N 102 
GLN HG2  H  N N 103 
GLN HG3  H  N N 104 
GLN HE21 H  N N 105 
GLN HE22 H  N N 106 
GLN HXT  H  N N 107 
GLU N    N  N N 108 
GLU CA   C  N S 109 
GLU C    C  N N 110 
GLU O    O  N N 111 
GLU CB   C  N N 112 
GLU CG   C  N N 113 
GLU CD   C  N N 114 
GLU OE1  O  N N 115 
GLU OE2  O  N N 116 
GLU OXT  O  N N 117 
GLU H    H  N N 118 
GLU H2   H  N N 119 
GLU HA   H  N N 120 
GLU HB2  H  N N 121 
GLU HB3  H  N N 122 
GLU HG2  H  N N 123 
GLU HG3  H  N N 124 
GLU HE2  H  N N 125 
GLU HXT  H  N N 126 
GLY N    N  N N 127 
GLY CA   C  N N 128 
GLY C    C  N N 129 
GLY O    O  N N 130 
GLY OXT  O  N N 131 
GLY H    H  N N 132 
GLY H2   H  N N 133 
GLY HA2  H  N N 134 
GLY HA3  H  N N 135 
GLY HXT  H  N N 136 
GOL C1   C  N N 137 
GOL O1   O  N N 138 
GOL C2   C  N N 139 
GOL O2   O  N N 140 
GOL C3   C  N N 141 
GOL O3   O  N N 142 
GOL H11  H  N N 143 
GOL H12  H  N N 144 
GOL HO1  H  N N 145 
GOL H2   H  N N 146 
GOL HO2  H  N N 147 
GOL H31  H  N N 148 
GOL H32  H  N N 149 
GOL HO3  H  N N 150 
HIS N    N  N N 151 
HIS CA   C  N S 152 
HIS C    C  N N 153 
HIS O    O  N N 154 
HIS CB   C  N N 155 
HIS CG   C  Y N 156 
HIS ND1  N  Y N 157 
HIS CD2  C  Y N 158 
HIS CE1  C  Y N 159 
HIS NE2  N  Y N 160 
HIS OXT  O  N N 161 
HIS H    H  N N 162 
HIS H2   H  N N 163 
HIS HA   H  N N 164 
HIS HB2  H  N N 165 
HIS HB3  H  N N 166 
HIS HD1  H  N N 167 
HIS HD2  H  N N 168 
HIS HE1  H  N N 169 
HIS HE2  H  N N 170 
HIS HXT  H  N N 171 
HOH O    O  N N 172 
HOH H1   H  N N 173 
HOH H2   H  N N 174 
ILE N    N  N N 175 
ILE CA   C  N S 176 
ILE C    C  N N 177 
ILE O    O  N N 178 
ILE CB   C  N S 179 
ILE CG1  C  N N 180 
ILE CG2  C  N N 181 
ILE CD1  C  N N 182 
ILE OXT  O  N N 183 
ILE H    H  N N 184 
ILE H2   H  N N 185 
ILE HA   H  N N 186 
ILE HB   H  N N 187 
ILE HG12 H  N N 188 
ILE HG13 H  N N 189 
ILE HG21 H  N N 190 
ILE HG22 H  N N 191 
ILE HG23 H  N N 192 
ILE HD11 H  N N 193 
ILE HD12 H  N N 194 
ILE HD13 H  N N 195 
ILE HXT  H  N N 196 
LEU N    N  N N 197 
LEU CA   C  N S 198 
LEU C    C  N N 199 
LEU O    O  N N 200 
LEU CB   C  N N 201 
LEU CG   C  N N 202 
LEU CD1  C  N N 203 
LEU CD2  C  N N 204 
LEU OXT  O  N N 205 
LEU H    H  N N 206 
LEU H2   H  N N 207 
LEU HA   H  N N 208 
LEU HB2  H  N N 209 
LEU HB3  H  N N 210 
LEU HG   H  N N 211 
LEU HD11 H  N N 212 
LEU HD12 H  N N 213 
LEU HD13 H  N N 214 
LEU HD21 H  N N 215 
LEU HD22 H  N N 216 
LEU HD23 H  N N 217 
LEU HXT  H  N N 218 
LYS N    N  N N 219 
LYS CA   C  N S 220 
LYS C    C  N N 221 
LYS O    O  N N 222 
LYS CB   C  N N 223 
LYS CG   C  N N 224 
LYS CD   C  N N 225 
LYS CE   C  N N 226 
LYS NZ   N  N N 227 
LYS OXT  O  N N 228 
LYS H    H  N N 229 
LYS H2   H  N N 230 
LYS HA   H  N N 231 
LYS HB2  H  N N 232 
LYS HB3  H  N N 233 
LYS HG2  H  N N 234 
LYS HG3  H  N N 235 
LYS HD2  H  N N 236 
LYS HD3  H  N N 237 
LYS HE2  H  N N 238 
LYS HE3  H  N N 239 
LYS HZ1  H  N N 240 
LYS HZ2  H  N N 241 
LYS HZ3  H  N N 242 
LYS HXT  H  N N 243 
MSE N    N  N N 244 
MSE CA   C  N S 245 
MSE C    C  N N 246 
MSE O    O  N N 247 
MSE OXT  O  N N 248 
MSE CB   C  N N 249 
MSE CG   C  N N 250 
MSE SE   SE N N 251 
MSE CE   C  N N 252 
MSE H    H  N N 253 
MSE H2   H  N N 254 
MSE HA   H  N N 255 
MSE HXT  H  N N 256 
MSE HB2  H  N N 257 
MSE HB3  H  N N 258 
MSE HG2  H  N N 259 
MSE HG3  H  N N 260 
MSE HE1  H  N N 261 
MSE HE2  H  N N 262 
MSE HE3  H  N N 263 
PHE N    N  N N 264 
PHE CA   C  N S 265 
PHE C    C  N N 266 
PHE O    O  N N 267 
PHE CB   C  N N 268 
PHE CG   C  Y N 269 
PHE CD1  C  Y N 270 
PHE CD2  C  Y N 271 
PHE CE1  C  Y N 272 
PHE CE2  C  Y N 273 
PHE CZ   C  Y N 274 
PHE OXT  O  N N 275 
PHE H    H  N N 276 
PHE H2   H  N N 277 
PHE HA   H  N N 278 
PHE HB2  H  N N 279 
PHE HB3  H  N N 280 
PHE HD1  H  N N 281 
PHE HD2  H  N N 282 
PHE HE1  H  N N 283 
PHE HE2  H  N N 284 
PHE HZ   H  N N 285 
PHE HXT  H  N N 286 
PRO N    N  N N 287 
PRO CA   C  N S 288 
PRO C    C  N N 289 
PRO O    O  N N 290 
PRO CB   C  N N 291 
PRO CG   C  N N 292 
PRO CD   C  N N 293 
PRO OXT  O  N N 294 
PRO H    H  N N 295 
PRO HA   H  N N 296 
PRO HB2  H  N N 297 
PRO HB3  H  N N 298 
PRO HG2  H  N N 299 
PRO HG3  H  N N 300 
PRO HD2  H  N N 301 
PRO HD3  H  N N 302 
PRO HXT  H  N N 303 
SER N    N  N N 304 
SER CA   C  N S 305 
SER C    C  N N 306 
SER O    O  N N 307 
SER CB   C  N N 308 
SER OG   O  N N 309 
SER OXT  O  N N 310 
SER H    H  N N 311 
SER H2   H  N N 312 
SER HA   H  N N 313 
SER HB2  H  N N 314 
SER HB3  H  N N 315 
SER HG   H  N N 316 
SER HXT  H  N N 317 
THR N    N  N N 318 
THR CA   C  N S 319 
THR C    C  N N 320 
THR O    O  N N 321 
THR CB   C  N R 322 
THR OG1  O  N N 323 
THR CG2  C  N N 324 
THR OXT  O  N N 325 
THR H    H  N N 326 
THR H2   H  N N 327 
THR HA   H  N N 328 
THR HB   H  N N 329 
THR HG1  H  N N 330 
THR HG21 H  N N 331 
THR HG22 H  N N 332 
THR HG23 H  N N 333 
THR HXT  H  N N 334 
TRP N    N  N N 335 
TRP CA   C  N S 336 
TRP C    C  N N 337 
TRP O    O  N N 338 
TRP CB   C  N N 339 
TRP CG   C  Y N 340 
TRP CD1  C  Y N 341 
TRP CD2  C  Y N 342 
TRP NE1  N  Y N 343 
TRP CE2  C  Y N 344 
TRP CE3  C  Y N 345 
TRP CZ2  C  Y N 346 
TRP CZ3  C  Y N 347 
TRP CH2  C  Y N 348 
TRP OXT  O  N N 349 
TRP H    H  N N 350 
TRP H2   H  N N 351 
TRP HA   H  N N 352 
TRP HB2  H  N N 353 
TRP HB3  H  N N 354 
TRP HD1  H  N N 355 
TRP HE1  H  N N 356 
TRP HE3  H  N N 357 
TRP HZ2  H  N N 358 
TRP HZ3  H  N N 359 
TRP HH2  H  N N 360 
TRP HXT  H  N N 361 
TYR N    N  N N 362 
TYR CA   C  N S 363 
TYR C    C  N N 364 
TYR O    O  N N 365 
TYR CB   C  N N 366 
TYR CG   C  Y N 367 
TYR CD1  C  Y N 368 
TYR CD2  C  Y N 369 
TYR CE1  C  Y N 370 
TYR CE2  C  Y N 371 
TYR CZ   C  Y N 372 
TYR OH   O  N N 373 
TYR OXT  O  N N 374 
TYR H    H  N N 375 
TYR H2   H  N N 376 
TYR HA   H  N N 377 
TYR HB2  H  N N 378 
TYR HB3  H  N N 379 
TYR HD1  H  N N 380 
TYR HD2  H  N N 381 
TYR HE1  H  N N 382 
TYR HE2  H  N N 383 
TYR HH   H  N N 384 
TYR HXT  H  N N 385 
VAL N    N  N N 386 
VAL CA   C  N S 387 
VAL C    C  N N 388 
VAL O    O  N N 389 
VAL CB   C  N N 390 
VAL CG1  C  N N 391 
VAL CG2  C  N N 392 
VAL OXT  O  N N 393 
VAL H    H  N N 394 
VAL H2   H  N N 395 
VAL HA   H  N N 396 
VAL HB   H  N N 397 
VAL HG11 H  N N 398 
VAL HG12 H  N N 399 
VAL HG13 H  N N 400 
VAL HG21 H  N N 401 
VAL HG22 H  N N 402 
VAL HG23 H  N N 403 
VAL HXT  H  N N 404 
# 
loop_
_chem_comp_bond.comp_id 
_chem_comp_bond.atom_id_1 
_chem_comp_bond.atom_id_2 
_chem_comp_bond.value_order 
_chem_comp_bond.pdbx_aromatic_flag 
_chem_comp_bond.pdbx_stereo_config 
_chem_comp_bond.pdbx_ordinal 
ALA N   CA   sing N N 1   
ALA N   H    sing N N 2   
ALA N   H2   sing N N 3   
ALA CA  C    sing N N 4   
ALA CA  CB   sing N N 5   
ALA CA  HA   sing N N 6   
ALA C   O    doub N N 7   
ALA C   OXT  sing N N 8   
ALA CB  HB1  sing N N 9   
ALA CB  HB2  sing N N 10  
ALA CB  HB3  sing N N 11  
ALA OXT HXT  sing N N 12  
ARG N   CA   sing N N 13  
ARG N   H    sing N N 14  
ARG N   H2   sing N N 15  
ARG CA  C    sing N N 16  
ARG CA  CB   sing N N 17  
ARG CA  HA   sing N N 18  
ARG C   O    doub N N 19  
ARG C   OXT  sing N N 20  
ARG CB  CG   sing N N 21  
ARG CB  HB2  sing N N 22  
ARG CB  HB3  sing N N 23  
ARG CG  CD   sing N N 24  
ARG CG  HG2  sing N N 25  
ARG CG  HG3  sing N N 26  
ARG CD  NE   sing N N 27  
ARG CD  HD2  sing N N 28  
ARG CD  HD3  sing N N 29  
ARG NE  CZ   sing N N 30  
ARG NE  HE   sing N N 31  
ARG CZ  NH1  sing N N 32  
ARG CZ  NH2  doub N N 33  
ARG NH1 HH11 sing N N 34  
ARG NH1 HH12 sing N N 35  
ARG NH2 HH21 sing N N 36  
ARG NH2 HH22 sing N N 37  
ARG OXT HXT  sing N N 38  
ASN N   CA   sing N N 39  
ASN N   H    sing N N 40  
ASN N   H2   sing N N 41  
ASN CA  C    sing N N 42  
ASN CA  CB   sing N N 43  
ASN CA  HA   sing N N 44  
ASN C   O    doub N N 45  
ASN C   OXT  sing N N 46  
ASN CB  CG   sing N N 47  
ASN CB  HB2  sing N N 48  
ASN CB  HB3  sing N N 49  
ASN CG  OD1  doub N N 50  
ASN CG  ND2  sing N N 51  
ASN ND2 HD21 sing N N 52  
ASN ND2 HD22 sing N N 53  
ASN OXT HXT  sing N N 54  
ASP N   CA   sing N N 55  
ASP N   H    sing N N 56  
ASP N   H2   sing N N 57  
ASP CA  C    sing N N 58  
ASP CA  CB   sing N N 59  
ASP CA  HA   sing N N 60  
ASP C   O    doub N N 61  
ASP C   OXT  sing N N 62  
ASP CB  CG   sing N N 63  
ASP CB  HB2  sing N N 64  
ASP CB  HB3  sing N N 65  
ASP CG  OD1  doub N N 66  
ASP CG  OD2  sing N N 67  
ASP OD2 HD2  sing N N 68  
ASP OXT HXT  sing N N 69  
CYS N   CA   sing N N 70  
CYS N   H    sing N N 71  
CYS N   H2   sing N N 72  
CYS CA  C    sing N N 73  
CYS CA  CB   sing N N 74  
CYS CA  HA   sing N N 75  
CYS C   O    doub N N 76  
CYS C   OXT  sing N N 77  
CYS CB  SG   sing N N 78  
CYS CB  HB2  sing N N 79  
CYS CB  HB3  sing N N 80  
CYS SG  HG   sing N N 81  
CYS OXT HXT  sing N N 82  
GLN N   CA   sing N N 83  
GLN N   H    sing N N 84  
GLN N   H2   sing N N 85  
GLN CA  C    sing N N 86  
GLN CA  CB   sing N N 87  
GLN CA  HA   sing N N 88  
GLN C   O    doub N N 89  
GLN C   OXT  sing N N 90  
GLN CB  CG   sing N N 91  
GLN CB  HB2  sing N N 92  
GLN CB  HB3  sing N N 93  
GLN CG  CD   sing N N 94  
GLN CG  HG2  sing N N 95  
GLN CG  HG3  sing N N 96  
GLN CD  OE1  doub N N 97  
GLN CD  NE2  sing N N 98  
GLN NE2 HE21 sing N N 99  
GLN NE2 HE22 sing N N 100 
GLN OXT HXT  sing N N 101 
GLU N   CA   sing N N 102 
GLU N   H    sing N N 103 
GLU N   H2   sing N N 104 
GLU CA  C    sing N N 105 
GLU CA  CB   sing N N 106 
GLU CA  HA   sing N N 107 
GLU C   O    doub N N 108 
GLU C   OXT  sing N N 109 
GLU CB  CG   sing N N 110 
GLU CB  HB2  sing N N 111 
GLU CB  HB3  sing N N 112 
GLU CG  CD   sing N N 113 
GLU CG  HG2  sing N N 114 
GLU CG  HG3  sing N N 115 
GLU CD  OE1  doub N N 116 
GLU CD  OE2  sing N N 117 
GLU OE2 HE2  sing N N 118 
GLU OXT HXT  sing N N 119 
GLY N   CA   sing N N 120 
GLY N   H    sing N N 121 
GLY N   H2   sing N N 122 
GLY CA  C    sing N N 123 
GLY CA  HA2  sing N N 124 
GLY CA  HA3  sing N N 125 
GLY C   O    doub N N 126 
GLY C   OXT  sing N N 127 
GLY OXT HXT  sing N N 128 
GOL C1  O1   sing N N 129 
GOL C1  C2   sing N N 130 
GOL C1  H11  sing N N 131 
GOL C1  H12  sing N N 132 
GOL O1  HO1  sing N N 133 
GOL C2  O2   sing N N 134 
GOL C2  C3   sing N N 135 
GOL C2  H2   sing N N 136 
GOL O2  HO2  sing N N 137 
GOL C3  O3   sing N N 138 
GOL C3  H31  sing N N 139 
GOL C3  H32  sing N N 140 
GOL O3  HO3  sing N N 141 
HIS N   CA   sing N N 142 
HIS N   H    sing N N 143 
HIS N   H2   sing N N 144 
HIS CA  C    sing N N 145 
HIS CA  CB   sing N N 146 
HIS CA  HA   sing N N 147 
HIS C   O    doub N N 148 
HIS C   OXT  sing N N 149 
HIS CB  CG   sing N N 150 
HIS CB  HB2  sing N N 151 
HIS CB  HB3  sing N N 152 
HIS CG  ND1  sing Y N 153 
HIS CG  CD2  doub Y N 154 
HIS ND1 CE1  doub Y N 155 
HIS ND1 HD1  sing N N 156 
HIS CD2 NE2  sing Y N 157 
HIS CD2 HD2  sing N N 158 
HIS CE1 NE2  sing Y N 159 
HIS CE1 HE1  sing N N 160 
HIS NE2 HE2  sing N N 161 
HIS OXT HXT  sing N N 162 
HOH O   H1   sing N N 163 
HOH O   H2   sing N N 164 
ILE N   CA   sing N N 165 
ILE N   H    sing N N 166 
ILE N   H2   sing N N 167 
ILE CA  C    sing N N 168 
ILE CA  CB   sing N N 169 
ILE CA  HA   sing N N 170 
ILE C   O    doub N N 171 
ILE C   OXT  sing N N 172 
ILE CB  CG1  sing N N 173 
ILE CB  CG2  sing N N 174 
ILE CB  HB   sing N N 175 
ILE CG1 CD1  sing N N 176 
ILE CG1 HG12 sing N N 177 
ILE CG1 HG13 sing N N 178 
ILE CG2 HG21 sing N N 179 
ILE CG2 HG22 sing N N 180 
ILE CG2 HG23 sing N N 181 
ILE CD1 HD11 sing N N 182 
ILE CD1 HD12 sing N N 183 
ILE CD1 HD13 sing N N 184 
ILE OXT HXT  sing N N 185 
LEU N   CA   sing N N 186 
LEU N   H    sing N N 187 
LEU N   H2   sing N N 188 
LEU CA  C    sing N N 189 
LEU CA  CB   sing N N 190 
LEU CA  HA   sing N N 191 
LEU C   O    doub N N 192 
LEU C   OXT  sing N N 193 
LEU CB  CG   sing N N 194 
LEU CB  HB2  sing N N 195 
LEU CB  HB3  sing N N 196 
LEU CG  CD1  sing N N 197 
LEU CG  CD2  sing N N 198 
LEU CG  HG   sing N N 199 
LEU CD1 HD11 sing N N 200 
LEU CD1 HD12 sing N N 201 
LEU CD1 HD13 sing N N 202 
LEU CD2 HD21 sing N N 203 
LEU CD2 HD22 sing N N 204 
LEU CD2 HD23 sing N N 205 
LEU OXT HXT  sing N N 206 
LYS N   CA   sing N N 207 
LYS N   H    sing N N 208 
LYS N   H2   sing N N 209 
LYS CA  C    sing N N 210 
LYS CA  CB   sing N N 211 
LYS CA  HA   sing N N 212 
LYS C   O    doub N N 213 
LYS C   OXT  sing N N 214 
LYS CB  CG   sing N N 215 
LYS CB  HB2  sing N N 216 
LYS CB  HB3  sing N N 217 
LYS CG  CD   sing N N 218 
LYS CG  HG2  sing N N 219 
LYS CG  HG3  sing N N 220 
LYS CD  CE   sing N N 221 
LYS CD  HD2  sing N N 222 
LYS CD  HD3  sing N N 223 
LYS CE  NZ   sing N N 224 
LYS CE  HE2  sing N N 225 
LYS CE  HE3  sing N N 226 
LYS NZ  HZ1  sing N N 227 
LYS NZ  HZ2  sing N N 228 
LYS NZ  HZ3  sing N N 229 
LYS OXT HXT  sing N N 230 
MSE N   CA   sing N N 231 
MSE N   H    sing N N 232 
MSE N   H2   sing N N 233 
MSE CA  C    sing N N 234 
MSE CA  CB   sing N N 235 
MSE CA  HA   sing N N 236 
MSE C   O    doub N N 237 
MSE C   OXT  sing N N 238 
MSE OXT HXT  sing N N 239 
MSE CB  CG   sing N N 240 
MSE CB  HB2  sing N N 241 
MSE CB  HB3  sing N N 242 
MSE CG  SE   sing N N 243 
MSE CG  HG2  sing N N 244 
MSE CG  HG3  sing N N 245 
MSE SE  CE   sing N N 246 
MSE CE  HE1  sing N N 247 
MSE CE  HE2  sing N N 248 
MSE CE  HE3  sing N N 249 
PHE N   CA   sing N N 250 
PHE N   H    sing N N 251 
PHE N   H2   sing N N 252 
PHE CA  C    sing N N 253 
PHE CA  CB   sing N N 254 
PHE CA  HA   sing N N 255 
PHE C   O    doub N N 256 
PHE C   OXT  sing N N 257 
PHE CB  CG   sing N N 258 
PHE CB  HB2  sing N N 259 
PHE CB  HB3  sing N N 260 
PHE CG  CD1  doub Y N 261 
PHE CG  CD2  sing Y N 262 
PHE CD1 CE1  sing Y N 263 
PHE CD1 HD1  sing N N 264 
PHE CD2 CE2  doub Y N 265 
PHE CD2 HD2  sing N N 266 
PHE CE1 CZ   doub Y N 267 
PHE CE1 HE1  sing N N 268 
PHE CE2 CZ   sing Y N 269 
PHE CE2 HE2  sing N N 270 
PHE CZ  HZ   sing N N 271 
PHE OXT HXT  sing N N 272 
PRO N   CA   sing N N 273 
PRO N   CD   sing N N 274 
PRO N   H    sing N N 275 
PRO CA  C    sing N N 276 
PRO CA  CB   sing N N 277 
PRO CA  HA   sing N N 278 
PRO C   O    doub N N 279 
PRO C   OXT  sing N N 280 
PRO CB  CG   sing N N 281 
PRO CB  HB2  sing N N 282 
PRO CB  HB3  sing N N 283 
PRO CG  CD   sing N N 284 
PRO CG  HG2  sing N N 285 
PRO CG  HG3  sing N N 286 
PRO CD  HD2  sing N N 287 
PRO CD  HD3  sing N N 288 
PRO OXT HXT  sing N N 289 
SER N   CA   sing N N 290 
SER N   H    sing N N 291 
SER N   H2   sing N N 292 
SER CA  C    sing N N 293 
SER CA  CB   sing N N 294 
SER CA  HA   sing N N 295 
SER C   O    doub N N 296 
SER C   OXT  sing N N 297 
SER CB  OG   sing N N 298 
SER CB  HB2  sing N N 299 
SER CB  HB3  sing N N 300 
SER OG  HG   sing N N 301 
SER OXT HXT  sing N N 302 
THR N   CA   sing N N 303 
THR N   H    sing N N 304 
THR N   H2   sing N N 305 
THR CA  C    sing N N 306 
THR CA  CB   sing N N 307 
THR CA  HA   sing N N 308 
THR C   O    doub N N 309 
THR C   OXT  sing N N 310 
THR CB  OG1  sing N N 311 
THR CB  CG2  sing N N 312 
THR CB  HB   sing N N 313 
THR OG1 HG1  sing N N 314 
THR CG2 HG21 sing N N 315 
THR CG2 HG22 sing N N 316 
THR CG2 HG23 sing N N 317 
THR OXT HXT  sing N N 318 
TRP N   CA   sing N N 319 
TRP N   H    sing N N 320 
TRP N   H2   sing N N 321 
TRP CA  C    sing N N 322 
TRP CA  CB   sing N N 323 
TRP CA  HA   sing N N 324 
TRP C   O    doub N N 325 
TRP C   OXT  sing N N 326 
TRP CB  CG   sing N N 327 
TRP CB  HB2  sing N N 328 
TRP CB  HB3  sing N N 329 
TRP CG  CD1  doub Y N 330 
TRP CG  CD2  sing Y N 331 
TRP CD1 NE1  sing Y N 332 
TRP CD1 HD1  sing N N 333 
TRP CD2 CE2  doub Y N 334 
TRP CD2 CE3  sing Y N 335 
TRP NE1 CE2  sing Y N 336 
TRP NE1 HE1  sing N N 337 
TRP CE2 CZ2  sing Y N 338 
TRP CE3 CZ3  doub Y N 339 
TRP CE3 HE3  sing N N 340 
TRP CZ2 CH2  doub Y N 341 
TRP CZ2 HZ2  sing N N 342 
TRP CZ3 CH2  sing Y N 343 
TRP CZ3 HZ3  sing N N 344 
TRP CH2 HH2  sing N N 345 
TRP OXT HXT  sing N N 346 
TYR N   CA   sing N N 347 
TYR N   H    sing N N 348 
TYR N   H2   sing N N 349 
TYR CA  C    sing N N 350 
TYR CA  CB   sing N N 351 
TYR CA  HA   sing N N 352 
TYR C   O    doub N N 353 
TYR C   OXT  sing N N 354 
TYR CB  CG   sing N N 355 
TYR CB  HB2  sing N N 356 
TYR CB  HB3  sing N N 357 
TYR CG  CD1  doub Y N 358 
TYR CG  CD2  sing Y N 359 
TYR CD1 CE1  sing Y N 360 
TYR CD1 HD1  sing N N 361 
TYR CD2 CE2  doub Y N 362 
TYR CD2 HD2  sing N N 363 
TYR CE1 CZ   doub Y N 364 
TYR CE1 HE1  sing N N 365 
TYR CE2 CZ   sing Y N 366 
TYR CE2 HE2  sing N N 367 
TYR CZ  OH   sing N N 368 
TYR OH  HH   sing N N 369 
TYR OXT HXT  sing N N 370 
VAL N   CA   sing N N 371 
VAL N   H    sing N N 372 
VAL N   H2   sing N N 373 
VAL CA  C    sing N N 374 
VAL CA  CB   sing N N 375 
VAL CA  HA   sing N N 376 
VAL C   O    doub N N 377 
VAL C   OXT  sing N N 378 
VAL CB  CG1  sing N N 379 
VAL CB  CG2  sing N N 380 
VAL CB  HB   sing N N 381 
VAL CG1 HG11 sing N N 382 
VAL CG1 HG12 sing N N 383 
VAL CG1 HG13 sing N N 384 
VAL CG2 HG21 sing N N 385 
VAL CG2 HG22 sing N N 386 
VAL CG2 HG23 sing N N 387 
VAL OXT HXT  sing N N 388 
# 
_atom_sites.entry_id                    3JUI 
_atom_sites.fract_transf_matrix[1][1]   0.00499904 
_atom_sites.fract_transf_matrix[1][2]   -0.01387902 
_atom_sites.fract_transf_matrix[1][3]   -0.01562423 
_atom_sites.fract_transf_matrix[2][1]   -0.01214687 
_atom_sites.fract_transf_matrix[2][2]   0.00445888 
_atom_sites.fract_transf_matrix[2][3]   -0.00784727 
_atom_sites.fract_transf_matrix[3][1]   0.00403422 
_atom_sites.fract_transf_matrix[3][2]   0.00517360 
_atom_sites.fract_transf_matrix[3][3]   -0.00330494 
_atom_sites.fract_transf_vector[1]      0.333891 
_atom_sites.fract_transf_vector[2]      0.691712 
_atom_sites.fract_transf_vector[3]      0.403193 
# 
loop_
_atom_type.symbol 
C  
N  
O  
S  
SE 
# 
loop_
_atom_site.group_PDB 
_atom_site.id 
_atom_site.type_symbol 
_atom_site.label_atom_id 
_atom_site.label_alt_id 
_atom_site.label_comp_id 
_atom_site.label_asym_id 
_atom_site.label_entity_id 
_atom_site.label_seq_id 
_atom_site.pdbx_PDB_ins_code 
_atom_site.Cartn_x 
_atom_site.Cartn_y 
_atom_site.Cartn_z 
_atom_site.occupancy 
_atom_site.B_iso_or_equiv 
_atom_site.pdbx_formal_charge 
_atom_site.auth_seq_id 
_atom_site.auth_comp_id 
_atom_site.auth_asym_id 
_atom_site.auth_atom_id 
_atom_site.pdbx_PDB_model_num 
ATOM   1    N  N   . GLY A 1 1   ? -21.446 6.856   -16.923 1.00 18.07 ? 540 GLY A N   1 
ATOM   2    C  CA  . GLY A 1 1   ? -21.561 8.139   -17.675 1.00 16.24 ? 540 GLY A CA  1 
ATOM   3    C  C   . GLY A 1 1   ? -20.225 8.839   -17.730 1.00 17.11 ? 540 GLY A C   1 
ATOM   4    O  O   . GLY A 1 1   ? -19.233 8.242   -17.319 1.00 17.74 ? 540 GLY A O   1 
ATOM   5    N  N   . HIS A 1 2   ? -20.211 10.105  -18.203 1.00 14.47 ? 541 HIS A N   1 
ATOM   6    C  CA  . HIS A 1 2   ? -19.012 10.883  -18.401 1.00 15.84 ? 541 HIS A CA  1 
ATOM   7    C  C   . HIS A 1 2   ? -18.226 11.220  -17.130 1.00 15.02 ? 541 HIS A C   1 
ATOM   8    O  O   . HIS A 1 2   ? -17.020 11.328  -17.226 1.00 15.72 ? 541 HIS A O   1 
ATOM   9    C  CB  . HIS A 1 2   ? -19.333 12.171  -19.212 1.00 15.28 ? 541 HIS A CB  1 
ATOM   10   C  CG  . HIS A 1 2   ? -19.716 11.859  -20.608 1.00 15.82 ? 541 HIS A CG  1 
ATOM   11   N  ND1 . HIS A 1 2   ? -21.030 11.859  -21.038 1.00 17.37 ? 541 HIS A ND1 1 
ATOM   12   C  CD2 . HIS A 1 2   ? -18.965 11.458  -21.667 1.00 16.98 ? 541 HIS A CD2 1 
ATOM   13   C  CE1 . HIS A 1 2   ? -21.076 11.467  -22.303 1.00 16.99 ? 541 HIS A CE1 1 
ATOM   14   N  NE2 . HIS A 1 2   ? -19.843 11.209  -22.706 1.00 21.68 ? 541 HIS A NE2 1 
ATOM   15   N  N   . HIS A 1 3   ? -18.880 11.428  -15.977 1.00 13.04 ? 542 HIS A N   1 
ATOM   16   C  CA  . HIS A 1 3   ? -18.151 11.815  -14.765 1.00 13.34 ? 542 HIS A CA  1 
ATOM   17   C  C   . HIS A 1 3   ? -17.250 10.684  -14.218 1.00 14.70 ? 542 HIS A C   1 
ATOM   18   O  O   . HIS A 1 3   ? -16.045 10.820  -14.122 1.00 11.97 ? 542 HIS A O   1 
ATOM   19   C  CB  . HIS A 1 3   ? -19.134 12.316  -13.684 1.00 14.68 ? 542 HIS A CB  1 
ATOM   20   C  CG  . HIS A 1 3   ? -19.696 13.655  -14.008 1.00 13.25 ? 542 HIS A CG  1 
ATOM   21   N  ND1 . HIS A 1 3   ? -20.885 13.825  -14.706 1.00 18.13 ? 542 HIS A ND1 1 
ATOM   22   C  CD2 . HIS A 1 3   ? -19.148 14.883  -13.898 1.00 6.26  ? 542 HIS A CD2 1 
ATOM   23   C  CE1 . HIS A 1 3   ? -21.092 15.118  -14.932 1.00 11.53 ? 542 HIS A CE1 1 
ATOM   24   N  NE2 . HIS A 1 3   ? -20.055 15.783  -14.448 1.00 14.96 ? 542 HIS A NE2 1 
ATOM   25   N  N   . HIS A 1 4   ? -17.876 9.561   -13.868 1.00 14.93 ? 543 HIS A N   1 
ATOM   26   C  CA  . HIS A 1 4   ? -17.122 8.360   -13.473 1.00 17.56 ? 543 HIS A CA  1 
ATOM   27   C  C   . HIS A 1 4   ? -16.157 7.897   -14.582 1.00 17.52 ? 543 HIS A C   1 
ATOM   28   O  O   . HIS A 1 4   ? -15.009 7.575   -14.297 1.00 17.97 ? 543 HIS A O   1 
ATOM   29   C  CB  . HIS A 1 4   ? -18.091 7.260   -13.085 1.00 16.39 ? 543 HIS A CB  1 
ATOM   30   C  CG  . HIS A 1 4   ? -17.420 6.068   -12.482 1.00 17.94 ? 543 HIS A CG  1 
ATOM   31   N  ND1 . HIS A 1 4   ? -17.228 4.886   -13.180 1.00 19.09 ? 543 HIS A ND1 1 
ATOM   32   C  CD2 . HIS A 1 4   ? -16.890 5.884   -11.250 1.00 16.00 ? 543 HIS A CD2 1 
ATOM   33   C  CE1 . HIS A 1 4   ? -16.598 4.023   -12.403 1.00 17.00 ? 543 HIS A CE1 1 
ATOM   34   N  NE2 . HIS A 1 4   ? -16.431 4.583   -11.214 1.00 19.49 ? 543 HIS A NE2 1 
ATOM   35   N  N   . HIS A 1 5   ? -16.582 7.910   -15.844 1.00 17.69 ? 544 HIS A N   1 
ATOM   36   C  CA  . HIS A 1 5   ? -15.703 7.547   -16.959 1.00 17.93 ? 544 HIS A CA  1 
ATOM   37   C  C   . HIS A 1 5   ? -14.399 8.353   -17.021 1.00 17.46 ? 544 HIS A C   1 
ATOM   38   O  O   . HIS A 1 5   ? -13.294 7.814   -17.076 1.00 17.79 ? 544 HIS A O   1 
ATOM   39   C  CB  . HIS A 1 5   ? -16.435 7.703   -18.333 1.00 19.35 ? 544 HIS A CB  1 
ATOM   40   C  CG  . HIS A 1 5   ? -15.514 7.568   -19.490 1.00 24.38 ? 544 HIS A CG  1 
ATOM   41   N  ND1 . HIS A 1 5   ? -15.017 6.350   -19.901 1.00 25.73 ? 544 HIS A ND1 1 
ATOM   42   C  CD2 . HIS A 1 5   ? -14.911 8.506   -20.263 1.00 27.31 ? 544 HIS A CD2 1 
ATOM   43   C  CE1 . HIS A 1 5   ? -14.165 6.539   -20.890 1.00 29.85 ? 544 HIS A CE1 1 
ATOM   44   N  NE2 . HIS A 1 5   ? -14.070 7.836   -21.118 1.00 28.90 ? 544 HIS A NE2 1 
ATOM   45   N  N   . HIS A 1 6   ? -14.534 9.659   -17.080 1.00 17.91 ? 545 HIS A N   1 
ATOM   46   C  CA  . HIS A 1 6   ? -13.368 10.531  -17.194 1.00 18.21 ? 545 HIS A CA  1 
ATOM   47   C  C   . HIS A 1 6   ? -12.480 10.421  -15.930 1.00 17.34 ? 545 HIS A C   1 
ATOM   48   O  O   . HIS A 1 6   ? -11.251 10.433  -16.039 1.00 17.30 ? 545 HIS A O   1 
ATOM   49   C  CB  . HIS A 1 6   ? -13.776 11.984  -17.451 1.00 15.95 ? 545 HIS A CB  1 
ATOM   50   C  CG  . HIS A 1 6   ? -12.595 12.877  -17.659 1.00 19.59 ? 545 HIS A CG  1 
ATOM   51   N  ND1 . HIS A 1 6   ? -11.673 12.646  -18.655 1.00 17.39 ? 545 HIS A ND1 1 
ATOM   52   C  CD2 . HIS A 1 6   ? -12.147 13.956  -16.968 1.00 20.95 ? 545 HIS A CD2 1 
ATOM   53   C  CE1 . HIS A 1 6   ? -10.719 13.570  -18.585 1.00 19.05 ? 545 HIS A CE1 1 
ATOM   54   N  NE2 . HIS A 1 6   ? -10.992 14.385  -17.585 1.00 21.84 ? 545 HIS A NE2 1 
ATOM   55   N  N   . HIS A 1 7   ? -13.115 10.295  -14.758 1.00 16.85 ? 546 HIS A N   1 
ATOM   56   C  CA  . HIS A 1 7   ? -12.375 10.156  -13.511 1.00 15.67 ? 546 HIS A CA  1 
ATOM   57   C  C   . HIS A 1 7   ? -11.591 8.834   -13.431 1.00 15.30 ? 546 HIS A C   1 
ATOM   58   O  O   . HIS A 1 7   ? -10.452 8.852   -13.040 1.00 12.62 ? 546 HIS A O   1 
ATOM   59   C  CB  . HIS A 1 7   ? -13.237 10.402  -12.288 1.00 16.35 ? 546 HIS A CB  1 
ATOM   60   C  CG  . HIS A 1 7   ? -12.432 10.495  -11.005 1.00 20.58 ? 546 HIS A CG  1 
ATOM   61   N  ND1 . HIS A 1 7   ? -11.420 11.414  -10.825 1.00 21.40 ? 546 HIS A ND1 1 
ATOM   62   C  CD2 . HIS A 1 7   ? -12.461 9.736   -9.876  1.00 22.20 ? 546 HIS A CD2 1 
ATOM   63   C  CE1 . HIS A 1 7   ? -10.875 11.234  -9.634  1.00 23.18 ? 546 HIS A CE1 1 
ATOM   64   N  NE2 . HIS A 1 7   ? -11.483 10.220  -9.040  1.00 24.98 ? 546 HIS A NE2 1 
HETATM 65   N  N   . MSE A 1 8   ? -12.212 7.697   -13.815 1.00 15.59 ? 547 MSE A N   1 
HETATM 66   C  CA  . MSE A 1 8   ? -11.491 6.429   -13.855 1.00 16.21 ? 547 MSE A CA  1 
HETATM 67   C  C   . MSE A 1 8   ? -10.312 6.527   -14.832 1.00 16.94 ? 547 MSE A C   1 
HETATM 68   O  O   . MSE A 1 8   ? -9.239  6.023   -14.507 1.00 15.72 ? 547 MSE A O   1 
HETATM 69   C  CB  . MSE A 1 8   ? -12.401 5.284   -14.283 1.00 18.24 ? 547 MSE A CB  1 
HETATM 70   C  CG  . MSE A 1 8   ? -13.404 4.897   -13.251 1.00 20.68 ? 547 MSE A CG  1 
HETATM 71   SE SE  . MSE A 1 8   ? -12.632 4.561   -11.475 1.00 36.88 ? 547 MSE A SE  1 
HETATM 72   C  CE  . MSE A 1 8   ? -12.990 6.099   -10.338 1.00 24.11 ? 547 MSE A CE  1 
ATOM   73   N  N   . ASP A 1 9   ? -10.506 7.231   -15.974 1.00 14.90 ? 548 ASP A N   1 
ATOM   74   C  CA  . ASP A 1 9   ? -9.442  7.493   -16.953 1.00 15.15 ? 548 ASP A CA  1 
ATOM   75   C  C   . ASP A 1 9   ? -8.319  8.315   -16.323 1.00 14.40 ? 548 ASP A C   1 
ATOM   76   O  O   . ASP A 1 9   ? -7.128  7.946   -16.470 1.00 13.79 ? 548 ASP A O   1 
ATOM   77   C  CB  . ASP A 1 9   ? -9.966  8.251   -18.204 1.00 15.83 ? 548 ASP A CB  1 
ATOM   78   C  CG  . ASP A 1 9   ? -10.640 7.329   -19.277 1.00 20.02 ? 548 ASP A CG  1 
ATOM   79   O  OD1 . ASP A 1 9   ? -10.684 6.063   -19.132 1.00 23.30 ? 548 ASP A OD1 1 
ATOM   80   O  OD2 . ASP A 1 9   ? -11.147 7.906   -20.294 1.00 25.93 ? 548 ASP A OD2 1 
ATOM   81   N  N   . ASP A 1 10  ? -8.675  9.412   -15.634 1.00 12.91 ? 549 ASP A N   1 
ATOM   82   C  CA  . ASP A 1 10  ? -7.677  10.214  -14.934 1.00 12.18 ? 549 ASP A CA  1 
ATOM   83   C  C   . ASP A 1 10  ? -6.847  9.392   -13.937 1.00 12.34 ? 549 ASP A C   1 
ATOM   84   O  O   . ASP A 1 10  ? -5.583  9.528   -13.874 1.00 10.97 ? 549 ASP A O   1 
ATOM   85   C  CB  . ASP A 1 10  ? -8.262  11.423  -14.224 1.00 12.13 ? 549 ASP A CB  1 
ATOM   86   C  CG  . ASP A 1 10  ? -8.723  12.537  -15.216 1.00 13.42 ? 549 ASP A CG  1 
ATOM   87   O  OD1 . ASP A 1 10  ? -8.404  12.433  -16.390 1.00 18.19 ? 549 ASP A OD1 1 
ATOM   88   O  OD2 . ASP A 1 10  ? -9.406  13.482  -14.817 1.00 15.31 ? 549 ASP A OD2 1 
ATOM   89   N  N   . ILE A 1 11  ? -7.531  8.603   -13.120 1.00 11.67 ? 550 ILE A N   1 
ATOM   90   C  CA  . ILE A 1 11  ? -6.834  7.833   -12.062 1.00 11.77 ? 550 ILE A CA  1 
ATOM   91   C  C   . ILE A 1 11  ? -5.837  6.880   -12.708 1.00 11.74 ? 550 ILE A C   1 
ATOM   92   O  O   . ILE A 1 11  ? -4.707  6.728   -12.211 1.00 12.00 ? 550 ILE A O   1 
ATOM   93   C  CB  . ILE A 1 11  ? -7.779  7.078   -11.103 1.00 13.08 ? 550 ILE A CB  1 
ATOM   94   C  CG1 . ILE A 1 11  ? -8.488  8.023   -10.124 1.00 13.43 ? 550 ILE A CG1 1 
ATOM   95   C  CG2 . ILE A 1 11  ? -6.948  6.105   -10.176 1.00 16.17 ? 550 ILE A CG2 1 
ATOM   96   C  CD1 . ILE A 1 11  ? -9.825  7.348   -9.463  1.00 17.72 ? 550 ILE A CD1 1 
ATOM   97   N  N   . LYS A 1 12  ? -6.260  6.232   -13.796 1.00 9.40  ? 551 LYS A N   1 
ATOM   98   C  CA  . LYS A 1 12  ? -5.352  5.369   -14.545 1.00 11.79 ? 551 LYS A CA  1 
ATOM   99   C  C   . LYS A 1 12  ? -4.081  6.081   -15.026 1.00 11.84 ? 551 LYS A C   1 
ATOM   100  O  O   . LYS A 1 12  ? -2.960  5.572   -14.875 1.00 12.84 ? 551 LYS A O   1 
ATOM   101  C  CB  . LYS A 1 12  ? -6.098  4.818   -15.763 1.00 13.02 ? 551 LYS A CB  1 
ATOM   102  C  CG  . LYS A 1 12  ? -5.212  3.946   -16.669 1.00 18.89 ? 551 LYS A CG  1 
ATOM   103  C  CD  . LYS A 1 12  ? -6.158  2.934   -17.409 1.00 27.74 ? 551 LYS A CD  1 
ATOM   104  C  CE  . LYS A 1 12  ? -5.408  2.016   -18.394 1.00 32.34 ? 551 LYS A CE  1 
ATOM   105  N  NZ  . LYS A 1 12  ? -4.857  2.774   -19.543 1.00 30.20 ? 551 LYS A NZ  1 
ATOM   106  N  N   . VAL A 1 13  ? -4.237  7.216   -15.700 1.00 11.16 ? 552 VAL A N   1 
ATOM   107  C  CA  . VAL A 1 13  ? -3.043  7.957   -16.175 1.00 11.66 ? 552 VAL A CA  1 
ATOM   108  C  C   . VAL A 1 13  ? -2.209  8.431   -15.009 1.00 11.56 ? 552 VAL A C   1 
ATOM   109  O  O   . VAL A 1 13  ? -0.972  8.232   -15.006 1.00 10.58 ? 552 VAL A O   1 
ATOM   110  C  CB  . VAL A 1 13  ? -3.413  9.130   -17.096 1.00 11.79 ? 552 VAL A CB  1 
ATOM   111  C  CG1 . VAL A 1 13  ? -2.099  9.840   -17.627 1.00 12.22 ? 552 VAL A CG1 1 
ATOM   112  C  CG2 . VAL A 1 13  ? -4.255  8.575   -18.289 1.00 10.81 ? 552 VAL A CG2 1 
ATOM   113  N  N   . PHE A 1 14  ? -2.857  9.047   -14.010 1.00 9.76  ? 553 PHE A N   1 
ATOM   114  C  CA  . PHE A 1 14  ? -2.187  9.400   -12.768 1.00 12.08 ? 553 PHE A CA  1 
ATOM   115  C  C   . PHE A 1 14  ? -1.393  8.272   -12.157 1.00 12.36 ? 553 PHE A C   1 
ATOM   116  O  O   . PHE A 1 14  ? -0.258  8.478   -11.700 1.00 12.09 ? 553 PHE A O   1 
ATOM   117  C  CB  . PHE A 1 14  ? -3.193  9.940   -11.716 1.00 11.30 ? 553 PHE A CB  1 
ATOM   118  C  CG  . PHE A 1 14  ? -2.588  10.173  -10.359 1.00 12.58 ? 553 PHE A CG  1 
ATOM   119  C  CD1 . PHE A 1 14  ? -2.751  9.243   -9.328  1.00 12.40 ? 553 PHE A CD1 1 
ATOM   120  C  CD2 . PHE A 1 14  ? -1.851  11.338  -10.095 1.00 12.09 ? 553 PHE A CD2 1 
ATOM   121  C  CE1 . PHE A 1 14  ? -2.152  9.494   -8.012  1.00 10.24 ? 553 PHE A CE1 1 
ATOM   122  C  CE2 . PHE A 1 14  ? -1.319  11.580  -8.820  1.00 9.54  ? 553 PHE A CE2 1 
ATOM   123  C  CZ  . PHE A 1 14  ? -1.490  10.665  -7.779  1.00 10.59 ? 553 PHE A CZ  1 
ATOM   124  N  N   . GLN A 1 15  ? -1.959  7.048   -12.140 1.00 12.85 ? 554 GLN A N   1 
ATOM   125  C  CA  . GLN A 1 15  ? -1.222  5.935   -11.501 1.00 12.92 ? 554 GLN A CA  1 
ATOM   126  C  C   . GLN A 1 15  ? 0.020   5.540   -12.356 1.00 12.95 ? 554 GLN A C   1 
ATOM   127  O  O   . GLN A 1 15  ? 1.127   5.190   -11.840 1.00 13.82 ? 554 GLN A O   1 
ATOM   128  C  CB  . GLN A 1 15  ? -2.159  4.747   -11.246 1.00 13.83 ? 554 GLN A CB  1 
ATOM   129  C  CG  . GLN A 1 15  ? -1.437  3.454   -10.867 1.00 12.86 ? 554 GLN A CG  1 
ATOM   130  C  CD  . GLN A 1 15  ? -2.407  2.433   -10.289 1.00 18.89 ? 554 GLN A CD  1 
ATOM   131  O  OE1 . GLN A 1 15  ? -3.557  2.761   -9.970  1.00 16.60 ? 554 GLN A OE1 1 
ATOM   132  N  NE2 . GLN A 1 15  ? -1.936  1.204   -10.121 1.00 16.61 ? 554 GLN A NE2 1 
ATOM   133  N  N   . ASN A 1 16  ? -0.146  5.616   -13.658 1.00 11.66 ? 555 ASN A N   1 
ATOM   134  C  CA  . ASN A 1 16  ? 0.959   5.373   -14.574 1.00 12.45 ? 555 ASN A CA  1 
ATOM   135  C  C   . ASN A 1 16  ? 2.125   6.353   -14.362 1.00 9.92  ? 555 ASN A C   1 
ATOM   136  O  O   . ASN A 1 16  ? 3.284   5.930   -14.414 1.00 9.01  ? 555 ASN A O   1 
ATOM   137  C  CB  . ASN A 1 16  ? 0.472   5.346   -16.056 1.00 14.34 ? 555 ASN A CB  1 
ATOM   138  C  CG  . ASN A 1 16  ? -0.388  4.101   -16.383 1.00 20.12 ? 555 ASN A CG  1 
ATOM   139  O  OD1 . ASN A 1 16  ? -1.193  4.098   -17.320 1.00 30.04 ? 555 ASN A OD1 1 
ATOM   140  N  ND2 . ASN A 1 16  ? -0.258  3.062   -15.551 1.00 28.71 ? 555 ASN A ND2 1 
ATOM   141  N  N   . GLU A 1 17  ? 1.817   7.644   -14.171 1.00 10.34 ? 556 GLU A N   1 
ATOM   142  C  CA  . GLU A 1 17  ? 2.805   8.657   -13.807 1.00 9.50  ? 556 GLU A CA  1 
ATOM   143  C  C   . GLU A 1 17  ? 3.456   8.445   -12.412 1.00 10.33 ? 556 GLU A C   1 
ATOM   144  O  O   . GLU A 1 17  ? 4.659   8.624   -12.265 1.00 9.16  ? 556 GLU A O   1 
ATOM   145  C  CB  . GLU A 1 17  ? 2.225   10.059  -13.938 1.00 11.69 ? 556 GLU A CB  1 
ATOM   146  C  CG  . GLU A 1 17  ? 1.727   10.389  -15.366 1.00 13.63 ? 556 GLU A CG  1 
ATOM   147  C  CD  . GLU A 1 17  ? 2.875   10.271  -16.429 1.00 17.44 ? 556 GLU A CD  1 
ATOM   148  O  OE1 . GLU A 1 17  ? 4.060   10.381  -16.056 1.00 11.29 ? 556 GLU A OE1 1 
ATOM   149  O  OE2 . GLU A 1 17  ? 2.582   10.114  -17.646 1.00 16.36 ? 556 GLU A OE2 1 
ATOM   150  N  N   . VAL A 1 18  ? 2.692   7.998   -11.421 1.00 7.89  ? 557 VAL A N   1 
ATOM   151  C  CA  . VAL A 1 18  ? 3.254   7.668   -10.121 1.00 8.24  ? 557 VAL A CA  1 
ATOM   152  C  C   . VAL A 1 18  ? 4.245   6.495   -10.282 1.00 7.65  ? 557 VAL A C   1 
ATOM   153  O  O   . VAL A 1 18  ? 5.351   6.575   -9.766  1.00 7.65  ? 557 VAL A O   1 
ATOM   154  C  CB  . VAL A 1 18  ? 2.196   7.352   -9.042  1.00 5.61  ? 557 VAL A CB  1 
ATOM   155  C  CG1 . VAL A 1 18  ? 2.884   6.903   -7.778  1.00 4.57  ? 557 VAL A CG1 1 
ATOM   156  C  CG2 . VAL A 1 18  ? 1.366   8.648   -8.708  1.00 5.58  ? 557 VAL A CG2 1 
ATOM   157  N  N   . LEU A 1 19  ? 3.903   5.487   -11.099 1.00 7.34  ? 558 LEU A N   1 
ATOM   158  C  CA  . LEU A 1 19  ? 4.872   4.430   -11.423 1.00 9.45  ? 558 LEU A CA  1 
ATOM   159  C  C   . LEU A 1 19  ? 6.169   4.976   -12.038 1.00 10.81 ? 558 LEU A C   1 
ATOM   160  O  O   . LEU A 1 19  ? 7.234   4.587   -11.631 1.00 9.24  ? 558 LEU A O   1 
ATOM   161  C  CB  . LEU A 1 19  ? 4.293   3.298   -12.344 1.00 9.77  ? 558 LEU A CB  1 
ATOM   162  C  CG  . LEU A 1 19  ? 5.172   2.070   -12.634 1.00 8.91  ? 558 LEU A CG  1 
ATOM   163  C  CD1 . LEU A 1 19  ? 5.577   1.436   -11.329 1.00 12.27 ? 558 LEU A CD1 1 
ATOM   164  C  CD2 . LEU A 1 19  ? 4.468   1.026   -13.573 1.00 8.60  ? 558 LEU A CD2 1 
ATOM   165  N  N   . GLY A 1 20  ? 6.025   5.836   -13.058 1.00 11.93 ? 559 GLY A N   1 
ATOM   166  C  CA  . GLY A 1 20  ? 7.162   6.403   -13.831 1.00 10.11 ? 559 GLY A CA  1 
ATOM   167  C  C   . GLY A 1 20  ? 8.056   7.162   -12.854 1.00 11.31 ? 559 GLY A C   1 
ATOM   168  O  O   . GLY A 1 20  ? 9.255   7.037   -12.941 1.00 9.36  ? 559 GLY A O   1 
ATOM   169  N  N   . THR A 1 21  ? 7.463   7.928   -11.938 1.00 10.07 ? 560 THR A N   1 
ATOM   170  C  CA  . THR A 1 21  ? 8.181   8.679   -10.903 1.00 9.56  ? 560 THR A CA  1 
ATOM   171  C  C   . THR A 1 21  ? 8.974   7.768   -9.964  1.00 11.09 ? 560 THR A C   1 
ATOM   172  O  O   . THR A 1 21  ? 10.144  8.012   -9.710  1.00 7.66  ? 560 THR A O   1 
ATOM   173  C  CB  . THR A 1 21  ? 7.187   9.547   -10.088 1.00 11.35 ? 560 THR A CB  1 
ATOM   174  O  OG1 . THR A 1 21  ? 6.730   10.613  -10.966 1.00 11.10 ? 560 THR A OG1 1 
ATOM   175  C  CG2 . THR A 1 21  ? 7.873   10.170  -8.774  1.00 11.62 ? 560 THR A CG2 1 
ATOM   176  N  N   . LEU A 1 22  ? 8.349   6.679   -9.519  1.00 8.88  ? 561 LEU A N   1 
ATOM   177  C  CA  . LEU A 1 22  ? 9.013   5.738   -8.655  1.00 11.57 ? 561 LEU A CA  1 
ATOM   178  C  C   . LEU A 1 22  ? 10.028  4.831   -9.337  1.00 11.78 ? 561 LEU A C   1 
ATOM   179  O  O   . LEU A 1 22  ? 11.014  4.471   -8.704  1.00 12.20 ? 561 LEU A O   1 
ATOM   180  C  CB  . LEU A 1 22  ? 7.990   4.927   -7.839  1.00 12.02 ? 561 LEU A CB  1 
ATOM   181  C  CG  . LEU A 1 22  ? 7.097   5.823   -6.935  1.00 11.44 ? 561 LEU A CG  1 
ATOM   182  C  CD1 . LEU A 1 22  ? 6.023   4.952   -6.185  1.00 12.75 ? 561 LEU A CD1 1 
ATOM   183  C  CD2 . LEU A 1 22  ? 7.903   6.632   -5.893  1.00 13.15 ? 561 LEU A CD2 1 
ATOM   184  N  N   . GLN A 1 23  ? 9.816   4.478   -10.604 1.00 11.88 ? 562 GLN A N   1 
ATOM   185  C  CA  . GLN A 1 23  ? 10.879  3.802   -11.382 1.00 11.64 ? 562 GLN A CA  1 
ATOM   186  C  C   . GLN A 1 23  ? 12.139  4.666   -11.417 1.00 12.10 ? 562 GLN A C   1 
ATOM   187  O  O   . GLN A 1 23  ? 13.257  4.153   -11.160 1.00 12.22 ? 562 GLN A O   1 
ATOM   188  C  CB  . GLN A 1 23  ? 10.430  3.451   -12.804 1.00 11.06 ? 562 GLN A CB  1 
ATOM   189  C  CG  . GLN A 1 23  ? 9.264   2.395   -12.833 1.00 9.25  ? 562 GLN A CG  1 
ATOM   190  C  CD  . GLN A 1 23  ? 8.722   2.229   -14.236 1.00 10.34 ? 562 GLN A CD  1 
ATOM   191  O  OE1 . GLN A 1 23  ? 8.784   3.164   -15.009 1.00 7.39  ? 562 GLN A OE1 1 
ATOM   192  N  NE2 . GLN A 1 23  ? 8.195   1.036   -14.576 1.00 13.62 ? 562 GLN A NE2 1 
ATOM   193  N  N   . ARG A 1 24  ? 11.948  5.949   -11.728 1.00 11.56 ? 563 ARG A N   1 
ATOM   194  C  CA  . ARG A 1 24  ? 13.043  6.931   -11.730 1.00 11.40 ? 563 ARG A CA  1 
ATOM   195  C  C   . ARG A 1 24  ? 13.609  7.081   -10.347 1.00 12.61 ? 563 ARG A C   1 
ATOM   196  O  O   . ARG A 1 24  ? 14.833  7.196   -10.207 1.00 12.88 ? 563 ARG A O   1 
ATOM   197  C  CB  . ARG A 1 24  ? 12.616  8.294   -12.270 1.00 11.84 ? 563 ARG A CB  1 
ATOM   198  C  CG  . ARG A 1 24  ? 12.255  8.370   -13.773 1.00 14.02 ? 563 ARG A CG  1 
ATOM   199  C  CD  . ARG A 1 24  ? 12.339  9.865   -14.179 1.00 20.68 ? 563 ARG A CD  1 
ATOM   200  N  NE  . ARG A 1 24  ? 11.176  10.427  -13.691 1.00 23.74 ? 563 ARG A NE  1 
ATOM   201  C  CZ  . ARG A 1 24  ? 11.013  11.398  -12.833 1.00 15.98 ? 563 ARG A CZ  1 
ATOM   202  N  NH1 . ARG A 1 24  ? 11.961  12.209  -12.395 1.00 10.50 ? 563 ARG A NH1 1 
ATOM   203  N  NH2 . ARG A 1 24  ? 9.747   11.575  -12.521 1.00 16.86 ? 563 ARG A NH2 1 
ATOM   204  N  N   . GLY A 1 25  ? 12.766  7.049   -9.309  1.00 12.86 ? 564 GLY A N   1 
ATOM   205  C  CA  . GLY A 1 25  ? 13.235  7.252   -7.969  1.00 11.97 ? 564 GLY A CA  1 
ATOM   206  C  C   . GLY A 1 25  ? 14.119  6.108   -7.535  1.00 14.61 ? 564 GLY A C   1 
ATOM   207  O  O   . GLY A 1 25  ? 15.195  6.310   -6.925  1.00 15.37 ? 564 GLY A O   1 
ATOM   208  N  N   . LYS A 1 26  ? 13.696  4.879   -7.867  1.00 13.13 ? 565 LYS A N   1 
ATOM   209  C  CA  . LYS A 1 26  ? 14.507  3.742   -7.562  1.00 12.60 ? 565 LYS A CA  1 
ATOM   210  C  C   . LYS A 1 26  ? 15.864  3.722   -8.343  1.00 13.72 ? 565 LYS A C   1 
ATOM   211  O  O   . LYS A 1 26  ? 16.916  3.351   -7.781  1.00 14.43 ? 565 LYS A O   1 
ATOM   212  C  CB  . LYS A 1 26  ? 13.691  2.489   -7.839  1.00 10.95 ? 565 LYS A CB  1 
ATOM   213  C  CG  . LYS A 1 26  ? 14.544  1.186   -7.655  1.00 14.11 ? 565 LYS A CG  1 
ATOM   214  C  CD  . LYS A 1 26  ? 13.701  -0.041  -7.811  1.00 15.27 ? 565 LYS A CD  1 
ATOM   215  C  CE  . LYS A 1 26  ? 14.430  -1.253  -8.314  1.00 18.94 ? 565 LYS A CE  1 
ATOM   216  N  NZ  . LYS A 1 26  ? 15.244  -1.915  -7.184  1.00 15.45 ? 565 LYS A NZ  1 
ATOM   217  N  N   . GLU A 1 27  ? 15.860  4.126   -9.616  1.00 12.29 ? 566 GLU A N   1 
ATOM   218  C  CA  . GLU A 1 27  ? 17.078  4.072   -10.405 1.00 12.80 ? 566 GLU A CA  1 
ATOM   219  C  C   . GLU A 1 27  ? 18.066  5.161   -9.893  1.00 13.81 ? 566 GLU A C   1 
ATOM   220  O  O   . GLU A 1 27  ? 19.285  4.914   -9.818  1.00 12.32 ? 566 GLU A O   1 
ATOM   221  C  CB  . GLU A 1 27  ? 16.800  4.272   -11.886 1.00 12.91 ? 566 GLU A CB  1 
ATOM   222  C  CG  . GLU A 1 27  ? 18.037  4.182   -12.773 1.00 13.73 ? 566 GLU A CG  1 
ATOM   223  C  CD  . GLU A 1 27  ? 17.762  4.469   -14.260 1.00 15.44 ? 566 GLU A CD  1 
ATOM   224  O  OE1 . GLU A 1 27  ? 17.418  3.506   -15.010 1.00 13.87 ? 566 GLU A OE1 1 
ATOM   225  O  OE2 . GLU A 1 27  ? 17.824  5.663   -14.667 1.00 12.76 ? 566 GLU A OE2 1 
ATOM   226  N  N   . GLU A 1 28  ? 17.526  6.337   -9.535  1.00 11.89 ? 567 GLU A N   1 
ATOM   227  C  CA  . GLU A 1 28  ? 18.337  7.513   -9.194  1.00 14.64 ? 567 GLU A CA  1 
ATOM   228  C  C   . GLU A 1 28  ? 18.559  7.755   -7.710  1.00 14.99 ? 567 GLU A C   1 
ATOM   229  O  O   . GLU A 1 28  ? 19.408  8.584   -7.308  1.00 13.83 ? 567 GLU A O   1 
ATOM   230  C  CB  . GLU A 1 28  ? 17.740  8.785   -9.843  1.00 13.59 ? 567 GLU A CB  1 
ATOM   231  C  CG  . GLU A 1 28  ? 17.646  8.707   -11.370 1.00 15.24 ? 567 GLU A CG  1 
ATOM   232  C  CD  . GLU A 1 28  ? 16.911  9.892   -11.965 1.00 18.12 ? 567 GLU A CD  1 
ATOM   233  O  OE1 . GLU A 1 28  ? 16.776  10.938  -11.298 1.00 18.32 ? 567 GLU A OE1 1 
ATOM   234  O  OE2 . GLU A 1 28  ? 16.418  9.773   -13.072 1.00 20.89 ? 567 GLU A OE2 1 
ATOM   235  N  N   . ASN A 1 29  ? 17.825  7.023   -6.888  1.00 15.67 ? 568 ASN A N   1 
ATOM   236  C  CA  . ASN A 1 29  ? 17.640  7.368   -5.498  1.00 17.08 ? 568 ASN A CA  1 
ATOM   237  C  C   . ASN A 1 29  ? 17.203  8.829   -5.300  1.00 16.99 ? 568 ASN A C   1 
ATOM   238  O  O   . ASN A 1 29  ? 17.768  9.524   -4.455  1.00 15.37 ? 568 ASN A O   1 
ATOM   239  C  CB  . ASN A 1 29  ? 18.888  7.068   -4.662  1.00 19.47 ? 568 ASN A CB  1 
ATOM   240  C  CG  . ASN A 1 29  ? 19.204  5.537   -4.576  1.00 22.89 ? 568 ASN A CG  1 
ATOM   241  O  OD1 . ASN A 1 29  ? 18.344  4.658   -4.846  1.00 24.54 ? 568 ASN A OD1 1 
ATOM   242  N  ND2 . ASN A 1 29  ? 20.453  5.229   -4.153  1.00 28.27 ? 568 ASN A ND2 1 
ATOM   243  N  N   . ILE A 1 30  ? 16.174  9.243   -6.055  1.00 14.65 ? 569 ILE A N   1 
ATOM   244  C  CA  . ILE A 1 30  ? 15.526  10.554  -5.864  1.00 12.76 ? 569 ILE A CA  1 
ATOM   245  C  C   . ILE A 1 30  ? 15.063  10.695  -4.386  1.00 13.06 ? 569 ILE A C   1 
ATOM   246  O  O   . ILE A 1 30  ? 14.541  9.776   -3.807  1.00 12.71 ? 569 ILE A O   1 
ATOM   247  C  CB  . ILE A 1 30  ? 14.349  10.720  -6.855  1.00 12.91 ? 569 ILE A CB  1 
ATOM   248  C  CG1 . ILE A 1 30  ? 14.813  10.543  -8.296  1.00 13.09 ? 569 ILE A CG1 1 
ATOM   249  C  CG2 . ILE A 1 30  ? 13.564  12.051  -6.699  1.00 8.34  ? 569 ILE A CG2 1 
ATOM   250  C  CD1 . ILE A 1 30  ? 13.641  10.623  -9.281  1.00 12.48 ? 569 ILE A CD1 1 
ATOM   251  N  N   . SER A 1 31  ? 15.268  11.855  -3.798  1.00 12.55 ? 570 SER A N   1 
ATOM   252  C  CA  . SER A 1 31  ? 14.913  12.066  -2.409  1.00 14.65 ? 570 SER A CA  1 
ATOM   253  C  C   . SER A 1 31  ? 13.412  12.010  -2.221  1.00 14.34 ? 570 SER A C   1 
ATOM   254  O  O   . SER A 1 31  ? 12.648  12.299  -3.154  1.00 13.16 ? 570 SER A O   1 
ATOM   255  C  CB  . SER A 1 31  ? 15.351  13.420  -1.970  1.00 15.42 ? 570 SER A CB  1 
ATOM   256  O  OG  . SER A 1 31  ? 14.648  14.404  -2.704  1.00 14.67 ? 570 SER A OG  1 
ATOM   257  N  N   . CYS A 1 32  ? 13.018  11.636  -1.006  1.00 15.42 ? 571 CYS A N   1 
ATOM   258  C  CA  . CYS A 1 32  ? 11.613  11.622  -0.640  1.00 16.43 ? 571 CYS A CA  1 
ATOM   259  C  C   . CYS A 1 32  ? 10.921  13.008  -0.868  1.00 15.85 ? 571 CYS A C   1 
ATOM   260  O  O   . CYS A 1 32  ? 9.783   13.056  -1.370  1.00 13.35 ? 571 CYS A O   1 
ATOM   261  C  CB  . CYS A 1 32  ? 11.425  10.992  0.744   1.00 17.61 ? 571 CYS A CB  1 
ATOM   262  S  SG  . CYS A 1 32  ? 11.771  9.173   0.620   1.00 20.82 ? 571 CYS A SG  1 
ATOM   263  N  N   . ASP A 1 33  ? 11.637  14.100  -0.567  1.00 14.99 ? 572 ASP A N   1 
ATOM   264  C  CA  . ASP A 1 33  ? 11.104  15.428  -0.751  1.00 14.17 ? 572 ASP A CA  1 
ATOM   265  C  C   . ASP A 1 33  ? 10.789  15.717  -2.212  1.00 14.29 ? 572 ASP A C   1 
ATOM   266  O  O   . ASP A 1 33  ? 9.737   16.327  -2.548  1.00 11.23 ? 572 ASP A O   1 
ATOM   267  C  CB  . ASP A 1 33  ? 12.108  16.494  -0.272  1.00 16.73 ? 572 ASP A CB  1 
ATOM   268  C  CG  . ASP A 1 33  ? 12.096  16.688  1.243   1.00 18.90 ? 572 ASP A CG  1 
ATOM   269  O  OD1 . ASP A 1 33  ? 11.230  16.099  1.952   1.00 16.10 ? 572 ASP A OD1 1 
ATOM   270  O  OD2 . ASP A 1 33  ? 12.944  17.485  1.676   1.00 19.23 ? 572 ASP A OD2 1 
ATOM   271  N  N   . ASN A 1 34  ? 11.740  15.367  -3.093  1.00 12.39 ? 573 ASN A N   1 
ATOM   272  C  CA  . ASN A 1 34  ? 11.465  15.510  -4.559  1.00 11.73 ? 573 ASN A CA  1 
ATOM   273  C  C   . ASN A 1 34  ? 10.420  14.585  -5.117  1.00 10.42 ? 573 ASN A C   1 
ATOM   274  O  O   . ASN A 1 34  ? 9.648   14.966  -6.041  1.00 8.35  ? 573 ASN A O   1 
ATOM   275  C  CB  . ASN A 1 34  ? 12.765  15.337  -5.366  1.00 11.74 ? 573 ASN A CB  1 
ATOM   276  C  CG  . ASN A 1 34  ? 13.626  16.556  -5.237  1.00 17.82 ? 573 ASN A CG  1 
ATOM   277  O  OD1 . ASN A 1 34  ? 13.107  17.672  -5.266  1.00 18.36 ? 573 ASN A OD1 1 
ATOM   278  N  ND2 . ASN A 1 34  ? 14.922  16.359  -5.082  1.00 14.09 ? 573 ASN A ND2 1 
ATOM   279  N  N   . LEU A 1 35  ? 10.351  13.393  -4.569  1.00 9.41  ? 574 LEU A N   1 
ATOM   280  C  CA  . LEU A 1 35  ? 9.208   12.485  -4.955  1.00 9.98  ? 574 LEU A CA  1 
ATOM   281  C  C   . LEU A 1 35  ? 7.831   13.039  -4.593  1.00 10.68 ? 574 LEU A C   1 
ATOM   282  O  O   . LEU A 1 35  ? 6.859   12.922  -5.373  1.00 9.77  ? 574 LEU A O   1 
ATOM   283  C  CB  . LEU A 1 35  ? 9.347   11.068  -4.377  1.00 9.49  ? 574 LEU A CB  1 
ATOM   284  C  CG  . LEU A 1 35  ? 10.557  10.219  -4.765  1.00 10.02 ? 574 LEU A CG  1 
ATOM   285  C  CD1 . LEU A 1 35  ? 10.631  8.917   -4.007  1.00 10.35 ? 574 LEU A CD1 1 
ATOM   286  C  CD2 . LEU A 1 35  ? 10.549  9.927   -6.277  1.00 10.73 ? 574 LEU A CD2 1 
ATOM   287  N  N   . VAL A 1 36  ? 7.750   13.610  -3.406  1.00 10.98 ? 575 VAL A N   1 
ATOM   288  C  CA  . VAL A 1 36  ? 6.553   14.273  -2.911  1.00 10.99 ? 575 VAL A CA  1 
ATOM   289  C  C   . VAL A 1 36  ? 6.159   15.505  -3.778  1.00 11.79 ? 575 VAL A C   1 
ATOM   290  O  O   . VAL A 1 36  ? 4.936   15.660  -4.102  1.00 11.24 ? 575 VAL A O   1 
ATOM   291  C  CB  . VAL A 1 36  ? 6.677   14.693  -1.465  1.00 10.94 ? 575 VAL A CB  1 
ATOM   292  C  CG1 . VAL A 1 36  ? 5.546   15.742  -1.129  1.00 10.25 ? 575 VAL A CG1 1 
ATOM   293  C  CG2 . VAL A 1 36  ? 6.554   13.434  -0.545  1.00 11.21 ? 575 VAL A CG2 1 
ATOM   294  N  N   . LEU A 1 37  ? 7.135   16.360  -4.127  1.00 11.16 ? 576 LEU A N   1 
ATOM   295  C  CA  . LEU A 1 37  ? 6.868   17.444  -5.114  1.00 12.48 ? 576 LEU A CA  1 
ATOM   296  C  C   . LEU A 1 37  ? 6.321   16.920  -6.449  1.00 11.19 ? 576 LEU A C   1 
ATOM   297  O  O   . LEU A 1 37  ? 5.414   17.532  -7.011  1.00 12.67 ? 576 LEU A O   1 
ATOM   298  C  CB  . LEU A 1 37  ? 8.104   18.297  -5.373  1.00 11.91 ? 576 LEU A CB  1 
ATOM   299  C  CG  . LEU A 1 37  ? 8.543   19.165  -4.212  1.00 17.13 ? 576 LEU A CG  1 
ATOM   300  C  CD1 . LEU A 1 37  ? 10.033  19.583  -4.334  1.00 21.67 ? 576 LEU A CD1 1 
ATOM   301  C  CD2 . LEU A 1 37  ? 7.616   20.436  -4.092  1.00 17.45 ? 576 LEU A CD2 1 
ATOM   302  N  N   . GLU A 1 38  ? 6.921   15.870  -7.013  1.00 11.11 ? 577 GLU A N   1 
ATOM   303  C  CA  . GLU A 1 38  ? 6.390   15.226  -8.258  1.00 11.56 ? 577 GLU A CA  1 
ATOM   304  C  C   . GLU A 1 38  ? 4.950   14.666  -8.100  1.00 10.32 ? 577 GLU A C   1 
ATOM   305  O  O   . GLU A 1 38  ? 4.037   14.912  -8.930  1.00 9.99  ? 577 GLU A O   1 
ATOM   306  C  CB  . GLU A 1 38  ? 7.318   14.122  -8.742  1.00 11.51 ? 577 GLU A CB  1 
ATOM   307  C  CG  . GLU A 1 38  ? 8.649   14.664  -9.301  1.00 11.65 ? 577 GLU A CG  1 
ATOM   308  C  CD  . GLU A 1 38  ? 9.333   13.694  -10.249 1.00 12.91 ? 577 GLU A CD  1 
ATOM   309  O  OE1 . GLU A 1 38  ? 8.696   12.820  -10.834 1.00 13.74 ? 577 GLU A OE1 1 
ATOM   310  O  OE2 . GLU A 1 38  ? 10.536  13.832  -10.468 1.00 16.09 ? 577 GLU A OE2 1 
ATOM   311  N  N   . ILE A 1 39  ? 4.748   13.917  -7.051  1.00 10.89 ? 578 ILE A N   1 
ATOM   312  C  CA  . ILE A 1 39  ? 3.376   13.330  -6.834  1.00 10.46 ? 578 ILE A CA  1 
ATOM   313  C  C   . ILE A 1 39  ? 2.369   14.454  -6.595  1.00 10.76 ? 578 ILE A C   1 
ATOM   314  O  O   . ILE A 1 39  ? 1.247   14.422  -7.143  1.00 11.67 ? 578 ILE A O   1 
ATOM   315  C  CB  . ILE A 1 39  ? 3.413   12.222  -5.684  1.00 13.54 ? 578 ILE A CB  1 
ATOM   316  C  CG1 . ILE A 1 39  ? 4.345   11.096  -6.112  1.00 9.35  ? 578 ILE A CG1 1 
ATOM   317  C  CG2 . ILE A 1 39  ? 1.988   11.754  -5.329  1.00 7.79  ? 578 ILE A CG2 1 
ATOM   318  C  CD1 . ILE A 1 39  ? 4.736   10.210  -4.971  1.00 14.93 ? 578 ILE A CD1 1 
ATOM   319  N  N   . ASN A 1 40  ? 2.734   15.481  -5.830  1.00 9.12  ? 579 ASN A N   1 
ATOM   320  C  CA  . ASN A 1 40  ? 1.827   16.620  -5.669  1.00 10.88 ? 579 ASN A CA  1 
ATOM   321  C  C   . ASN A 1 40  ? 1.423   17.346  -6.957  1.00 10.63 ? 579 ASN A C   1 
ATOM   322  O  O   . ASN A 1 40  ? 0.282   17.643  -7.130  1.00 10.24 ? 579 ASN A O   1 
ATOM   323  C  CB  . ASN A 1 40  ? 2.303   17.662  -4.642  1.00 11.17 ? 579 ASN A CB  1 
ATOM   324  C  CG  . ASN A 1 40  ? 2.264   17.103  -3.221  1.00 12.53 ? 579 ASN A CG  1 
ATOM   325  O  OD1 . ASN A 1 40  ? 1.638   16.089  -2.984  1.00 10.90 ? 579 ASN A OD1 1 
ATOM   326  N  ND2 . ASN A 1 40  ? 2.906   17.778  -2.305  1.00 10.74 ? 579 ASN A ND2 1 
ATOM   327  N  N   . SER A 1 41  ? 2.384   17.574  -7.845  1.00 8.83  ? 580 SER A N   1 
ATOM   328  C  CA  . SER A 1 41  ? 2.125   18.189  -9.123  1.00 8.84  ? 580 SER A CA  1 
ATOM   329  C  C   . SER A 1 41  ? 1.210   17.296  -9.997  1.00 10.61 ? 580 SER A C   1 
ATOM   330  O  O   . SER A 1 41  ? 0.227   17.810  -10.578 1.00 9.94  ? 580 SER A O   1 
ATOM   331  C  CB  . SER A 1 41  ? 3.425   18.537  -9.834  1.00 7.90  ? 580 SER A CB  1 
ATOM   332  O  OG  . SER A 1 41  ? 3.199   19.153  -11.091 1.00 9.51  ? 580 SER A OG  1 
ATOM   333  N  N   . LEU A 1 42  ? 1.497   15.992  -10.049 1.00 8.55  ? 581 LEU A N   1 
ATOM   334  C  CA  . LEU A 1 42  ? 0.615   15.034  -10.772 1.00 10.41 ? 581 LEU A CA  1 
ATOM   335  C  C   . LEU A 1 42  ? -0.832  14.952  -10.237 1.00 9.60  ? 581 LEU A C   1 
ATOM   336  O  O   . LEU A 1 42  ? -1.755  14.662  -11.010 1.00 10.88 ? 581 LEU A O   1 
ATOM   337  C  CB  . LEU A 1 42  ? 1.193   13.610  -10.704 1.00 9.86  ? 581 LEU A CB  1 
ATOM   338  C  CG  . LEU A 1 42  ? 2.533   13.343  -11.389 1.00 10.00 ? 581 LEU A CG  1 
ATOM   339  C  CD1 . LEU A 1 42  ? 2.994   11.892  -10.968 1.00 6.78  ? 581 LEU A CD1 1 
ATOM   340  C  CD2 . LEU A 1 42  ? 2.469   13.519  -12.921 1.00 6.76  ? 581 LEU A CD2 1 
ATOM   341  N  N   . LYS A 1 43  ? -0.989  15.068  -8.922  1.00 9.00  ? 582 LYS A N   1 
ATOM   342  C  CA  . LYS A 1 43  ? -2.313  15.065  -8.268  1.00 8.73  ? 582 LYS A CA  1 
ATOM   343  C  C   . LYS A 1 43  ? -3.121  16.247  -8.786  1.00 8.77  ? 582 LYS A C   1 
ATOM   344  O  O   . LYS A 1 43  ? -4.331  16.094  -9.066  1.00 8.76  ? 582 LYS A O   1 
ATOM   345  C  CB  . LYS A 1 43  ? -2.167  15.188  -6.774  1.00 7.87  ? 582 LYS A CB  1 
ATOM   346  C  CG  . LYS A 1 43  ? -3.557  15.506  -5.996  1.00 7.41  ? 582 LYS A CG  1 
ATOM   347  C  CD  . LYS A 1 43  ? -3.697  16.930  -5.492  1.00 10.86 ? 582 LYS A CD  1 
ATOM   348  C  CE  . LYS A 1 43  ? -5.163  17.354  -5.055  1.00 10.60 ? 582 LYS A CE  1 
ATOM   349  N  NZ  . LYS A 1 43  ? -6.198  17.336  -6.139  1.00 8.72  ? 582 LYS A NZ  1 
ATOM   350  N  N   . TYR A 1 44  ? -2.499  17.432  -8.871  1.00 8.41  ? 583 TYR A N   1 
ATOM   351  C  CA  . TYR A 1 44  ? -3.193  18.555  -9.522  1.00 9.09  ? 583 TYR A CA  1 
ATOM   352  C  C   . TYR A 1 44  ? -3.309  18.434  -11.045 1.00 11.19 ? 583 TYR A C   1 
ATOM   353  O  O   . TYR A 1 44  ? -4.352  18.751  -11.601 1.00 9.82  ? 583 TYR A O   1 
ATOM   354  C  CB  . TYR A 1 44  ? -2.635  19.916  -9.135  1.00 8.41  ? 583 TYR A CB  1 
ATOM   355  C  CG  . TYR A 1 44  ? -2.821  20.184  -7.691  1.00 8.68  ? 583 TYR A CG  1 
ATOM   356  C  CD1 . TYR A 1 44  ? -4.063  20.607  -7.188  1.00 9.49  ? 583 TYR A CD1 1 
ATOM   357  C  CD2 . TYR A 1 44  ? -1.784  19.969  -6.803  1.00 10.32 ? 583 TYR A CD2 1 
ATOM   358  C  CE1 . TYR A 1 44  ? -4.240  20.834  -5.843  1.00 11.37 ? 583 TYR A CE1 1 
ATOM   359  C  CE2 . TYR A 1 44  ? -1.945  20.177  -5.428  1.00 11.80 ? 583 TYR A CE2 1 
ATOM   360  C  CZ  . TYR A 1 44  ? -3.204  20.591  -4.954  1.00 10.00 ? 583 TYR A CZ  1 
ATOM   361  O  OH  . TYR A 1 44  ? -3.395  20.752  -3.619  1.00 10.49 ? 583 TYR A OH  1 
ATOM   362  N  N   . ALA A 1 45  ? -2.264  17.952  -11.704 1.00 10.53 ? 584 ALA A N   1 
ATOM   363  C  CA  . ALA A 1 45  ? -2.346  17.771  -13.154 1.00 12.84 ? 584 ALA A CA  1 
ATOM   364  C  C   . ALA A 1 45  ? -3.452  16.805  -13.582 1.00 12.09 ? 584 ALA A C   1 
ATOM   365  O  O   . ALA A 1 45  ? -4.121  17.019  -14.600 1.00 13.78 ? 584 ALA A O   1 
ATOM   366  C  CB  . ALA A 1 45  ? -0.956  17.316  -13.747 1.00 11.71 ? 584 ALA A CB  1 
ATOM   367  N  N   . TYR A 1 46  ? -3.609  15.734  -12.846 1.00 12.14 ? 585 TYR A N   1 
ATOM   368  C  CA  . TYR A 1 46  ? -4.588  14.755  -13.205 1.00 12.94 ? 585 TYR A CA  1 
ATOM   369  C  C   . TYR A 1 46  ? -5.893  14.881  -12.429 1.00 14.20 ? 585 TYR A C   1 
ATOM   370  O  O   . TYR A 1 46  ? -6.726  14.020  -12.620 1.00 14.34 ? 585 TYR A O   1 
ATOM   371  C  CB  . TYR A 1 46  ? -4.012  13.310  -13.218 1.00 13.43 ? 585 TYR A CB  1 
ATOM   372  C  CG  . TYR A 1 46  ? -3.012  13.226  -14.303 1.00 13.67 ? 585 TYR A CG  1 
ATOM   373  C  CD1 . TYR A 1 46  ? -3.430  12.998  -15.660 1.00 15.14 ? 585 TYR A CD1 1 
ATOM   374  C  CD2 . TYR A 1 46  ? -1.669  13.490  -14.036 1.00 11.59 ? 585 TYR A CD2 1 
ATOM   375  C  CE1 . TYR A 1 46  ? -2.496  13.014  -16.702 1.00 18.31 ? 585 TYR A CE1 1 
ATOM   376  C  CE2 . TYR A 1 46  ? -0.703  13.492  -15.081 1.00 15.11 ? 585 TYR A CE2 1 
ATOM   377  C  CZ  . TYR A 1 46  ? -1.126  13.265  -16.408 1.00 17.89 ? 585 TYR A CZ  1 
ATOM   378  O  OH  . TYR A 1 46  ? -0.211  13.259  -17.460 1.00 17.45 ? 585 TYR A OH  1 
ATOM   379  N  N   . ASN A 1 47  ? -6.045  15.923  -11.584 1.00 14.30 ? 586 ASN A N   1 
ATOM   380  C  CA  A ASN A 1 47  ? -7.264  16.200  -10.788 0.50 15.31 ? 586 ASN A CA  1 
ATOM   381  C  CA  B ASN A 1 47  ? -7.321  16.164  -10.909 0.50 16.12 ? 586 ASN A CA  1 
ATOM   382  C  C   . ASN A 1 47  ? -7.802  15.010  -10.035 1.00 17.27 ? 586 ASN A C   1 
ATOM   383  O  O   . ASN A 1 47  ? -8.981  14.599  -10.149 1.00 17.18 ? 586 ASN A O   1 
ATOM   384  C  CB  A ASN A 1 47  ? -8.375  16.857  -11.634 0.50 15.73 ? 586 ASN A CB  1 
ATOM   385  C  CB  B ASN A 1 47  ? -8.404  16.481  -11.985 0.50 16.72 ? 586 ASN A CB  1 
ATOM   386  C  CG  A ASN A 1 47  ? -9.439  17.512  -10.783 0.50 13.66 ? 586 ASN A CG  1 
ATOM   387  C  CG  B ASN A 1 47  ? -8.256  17.876  -12.584 0.50 17.80 ? 586 ASN A CG  1 
ATOM   388  O  OD1 A ASN A 1 47  ? -9.194  17.937  -9.652  0.50 9.23  ? 586 ASN A OD1 1 
ATOM   389  O  OD1 B ASN A 1 47  ? -8.566  18.848  -11.922 0.50 19.66 ? 586 ASN A OD1 1 
ATOM   390  N  ND2 A ASN A 1 47  ? -10.638 17.580  -11.325 0.50 14.04 ? 586 ASN A ND2 1 
ATOM   391  N  ND2 B ASN A 1 47  ? -7.815  17.974  -13.848 0.50 21.84 ? 586 ASN A ND2 1 
ATOM   392  N  N   . ILE A 1 48  ? -6.913  14.456  -9.216  1.00 16.00 ? 587 ILE A N   1 
ATOM   393  C  CA  . ILE A 1 48  ? -7.205  13.326  -8.369  1.00 16.15 ? 587 ILE A CA  1 
ATOM   394  C  C   . ILE A 1 48  ? -7.323  13.835  -6.943  1.00 15.00 ? 587 ILE A C   1 
ATOM   395  O  O   . ILE A 1 48  ? -6.743  14.850  -6.632  1.00 16.54 ? 587 ILE A O   1 
ATOM   396  C  CB  . ILE A 1 48  ? -6.008  12.370  -8.577  1.00 17.03 ? 587 ILE A CB  1 
ATOM   397  C  CG1 . ILE A 1 48  ? -6.404  11.213  -9.374  1.00 16.50 ? 587 ILE A CG1 1 
ATOM   398  C  CG2 . ILE A 1 48  ? -5.075  12.184  -7.395  1.00 17.05 ? 587 ILE A CG2 1 
ATOM   399  C  CD1 . ILE A 1 48  ? -6.444  11.597  -10.735 1.00 22.07 ? 587 ILE A CD1 1 
ATOM   400  N  N   . SER A 1 49  ? -8.075  13.144  -6.083  1.00 15.31 ? 588 SER A N   1 
ATOM   401  C  CA  . SER A 1 49  ? -8.296  13.612  -4.743  1.00 14.21 ? 588 SER A CA  1 
ATOM   402  C  C   . SER A 1 49  ? -7.059  13.259  -3.897  1.00 14.37 ? 588 SER A C   1 
ATOM   403  O  O   . SER A 1 49  ? -6.304  12.382  -4.291  1.00 12.83 ? 588 SER A O   1 
ATOM   404  C  CB  . SER A 1 49  ? -9.612  12.982  -4.186  1.00 13.83 ? 588 SER A CB  1 
ATOM   405  O  OG  . SER A 1 49  ? -9.434  11.657  -3.701  1.00 18.31 ? 588 SER A OG  1 
ATOM   406  N  N   . LEU A 1 50  ? -6.880  13.889  -2.727  1.00 13.63 ? 589 LEU A N   1 
ATOM   407  C  CA  . LEU A 1 50  ? -5.791  13.515  -1.782  1.00 14.88 ? 589 LEU A CA  1 
ATOM   408  C  C   . LEU A 1 50  ? -5.865  12.069  -1.278  1.00 14.76 ? 589 LEU A C   1 
ATOM   409  O  O   . LEU A 1 50  ? -4.865  11.416  -1.114  1.00 15.51 ? 589 LEU A O   1 
ATOM   410  C  CB  . LEU A 1 50  ? -5.727  14.484  -0.608  1.00 13.73 ? 589 LEU A CB  1 
ATOM   411  C  CG  . LEU A 1 50  ? -5.393  15.914  -1.063  1.00 12.38 ? 589 LEU A CG  1 
ATOM   412  C  CD1 . LEU A 1 50  ? -5.592  17.072  0.015   1.00 12.80 ? 589 LEU A CD1 1 
ATOM   413  C  CD2 . LEU A 1 50  ? -3.929  15.919  -1.588  1.00 11.52 ? 589 LEU A CD2 1 
ATOM   414  N  N   . LYS A 1 51  ? -7.077  11.558  -1.084  1.00 14.76 ? 590 LYS A N   1 
ATOM   415  C  CA  . LYS A 1 51  ? -7.303  10.168  -0.712  1.00 13.54 ? 590 LYS A CA  1 
ATOM   416  C  C   . LYS A 1 51  ? -6.902  9.214   -1.842  1.00 12.23 ? 590 LYS A C   1 
ATOM   417  O  O   . LYS A 1 51  ? -6.352  8.106   -1.591  1.00 13.27 ? 590 LYS A O   1 
ATOM   418  C  CB  . LYS A 1 51  ? -8.789  9.937   -0.375  1.00 13.74 ? 590 LYS A CB  1 
ATOM   419  C  CG  . LYS A 1 51  ? -9.041  8.472   -0.027  1.00 16.65 ? 590 LYS A CG  1 
ATOM   420  C  CD  . LYS A 1 51  ? -10.543 8.057   -0.153  1.00 26.18 ? 590 LYS A CD  1 
ATOM   421  C  CE  . LYS A 1 51  ? -11.364 8.603   0.993   1.00 26.43 ? 590 LYS A CE  1 
ATOM   422  N  NZ  . LYS A 1 51  ? -12.854 8.256   0.801   1.00 32.78 ? 590 LYS A NZ  1 
ATOM   423  N  N   . GLU A 1 52  ? -7.180  9.622   -3.089  1.00 12.41 ? 591 GLU A N   1 
ATOM   424  C  CA  . GLU A 1 52  ? -6.760  8.842   -4.258  1.00 12.68 ? 591 GLU A CA  1 
ATOM   425  C  C   . GLU A 1 52  ? -5.218  8.839   -4.400  1.00 12.91 ? 591 GLU A C   1 
ATOM   426  O  O   . GLU A 1 52  ? -4.627  7.883   -4.814  1.00 12.02 ? 591 GLU A O   1 
ATOM   427  C  CB  . GLU A 1 52  ? -7.386  9.420   -5.510  1.00 12.03 ? 591 GLU A CB  1 
ATOM   428  C  CG  . GLU A 1 52  ? -8.857  8.982   -5.616  1.00 15.89 ? 591 GLU A CG  1 
ATOM   429  C  CD  . GLU A 1 52  ? -9.683  9.771   -6.582  1.00 17.58 ? 591 GLU A CD  1 
ATOM   430  O  OE1 . GLU A 1 52  ? -9.328  10.863  -7.097  1.00 15.91 ? 591 GLU A OE1 1 
ATOM   431  O  OE2 . GLU A 1 52  ? -10.772 9.255   -6.854  1.00 21.23 ? 591 GLU A OE2 1 
ATOM   432  N  N   . VAL A 1 53  ? -4.568  9.944   -4.082  1.00 13.28 ? 592 VAL A N   1 
ATOM   433  C  CA  . VAL A 1 53  ? -3.072  9.868   -3.977  1.00 12.78 ? 592 VAL A CA  1 
ATOM   434  C  C   . VAL A 1 53  ? -2.582  8.736   -3.048  1.00 12.48 ? 592 VAL A C   1 
ATOM   435  O  O   . VAL A 1 53  ? -1.755  7.929   -3.438  1.00 12.27 ? 592 VAL A O   1 
ATOM   436  C  CB  . VAL A 1 53  ? -2.463  11.236  -3.567  1.00 13.43 ? 592 VAL A CB  1 
ATOM   437  C  CG1 . VAL A 1 53  ? -0.868  11.104  -3.443  1.00 13.43 ? 592 VAL A CG1 1 
ATOM   438  C  CG2 . VAL A 1 53  ? -2.863  12.260  -4.557  1.00 11.71 ? 592 VAL A CG2 1 
HETATM 439  N  N   . MSE A 1 54  ? -3.079  8.677   -1.799  1.00 13.73 ? 593 MSE A N   1 
HETATM 440  C  CA  . MSE A 1 54  ? -2.737  7.637   -0.837  1.00 13.40 ? 593 MSE A CA  1 
HETATM 441  C  C   . MSE A 1 54  ? -3.006  6.198   -1.309  1.00 14.18 ? 593 MSE A C   1 
HETATM 442  O  O   . MSE A 1 54  ? -2.141  5.304   -1.175  1.00 13.18 ? 593 MSE A O   1 
HETATM 443  C  CB  . MSE A 1 54  ? -3.572  7.818   0.451   1.00 16.23 ? 593 MSE A CB  1 
HETATM 444  C  CG  . MSE A 1 54  ? -3.382  9.133   1.187   1.00 15.62 ? 593 MSE A CG  1 
HETATM 445  SE SE  . MSE A 1 54  ? -4.779  9.447   2.631   1.00 32.33 ? 593 MSE A SE  1 
HETATM 446  C  CE  . MSE A 1 54  ? -4.736  11.464  2.642   1.00 21.65 ? 593 MSE A CE  1 
ATOM   447  N  N   . GLN A 1 55  ? -4.215  5.971   -1.830  1.00 12.59 ? 594 GLN A N   1 
ATOM   448  C  CA  . GLN A 1 55  ? -4.571  4.669   -2.416  1.00 13.25 ? 594 GLN A CA  1 
ATOM   449  C  C   . GLN A 1 55  ? -3.690  4.295   -3.607  1.00 11.23 ? 594 GLN A C   1 
ATOM   450  O  O   . GLN A 1 55  ? -3.228  3.168   -3.695  1.00 12.12 ? 594 GLN A O   1 
ATOM   451  C  CB  . GLN A 1 55  ? -6.046  4.663   -2.830  1.00 13.29 ? 594 GLN A CB  1 
ATOM   452  C  CG  . GLN A 1 55  ? -6.930  5.231   -1.754  1.00 18.08 ? 594 GLN A CG  1 
ATOM   453  C  CD  . GLN A 1 55  ? -8.393  5.327   -2.146  1.00 21.03 ? 594 GLN A CD  1 
ATOM   454  O  OE1 . GLN A 1 55  ? -8.746  5.764   -3.242  1.00 15.39 ? 594 GLN A OE1 1 
ATOM   455  N  NE2 . GLN A 1 55  ? -9.246  4.882   -1.245  1.00 21.79 ? 594 GLN A NE2 1 
ATOM   456  N  N   . VAL A 1 56  ? -3.480  5.229   -4.511  1.00 10.69 ? 595 VAL A N   1 
ATOM   457  C  CA  . VAL A 1 56  ? -2.639  4.945   -5.695  1.00 10.76 ? 595 VAL A CA  1 
ATOM   458  C  C   . VAL A 1 56  ? -1.176  4.729   -5.337  1.00 11.57 ? 595 VAL A C   1 
ATOM   459  O  O   . VAL A 1 56  ? -0.568  3.765   -5.813  1.00 13.00 ? 595 VAL A O   1 
ATOM   460  C  CB  . VAL A 1 56  ? -2.783  6.027   -6.816  1.00 11.53 ? 595 VAL A CB  1 
ATOM   461  C  CG1 . VAL A 1 56  ? -1.724  5.838   -7.907  1.00 8.41  ? 595 VAL A CG1 1 
ATOM   462  C  CG2 . VAL A 1 56  ? -4.141  5.888   -7.436  1.00 13.71 ? 595 VAL A CG2 1 
ATOM   463  N  N   . LEU A 1 57  ? -0.634  5.557   -4.418  1.00 10.93 ? 596 LEU A N   1 
ATOM   464  C  CA  . LEU A 1 57  ? 0.750   5.326   -3.949  1.00 12.00 ? 596 LEU A CA  1 
ATOM   465  C  C   . LEU A 1 57  ? 0.851   3.890   -3.358  1.00 10.88 ? 596 LEU A C   1 
ATOM   466  O  O   . LEU A 1 57  ? 1.756   3.138   -3.677  1.00 10.64 ? 596 LEU A O   1 
ATOM   467  C  CB  . LEU A 1 57  ? 1.127   6.335   -2.850  1.00 10.41 ? 596 LEU A CB  1 
ATOM   468  C  CG  . LEU A 1 57  ? 2.481   6.224   -2.136  1.00 13.79 ? 596 LEU A CG  1 
ATOM   469  C  CD1 . LEU A 1 57  ? 3.704   6.144   -3.124  1.00 11.15 ? 596 LEU A CD1 1 
ATOM   470  C  CD2 . LEU A 1 57  ? 2.662   7.420   -1.177  1.00 17.10 ? 596 LEU A CD2 1 
ATOM   471  N  N   . SER A 1 58  ? -0.104  3.536   -2.512  1.00 10.23 ? 597 SER A N   1 
ATOM   472  C  CA  . SER A 1 58  ? -0.125  2.169   -1.879  1.00 11.34 ? 597 SER A CA  1 
ATOM   473  C  C   . SER A 1 58  ? -0.171  1.053   -2.932  1.00 10.01 ? 597 SER A C   1 
ATOM   474  O  O   . SER A 1 58  ? 0.654   0.165   -2.875  1.00 11.03 ? 597 SER A O   1 
ATOM   475  C  CB  . SER A 1 58  ? -1.290  2.032   -0.905  1.00 10.93 ? 597 SER A CB  1 
ATOM   476  O  OG  . SER A 1 58  ? -1.134  2.983   0.114   1.00 14.38 ? 597 SER A OG  1 
ATOM   477  N  N   . HIS A 1 59  ? -1.091  1.129   -3.900  1.00 9.71  ? 598 HIS A N   1 
ATOM   478  C  CA  . HIS A 1 59  ? -1.095  0.139   -4.973  1.00 10.23 ? 598 HIS A CA  1 
ATOM   479  C  C   . HIS A 1 59  ? 0.218   0.086   -5.793  1.00 11.07 ? 598 HIS A C   1 
ATOM   480  O  O   . HIS A 1 59  ? 0.733   -0.995  -6.139  1.00 12.37 ? 598 HIS A O   1 
ATOM   481  C  CB  . HIS A 1 59  ? -2.311  0.347   -5.898  1.00 9.47  ? 598 HIS A CB  1 
ATOM   482  C  CG  . HIS A 1 59  ? -3.600  -0.092  -5.255  1.00 12.68 ? 598 HIS A CG  1 
ATOM   483  N  ND1 . HIS A 1 59  ? -3.972  -1.419  -5.193  1.00 13.34 ? 598 HIS A ND1 1 
ATOM   484  C  CD2 . HIS A 1 59  ? -4.536  0.600   -4.548  1.00 15.36 ? 598 HIS A CD2 1 
ATOM   485  C  CE1 . HIS A 1 59  ? -5.097  -1.523  -4.502  1.00 15.78 ? 598 HIS A CE1 1 
ATOM   486  N  NE2 . HIS A 1 59  ? -5.462  -0.312  -4.110  1.00 15.35 ? 598 HIS A NE2 1 
ATOM   487  N  N   . VAL A 1 60  ? 0.725   1.257   -6.158  1.00 9.91  ? 599 VAL A N   1 
ATOM   488  C  CA  . VAL A 1 60  ? 1.894   1.289   -7.023  1.00 7.81  ? 599 VAL A CA  1 
ATOM   489  C  C   . VAL A 1 60  ? 3.112   0.665   -6.309  1.00 8.89  ? 599 VAL A C   1 
ATOM   490  O  O   . VAL A 1 60  ? 3.843   -0.096  -6.941  1.00 8.48  ? 599 VAL A O   1 
ATOM   491  C  CB  . VAL A 1 60  ? 2.240   2.711   -7.514  1.00 9.74  ? 599 VAL A CB  1 
ATOM   492  C  CG1 . VAL A 1 60  ? 3.601   2.745   -8.346  1.00 7.71  ? 599 VAL A CG1 1 
ATOM   493  C  CG2 . VAL A 1 60  ? 1.026   3.365   -8.325  1.00 5.58  ? 599 VAL A CG2 1 
ATOM   494  N  N   . VAL A 1 61  ? 3.319   0.986   -5.043  1.00 7.71  ? 600 VAL A N   1 
ATOM   495  C  CA  . VAL A 1 61  ? 4.469   0.432   -4.320  1.00 9.54  ? 600 VAL A CA  1 
ATOM   496  C  C   . VAL A 1 61  ? 4.268   -1.109  -4.121  1.00 9.32  ? 600 VAL A C   1 
ATOM   497  O  O   . VAL A 1 61  ? 5.180   -1.905  -4.317  1.00 8.22  ? 600 VAL A O   1 
ATOM   498  C  CB  . VAL A 1 61  ? 4.694   1.150   -2.977  1.00 8.79  ? 600 VAL A CB  1 
ATOM   499  C  CG1 . VAL A 1 61  ? 5.816   0.506   -2.221  1.00 9.54  ? 600 VAL A CG1 1 
ATOM   500  C  CG2 . VAL A 1 61  ? 5.007   2.634   -3.221  1.00 6.52  ? 600 VAL A CG2 1 
ATOM   501  N  N   . LEU A 1 62  ? 3.058   -1.506  -3.790  1.00 9.22  ? 601 LEU A N   1 
ATOM   502  C  CA  . LEU A 1 62  ? 2.800   -2.947  -3.565  1.00 10.01 ? 601 LEU A CA  1 
ATOM   503  C  C   . LEU A 1 62  ? 2.920   -3.759  -4.887  1.00 11.06 ? 601 LEU A C   1 
ATOM   504  O  O   . LEU A 1 62  ? 3.389   -4.909  -4.869  1.00 11.69 ? 601 LEU A O   1 
ATOM   505  C  CB  . LEU A 1 62  ? 1.431   -3.119  -2.917  1.00 11.52 ? 601 LEU A CB  1 
ATOM   506  C  CG  . LEU A 1 62  ? 1.310   -2.759  -1.434  1.00 11.44 ? 601 LEU A CG  1 
ATOM   507  C  CD1 . LEU A 1 62  ? -0.173  -2.842  -1.072  1.00 13.63 ? 601 LEU A CD1 1 
ATOM   508  C  CD2 . LEU A 1 62  ? 2.164   -3.694  -0.518  1.00 13.59 ? 601 LEU A CD2 1 
ATOM   509  N  N   . GLU A 1 63  ? 2.471   -3.171  -6.015  1.00 11.61 ? 602 GLU A N   1 
ATOM   510  C  CA  . GLU A 1 63  ? 2.657   -3.769  -7.337  1.00 12.39 ? 602 GLU A CA  1 
ATOM   511  C  C   . GLU A 1 63  ? 4.049   -3.675  -7.932  1.00 12.46 ? 602 GLU A C   1 
ATOM   512  O  O   . GLU A 1 63  ? 4.382   -4.451  -8.857  1.00 11.59 ? 602 GLU A O   1 
ATOM   513  C  CB  . GLU A 1 63  ? 1.626   -3.245  -8.339  1.00 12.59 ? 602 GLU A CB  1 
ATOM   514  C  CG  . GLU A 1 63  ? 0.125   -3.545  -7.825  1.00 13.75 ? 602 GLU A CG  1 
ATOM   515  C  CD  . GLU A 1 63  ? -0.902  -2.935  -8.743  1.00 18.00 ? 602 GLU A CD  1 
ATOM   516  O  OE1 . GLU A 1 63  ? -0.524  -2.618  -9.883  1.00 17.99 ? 602 GLU A OE1 1 
ATOM   517  O  OE2 . GLU A 1 63  ? -2.064  -2.788  -8.362  1.00 21.01 ? 602 GLU A OE2 1 
ATOM   518  N  N   . PHE A 1 64  ? 4.881   -2.767  -7.392  1.00 9.70  ? 603 PHE A N   1 
ATOM   519  C  CA  . PHE A 1 64  ? 6.172   -2.494  -8.024  1.00 9.73  ? 603 PHE A CA  1 
ATOM   520  C  C   . PHE A 1 64  ? 7.006   -3.787  -8.227  1.00 9.79  ? 603 PHE A C   1 
ATOM   521  O  O   . PHE A 1 64  ? 7.624   -3.985  -9.305  1.00 11.58 ? 603 PHE A O   1 
ATOM   522  C  CB  . PHE A 1 64  ? 6.908   -1.371  -7.248  1.00 8.16  ? 603 PHE A CB  1 
ATOM   523  C  CG  . PHE A 1 64  ? 8.070   -0.811  -7.962  1.00 9.94  ? 603 PHE A CG  1 
ATOM   524  C  CD1 . PHE A 1 64  ? 9.258   -1.549  -8.105  1.00 5.94  ? 603 PHE A CD1 1 
ATOM   525  C  CD2 . PHE A 1 64  ? 7.992   0.479   -8.510  1.00 8.02  ? 603 PHE A CD2 1 
ATOM   526  C  CE1 . PHE A 1 64  ? 10.350  -0.974  -8.759  1.00 12.00 ? 603 PHE A CE1 1 
ATOM   527  C  CE2 . PHE A 1 64  ? 9.080   1.059   -9.198  1.00 8.81  ? 603 PHE A CE2 1 
ATOM   528  C  CZ  . PHE A 1 64  ? 10.240  0.325   -9.334  1.00 8.52  ? 603 PHE A CZ  1 
ATOM   529  N  N   . PRO A 1 65  ? 7.115   -4.639  -7.178  1.00 11.19 ? 604 PRO A N   1 
ATOM   530  C  CA  . PRO A 1 65  ? 7.936   -5.880  -7.312  1.00 11.43 ? 604 PRO A CA  1 
ATOM   531  C  C   . PRO A 1 65  ? 7.521   -6.891  -8.414  1.00 10.99 ? 604 PRO A C   1 
ATOM   532  O  O   . PRO A 1 65  ? 8.317   -7.771  -8.838  1.00 11.52 ? 604 PRO A O   1 
ATOM   533  C  CB  . PRO A 1 65  ? 7.814   -6.516  -5.878  1.00 13.00 ? 604 PRO A CB  1 
ATOM   534  C  CG  . PRO A 1 65  ? 7.574   -5.377  -5.016  1.00 11.47 ? 604 PRO A CG  1 
ATOM   535  C  CD  . PRO A 1 65  ? 6.616   -4.493  -5.792  1.00 10.72 ? 604 PRO A CD  1 
ATOM   536  N  N   . LEU A 1 66  ? 6.248   -6.835  -8.823  1.00 10.51 ? 605 LEU A N   1 
ATOM   537  C  CA  . LEU A 1 66  ? 5.770   -7.717  -9.866  1.00 10.65 ? 605 LEU A CA  1 
ATOM   538  C  C   . LEU A 1 66  ? 6.464   -7.518  -11.221 1.00 10.69 ? 605 LEU A C   1 
ATOM   539  O  O   . LEU A 1 66  ? 6.560   -8.441  -11.983 1.00 9.37  ? 605 LEU A O   1 
ATOM   540  C  CB  . LEU A 1 66  ? 4.245   -7.556  -10.062 1.00 10.68 ? 605 LEU A CB  1 
ATOM   541  C  CG  . LEU A 1 66  ? 3.492   -7.686  -8.691  1.00 14.63 ? 605 LEU A CG  1 
ATOM   542  C  CD1 . LEU A 1 66  ? 1.992   -7.467  -8.842  1.00 16.71 ? 605 LEU A CD1 1 
ATOM   543  C  CD2 . LEU A 1 66  ? 3.770   -9.050  -8.004  1.00 17.51 ? 605 LEU A CD2 1 
ATOM   544  N  N   . GLN A 1 67  ? 6.865   -6.295  -11.516 1.00 9.80  ? 606 GLN A N   1 
ATOM   545  C  CA  . GLN A 1 67  ? 7.784   -5.976  -12.660 1.00 10.52 ? 606 GLN A CA  1 
ATOM   546  C  C   . GLN A 1 67  ? 9.125   -6.750  -12.569 1.00 10.73 ? 606 GLN A C   1 
ATOM   547  O  O   . GLN A 1 67  ? 9.846   -6.867  -13.549 1.00 8.94  ? 606 GLN A O   1 
ATOM   548  C  CB  . GLN A 1 67  ? 8.171   -4.509  -12.660 1.00 10.96 ? 606 GLN A CB  1 
ATOM   549  C  CG  . GLN A 1 67  ? 7.043   -3.553  -12.479 1.00 10.77 ? 606 GLN A CG  1 
ATOM   550  C  CD  . GLN A 1 67  ? 7.580   -2.122  -12.341 1.00 12.67 ? 606 GLN A CD  1 
ATOM   551  O  OE1 . GLN A 1 67  ? 7.963   -1.711  -11.270 1.00 17.58 ? 606 GLN A OE1 1 
ATOM   552  N  NE2 . GLN A 1 67  ? 7.562   -1.364  -13.418 1.00 10.38 ? 606 GLN A NE2 1 
ATOM   553  N  N   . GLN A 1 68  ? 9.457   -7.228  -11.378 1.00 11.82 ? 607 GLN A N   1 
ATOM   554  C  CA  . GLN A 1 68  ? 10.777  -7.768  -11.099 1.00 12.33 ? 607 GLN A CA  1 
ATOM   555  C  C   . GLN A 1 68  ? 10.758  -9.273  -10.895 1.00 14.27 ? 607 GLN A C   1 
ATOM   556  O  O   . GLN A 1 68  ? 11.733  -9.852  -10.386 1.00 12.93 ? 607 GLN A O   1 
ATOM   557  C  CB  . GLN A 1 68  ? 11.325  -7.070  -9.818  1.00 14.12 ? 607 GLN A CB  1 
ATOM   558  C  CG  . GLN A 1 68  ? 11.367  -5.539  -10.010 1.00 13.41 ? 607 GLN A CG  1 
ATOM   559  C  CD  . GLN A 1 68  ? 12.058  -4.864  -8.859  1.00 15.83 ? 607 GLN A CD  1 
ATOM   560  O  OE1 . GLN A 1 68  ? 11.420  -4.481  -7.900  1.00 13.55 ? 607 GLN A OE1 1 
ATOM   561  N  NE2 . GLN A 1 68  ? 13.391  -4.745  -8.942  1.00 17.85 ? 607 GLN A NE2 1 
HETATM 562  N  N   . MSE A 1 69  ? 9.653   -9.930  -11.241 1.00 16.10 ? 608 MSE A N   1 
HETATM 563  C  CA  . MSE A 1 69  ? 9.616   -11.377 -11.000 1.00 17.89 ? 608 MSE A CA  1 
HETATM 564  C  C   . MSE A 1 69  ? 8.726   -12.033 -12.002 1.00 19.26 ? 608 MSE A C   1 
HETATM 565  O  O   . MSE A 1 69  ? 7.857   -11.392 -12.579 1.00 18.72 ? 608 MSE A O   1 
HETATM 566  C  CB  . MSE A 1 69  ? 9.159   -11.655 -9.534  1.00 19.51 ? 608 MSE A CB  1 
HETATM 567  C  CG  . MSE A 1 69  ? 8.027   -10.846 -9.127  1.00 21.08 ? 608 MSE A CG  1 
HETATM 568  SE SE  . MSE A 1 69  ? 7.514   -10.690 -7.201  1.00 29.55 ? 608 MSE A SE  1 
HETATM 569  C  CE  . MSE A 1 69  ? 7.093   -12.640 -6.952  1.00 23.77 ? 608 MSE A CE  1 
ATOM   570  N  N   . ASP A 1 70  ? 8.982   -13.313 -12.252 1.00 20.47 ? 609 ASP A N   1 
ATOM   571  C  CA  . ASP A 1 70  ? 8.151   -14.109 -13.123 1.00 23.71 ? 609 ASP A CA  1 
ATOM   572  C  C   . ASP A 1 70  ? 6.928   -14.610 -12.347 1.00 26.97 ? 609 ASP A C   1 
ATOM   573  O  O   . ASP A 1 70  ? 6.827   -14.488 -11.101 1.00 27.42 ? 609 ASP A O   1 
ATOM   574  C  CB  . ASP A 1 70  ? 8.907   -15.370 -13.583 1.00 21.98 ? 609 ASP A CB  1 
ATOM   575  C  CG  . ASP A 1 70  ? 10.221  -15.072 -14.258 1.00 20.88 ? 609 ASP A CG  1 
ATOM   576  O  OD1 . ASP A 1 70  ? 10.296  -14.164 -15.098 1.00 17.13 ? 609 ASP A OD1 1 
ATOM   577  O  OD2 . ASP A 1 70  ? 11.193  -15.841 -13.982 1.00 21.17 ? 609 ASP A OD2 1 
ATOM   578  N  N   . SER A 1 71  ? 6.025   -15.221 -13.098 1.00 30.40 ? 610 SER A N   1 
ATOM   579  C  CA  . SER A 1 71  ? 4.961   -16.066 -12.532 1.00 33.03 ? 610 SER A CA  1 
ATOM   580  C  C   . SER A 1 71  ? 5.260   -17.572 -12.770 1.00 35.02 ? 610 SER A C   1 
ATOM   581  O  O   . SER A 1 71  ? 6.030   -17.927 -13.686 1.00 34.82 ? 610 SER A O   1 
ATOM   582  C  CB  . SER A 1 71  ? 3.630   -15.700 -13.186 1.00 32.98 ? 610 SER A CB  1 
ATOM   583  O  OG  . SER A 1 71  ? 3.210   -14.404 -12.781 1.00 34.32 ? 610 SER A OG  1 
ATOM   584  N  N   . PRO A 1 72  ? 4.662   -18.476 -11.953 1.00 36.66 ? 611 PRO A N   1 
ATOM   585  C  CA  . PRO A 1 72  ? 3.848   -18.278 -10.732 1.00 37.45 ? 611 PRO A CA  1 
ATOM   586  C  C   . PRO A 1 72  ? 4.451   -17.294 -9.705  1.00 37.14 ? 611 PRO A C   1 
ATOM   587  O  O   . PRO A 1 72  ? 5.649   -17.337 -9.450  1.00 36.66 ? 611 PRO A O   1 
ATOM   588  C  CB  . PRO A 1 72  ? 3.803   -19.689 -10.109 1.00 38.07 ? 611 PRO A CB  1 
ATOM   589  C  CG  . PRO A 1 72  ? 3.977   -20.667 -11.305 1.00 38.28 ? 611 PRO A CG  1 
ATOM   590  C  CD  . PRO A 1 72  ? 4.652   -19.890 -12.422 1.00 36.87 ? 611 PRO A CD  1 
ATOM   591  N  N   . LEU A 1 73  ? 3.608   -16.450 -9.112  1.00 36.98 ? 612 LEU A N   1 
ATOM   592  C  CA  A LEU A 1 73  ? 4.062   -15.455 -8.143  1.00 36.75 ? 612 LEU A CA  1 
ATOM   593  C  CA  B LEU A 1 73  ? 4.090   -15.550 -8.140  0.00 36.49 ? 612 LEU A CA  1 
ATOM   594  C  C   . LEU A 1 73  ? 4.544   -16.077 -6.816  1.00 36.94 ? 612 LEU A C   1 
ATOM   595  O  O   . LEU A 1 73  ? 3.764   -16.661 -6.033  1.00 36.56 ? 612 LEU A O   1 
ATOM   596  C  CB  A LEU A 1 73  ? 2.996   -14.362 -7.922  1.00 36.69 ? 612 LEU A CB  1 
ATOM   597  C  CB  B LEU A 1 73  ? 3.008   -14.545 -7.904  0.00 36.46 ? 612 LEU A CB  1 
ATOM   598  C  CG  A LEU A 1 73  ? 3.098   -13.097 -8.797  1.00 36.26 ? 612 LEU A CG  1 
ATOM   599  C  CG  B LEU A 1 73  ? 3.043   -13.259 -8.680  0.00 36.02 ? 612 LEU A CG  1 
ATOM   600  C  CD1 A LEU A 1 73  ? 4.557   -12.791 -9.214  1.00 33.15 ? 612 LEU A CD1 1 
ATOM   601  C  CD1 B LEU A 1 73  ? 2.490   -12.280 -7.745  0.00 34.41 ? 612 LEU A CD1 1 
ATOM   602  C  CD2 A LEU A 1 73  ? 2.157   -13.116 -10.053 1.00 39.00 ? 612 LEU A CD2 1 
ATOM   603  C  CD2 B LEU A 1 73  ? 4.421   -12.898 -9.147  0.00 37.14 ? 612 LEU A CD2 1 
ATOM   604  N  N   . ASP A 1 74  ? 5.835   -15.934 -6.567  1.00 36.00 ? 613 ASP A N   1 
ATOM   605  C  CA  . ASP A 1 74  ? 6.421   -16.510 -5.389  1.00 35.84 ? 613 ASP A CA  1 
ATOM   606  C  C   . ASP A 1 74  ? 6.672   -15.503 -4.239  1.00 35.39 ? 613 ASP A C   1 
ATOM   607  O  O   . ASP A 1 74  ? 7.333   -14.450 -4.415  1.00 34.31 ? 613 ASP A O   1 
ATOM   608  C  CB  . ASP A 1 74  ? 7.575   -17.425 -5.826  1.00 36.75 ? 613 ASP A CB  1 
ATOM   609  C  CG  . ASP A 1 74  ? 8.838   -17.234 -5.074  1.00 38.17 ? 613 ASP A CG  1 
ATOM   610  O  OD1 . ASP A 1 74  ? 9.861   -17.249 -5.791  1.00 39.50 ? 613 ASP A OD1 1 
ATOM   611  O  OD2 . ASP A 1 74  ? 8.846   -17.145 -3.818  1.00 39.87 ? 613 ASP A OD2 1 
ATOM   612  N  N   . SER A 1 75  ? 6.120   -15.838 -3.066  1.00 33.53 ? 614 SER A N   1 
ATOM   613  C  CA  . SER A 1 75  ? 5.947   -14.859 -2.015  1.00 32.53 ? 614 SER A CA  1 
ATOM   614  C  C   . SER A 1 75  ? 7.188   -14.428 -1.234  1.00 32.28 ? 614 SER A C   1 
ATOM   615  O  O   . SER A 1 75  ? 7.288   -13.263 -0.838  1.00 31.48 ? 614 SER A O   1 
ATOM   616  C  CB  . SER A 1 75  ? 4.737   -15.158 -1.114  1.00 31.95 ? 614 SER A CB  1 
ATOM   617  O  OG  . SER A 1 75  ? 4.744   -16.482 -0.654  1.00 33.63 ? 614 SER A OG  1 
ATOM   618  N  N   . SER A 1 76  ? 8.150   -15.317 -1.037  1.00 32.17 ? 615 SER A N   1 
ATOM   619  C  CA  . SER A 1 76  ? 9.334   -14.927 -0.298  1.00 32.10 ? 615 SER A CA  1 
ATOM   620  C  C   . SER A 1 76  ? 10.177  -14.017 -1.196  1.00 31.84 ? 615 SER A C   1 
ATOM   621  O  O   . SER A 1 76  ? 10.911  -13.091 -0.749  1.00 31.77 ? 615 SER A O   1 
ATOM   622  C  CB  . SER A 1 76  ? 10.128  -16.175 0.119   1.00 32.83 ? 615 SER A CB  1 
ATOM   623  O  OG  . SER A 1 76  ? 11.016  -16.548 -0.907  1.00 33.93 ? 615 SER A OG  1 
ATOM   624  N  N   . ARG A 1 77  ? 10.067  -14.295 -2.489  1.00 30.56 ? 616 ARG A N   1 
ATOM   625  C  CA  . ARG A 1 77  ? 10.744  -13.497 -3.486  1.00 29.11 ? 616 ARG A CA  1 
ATOM   626  C  C   . ARG A 1 77  ? 10.107  -12.090 -3.487  1.00 26.90 ? 616 ARG A C   1 
ATOM   627  O  O   . ARG A 1 77  ? 10.817  -11.073 -3.485  1.00 26.67 ? 616 ARG A O   1 
ATOM   628  C  CB  . ARG A 1 77  ? 10.594  -14.209 -4.824  1.00 29.65 ? 616 ARG A CB  1 
ATOM   629  C  CG  . ARG A 1 77  ? 10.910  -13.348 -5.993  1.00 34.02 ? 616 ARG A CG  1 
ATOM   630  C  CD  . ARG A 1 77  ? 11.793  -14.044 -6.971  1.00 41.37 ? 616 ARG A CD  1 
ATOM   631  N  NE  . ARG A 1 77  ? 12.131  -13.134 -8.075  1.00 46.93 ? 616 ARG A NE  1 
ATOM   632  C  CZ  . ARG A 1 77  ? 13.136  -12.258 -8.059  1.00 49.12 ? 616 ARG A CZ  1 
ATOM   633  N  NH1 . ARG A 1 77  ? 13.940  -12.131 -6.978  1.00 45.19 ? 616 ARG A NH1 1 
ATOM   634  N  NH2 . ARG A 1 77  ? 13.338  -11.509 -9.143  1.00 48.57 ? 616 ARG A NH2 1 
ATOM   635  N  N   . TYR A 1 78  ? 8.771   -12.057 -3.465  1.00 25.27 ? 617 TYR A N   1 
ATOM   636  C  CA  . TYR A 1 78  ? 8.010   -10.817 -3.318  1.00 24.48 ? 617 TYR A CA  1 
ATOM   637  C  C   . TYR A 1 78  ? 8.402   -9.960  -2.099  1.00 24.97 ? 617 TYR A C   1 
ATOM   638  O  O   . TYR A 1 78  ? 8.656   -8.734  -2.266  1.00 22.72 ? 617 TYR A O   1 
ATOM   639  C  CB  . TYR A 1 78  ? 6.506   -11.078 -3.312  1.00 23.20 ? 617 TYR A CB  1 
ATOM   640  C  CG  . TYR A 1 78  ? 5.704   -9.818  -3.154  1.00 23.15 ? 617 TYR A CG  1 
ATOM   641  C  CD1 . TYR A 1 78  ? 5.528   -8.944  -4.238  1.00 17.45 ? 617 TYR A CD1 1 
ATOM   642  C  CD2 . TYR A 1 78  ? 5.114   -9.480  -1.901  1.00 18.25 ? 617 TYR A CD2 1 
ATOM   643  C  CE1 . TYR A 1 78  ? 4.773   -7.767  -4.070  1.00 19.26 ? 617 TYR A CE1 1 
ATOM   644  C  CE2 . TYR A 1 78  ? 4.378   -8.327  -1.738  1.00 18.94 ? 617 TYR A CE2 1 
ATOM   645  C  CZ  . TYR A 1 78  ? 4.207   -7.487  -2.814  1.00 17.54 ? 617 TYR A CZ  1 
ATOM   646  O  OH  . TYR A 1 78  ? 3.490   -6.361  -2.627  1.00 16.40 ? 617 TYR A OH  1 
ATOM   647  N  N   . CYS A 1 79  ? 8.452   -10.590 -0.906  1.00 24.28 ? 618 CYS A N   1 
ATOM   648  C  CA  . CYS A 1 79  ? 8.787   -9.896  0.327   1.00 26.10 ? 618 CYS A CA  1 
ATOM   649  C  C   . CYS A 1 79  ? 10.170  -9.358  0.265   1.00 25.41 ? 618 CYS A C   1 
ATOM   650  O  O   . CYS A 1 79  ? 10.411  -8.230  0.707   1.00 25.76 ? 618 CYS A O   1 
ATOM   651  C  CB  . CYS A 1 79  ? 8.696   -10.810 1.544   1.00 26.96 ? 618 CYS A CB  1 
ATOM   652  S  SG  . CYS A 1 79  ? 7.304   -10.538 2.462   1.00 33.98 ? 618 CYS A SG  1 
ATOM   653  N  N   . ALA A 1 80  ? 11.095  -10.159 -0.268  1.00 24.56 ? 619 ALA A N   1 
ATOM   654  C  CA  . ALA A 1 80  ? 12.489  -9.706  -0.349  1.00 23.90 ? 619 ALA A CA  1 
ATOM   655  C  C   . ALA A 1 80  ? 12.611  -8.436  -1.228  1.00 23.07 ? 619 ALA A C   1 
ATOM   656  O  O   . ALA A 1 80  ? 13.448  -7.565  -0.975  1.00 24.07 ? 619 ALA A O   1 
ATOM   657  C  CB  . ALA A 1 80  ? 13.394  -10.842 -0.896  1.00 24.80 ? 619 ALA A CB  1 
ATOM   658  N  N   . LEU A 1 81  ? 11.794  -8.345  -2.273  1.00 21.38 ? 620 LEU A N   1 
ATOM   659  C  CA  . LEU A 1 81  ? 11.839  -7.188  -3.201  1.00 18.89 ? 620 LEU A CA  1 
ATOM   660  C  C   . LEU A 1 81  ? 11.079  -6.016  -2.615  1.00 18.62 ? 620 LEU A C   1 
ATOM   661  O  O   . LEU A 1 81  ? 11.434  -4.827  -2.857  1.00 18.33 ? 620 LEU A O   1 
ATOM   662  C  CB  . LEU A 1 81  ? 11.244  -7.593  -4.572  1.00 17.73 ? 620 LEU A CB  1 
ATOM   663  C  CG  . LEU A 1 81  ? 12.056  -8.546  -5.464  1.00 15.79 ? 620 LEU A CG  1 
ATOM   664  C  CD1 . LEU A 1 81  ? 11.178  -9.138  -6.595  1.00 15.05 ? 620 LEU A CD1 1 
ATOM   665  C  CD2 . LEU A 1 81  ? 13.288  -7.892  -6.079  1.00 22.10 ? 620 LEU A CD2 1 
ATOM   666  N  N   . LEU A 1 82  ? 10.023  -6.318  -1.866  1.00 17.06 ? 621 LEU A N   1 
ATOM   667  C  CA  . LEU A 1 82  ? 9.131   -5.234  -1.395  1.00 16.77 ? 621 LEU A CA  1 
ATOM   668  C  C   . LEU A 1 82  ? 9.797   -4.441  -0.265  1.00 17.86 ? 621 LEU A C   1 
ATOM   669  O  O   . LEU A 1 82  ? 9.756   -3.214  -0.243  1.00 17.59 ? 621 LEU A O   1 
ATOM   670  C  CB  . LEU A 1 82  ? 7.772   -5.738  -0.891  1.00 15.41 ? 621 LEU A CB  1 
ATOM   671  C  CG  . LEU A 1 82  ? 6.747   -4.649  -0.411  1.00 14.91 ? 621 LEU A CG  1 
ATOM   672  C  CD1 . LEU A 1 82  ? 6.325   -3.704  -1.545  1.00 18.34 ? 621 LEU A CD1 1 
ATOM   673  C  CD2 . LEU A 1 82  ? 5.488   -5.195  0.303   1.00 12.35 ? 621 LEU A CD2 1 
ATOM   674  N  N   . LEU A 1 83  ? 10.434  -5.147  0.670   1.00 17.61 ? 622 LEU A N   1 
ATOM   675  C  CA  . LEU A 1 83  ? 10.900  -4.488  1.887   1.00 17.32 ? 622 LEU A CA  1 
ATOM   676  C  C   . LEU A 1 83  ? 11.920  -3.364  1.687   1.00 17.05 ? 622 LEU A C   1 
ATOM   677  O  O   . LEU A 1 83  ? 11.845  -2.352  2.419   1.00 17.95 ? 622 LEU A O   1 
ATOM   678  C  CB  . LEU A 1 83  ? 11.362  -5.574  2.923   1.00 18.50 ? 622 LEU A CB  1 
ATOM   679  C  CG  . LEU A 1 83  ? 10.399  -5.860  4.094   1.00 22.91 ? 622 LEU A CG  1 
ATOM   680  C  CD1 . LEU A 1 83  ? 8.949   -6.153  3.745   1.00 24.72 ? 622 LEU A CD1 1 
ATOM   681  C  CD2 . LEU A 1 83  ? 10.966  -6.982  5.074   1.00 28.17 ? 622 LEU A CD2 1 
ATOM   682  N  N   . PRO A 1 84  ? 12.886  -3.502  0.732   1.00 16.64 ? 623 PRO A N   1 
ATOM   683  C  CA  . PRO A 1 84  ? 13.785  -2.346  0.415   1.00 18.14 ? 623 PRO A CA  1 
ATOM   684  C  C   . PRO A 1 84  ? 13.012  -1.081  -0.105  1.00 16.91 ? 623 PRO A C   1 
ATOM   685  O  O   . PRO A 1 84  ? 13.437  0.070   0.109   1.00 17.19 ? 623 PRO A O   1 
ATOM   686  C  CB  . PRO A 1 84  ? 14.674  -2.921  -0.718  1.00 18.09 ? 623 PRO A CB  1 
ATOM   687  C  CG  . PRO A 1 84  ? 14.813  -4.311  -0.377  1.00 18.19 ? 623 PRO A CG  1 
ATOM   688  C  CD  . PRO A 1 84  ? 13.355  -4.691  0.017   1.00 16.84 ? 623 PRO A CD  1 
ATOM   689  N  N   . LEU A 1 85  ? 11.854  -1.316  -0.715  1.00 15.84 ? 624 LEU A N   1 
ATOM   690  C  CA  . LEU A 1 85  ? 11.077  -0.245  -1.305  1.00 14.23 ? 624 LEU A CA  1 
ATOM   691  C  C   . LEU A 1 85  ? 10.326  0.494   -0.230  1.00 15.07 ? 624 LEU A C   1 
ATOM   692  O  O   . LEU A 1 85  ? 10.261  1.699   -0.274  1.00 14.33 ? 624 LEU A O   1 
ATOM   693  C  CB  . LEU A 1 85  ? 10.105  -0.830  -2.343  1.00 13.33 ? 624 LEU A CB  1 
ATOM   694  C  CG  . LEU A 1 85  ? 10.737  -1.492  -3.577  1.00 16.16 ? 624 LEU A CG  1 
ATOM   695  C  CD1 . LEU A 1 85  ? 9.665   -1.902  -4.513  1.00 14.51 ? 624 LEU A CD1 1 
ATOM   696  C  CD2 . LEU A 1 85  ? 11.816  -0.533  -4.266  1.00 10.77 ? 624 LEU A CD2 1 
ATOM   697  N  N   . LEU A 1 86  ? 9.736   -0.242  0.723   1.00 15.71 ? 625 LEU A N   1 
ATOM   698  C  CA  . LEU A 1 86  ? 9.068   0.352   1.885   1.00 17.47 ? 625 LEU A CA  1 
ATOM   699  C  C   . LEU A 1 86  ? 10.036  1.146   2.752   1.00 17.24 ? 625 LEU A C   1 
ATOM   700  O  O   . LEU A 1 86  ? 9.700   2.194   3.265   1.00 17.80 ? 625 LEU A O   1 
ATOM   701  C  CB  . LEU A 1 86  ? 8.390   -0.729  2.753   1.00 17.56 ? 625 LEU A CB  1 
ATOM   702  C  CG  . LEU A 1 86  ? 7.208   -1.492  2.150   1.00 18.00 ? 625 LEU A CG  1 
ATOM   703  C  CD1 . LEU A 1 86  ? 6.715   -2.622  3.123   1.00 19.63 ? 625 LEU A CD1 1 
ATOM   704  C  CD2 . LEU A 1 86  ? 6.037   -0.577  1.800   1.00 17.67 ? 625 LEU A CD2 1 
ATOM   705  N  N   . LYS A 1 87  ? 11.252  0.641   2.921   1.00 19.18 ? 626 LYS A N   1 
ATOM   706  C  CA  . LYS A 1 87  ? 12.272  1.389   3.662   1.00 18.44 ? 626 LYS A CA  1 
ATOM   707  C  C   . LYS A 1 87  ? 12.627  2.667   2.955   1.00 18.35 ? 626 LYS A C   1 
ATOM   708  O  O   . LYS A 1 87  ? 12.791  3.719   3.580   1.00 19.03 ? 626 LYS A O   1 
ATOM   709  C  CB  . LYS A 1 87  ? 13.522  0.550   3.844   1.00 19.37 ? 626 LYS A CB  1 
ATOM   710  C  CG  . LYS A 1 87  ? 13.369  -0.500  4.900   1.00 19.97 ? 626 LYS A CG  1 
ATOM   711  C  CD  . LYS A 1 87  ? 14.667  -1.300  5.045   1.00 23.02 ? 626 LYS A CD  1 
ATOM   712  C  CE  . LYS A 1 87  ? 14.542  -2.327  6.140   1.00 21.89 ? 626 LYS A CE  1 
ATOM   713  N  NZ  . LYS A 1 87  ? 15.031  -3.648  5.663   1.00 27.22 ? 626 LYS A NZ  1 
ATOM   714  N  N   . ALA A 1 88  ? 12.758  2.582   1.639   1.00 17.14 ? 627 ALA A N   1 
ATOM   715  C  CA  . ALA A 1 88  ? 13.248  3.730   0.859   1.00 16.33 ? 627 ALA A CA  1 
ATOM   716  C  C   . ALA A 1 88  ? 12.184  4.860   0.833   1.00 14.87 ? 627 ALA A C   1 
ATOM   717  O  O   . ALA A 1 88  ? 12.513  6.073   0.875   1.00 13.25 ? 627 ALA A O   1 
ATOM   718  C  CB  . ALA A 1 88  ? 13.544  3.241   -0.610  1.00 16.53 ? 627 ALA A CB  1 
ATOM   719  N  N   . TRP A 1 89  ? 10.915  4.442   0.693   1.00 14.50 ? 628 TRP A N   1 
ATOM   720  C  CA  . TRP A 1 89  ? 9.838   5.388   0.444   1.00 13.48 ? 628 TRP A CA  1 
ATOM   721  C  C   . TRP A 1 89  ? 8.870   5.557   1.617   1.00 14.55 ? 628 TRP A C   1 
ATOM   722  O  O   . TRP A 1 89  ? 7.833   6.196   1.444   1.00 14.95 ? 628 TRP A O   1 
ATOM   723  C  CB  . TRP A 1 89  ? 9.059   4.975   -0.807  1.00 12.94 ? 628 TRP A CB  1 
ATOM   724  C  CG  . TRP A 1 89  ? 9.920   4.971   -2.092  1.00 13.89 ? 628 TRP A CG  1 
ATOM   725  C  CD1 . TRP A 1 89  ? 10.951  5.802   -2.377  1.00 14.23 ? 628 TRP A CD1 1 
ATOM   726  C  CD2 . TRP A 1 89  ? 9.811   4.077   -3.211  1.00 15.55 ? 628 TRP A CD2 1 
ATOM   727  N  NE1 . TRP A 1 89  ? 11.502  5.495   -3.593  1.00 11.60 ? 628 TRP A NE1 1 
ATOM   728  C  CE2 . TRP A 1 89  ? 10.819  4.441   -4.134  1.00 13.69 ? 628 TRP A CE2 1 
ATOM   729  C  CE3 . TRP A 1 89  ? 8.949   3.033   -3.535  1.00 12.56 ? 628 TRP A CE3 1 
ATOM   730  C  CZ2 . TRP A 1 89  ? 10.991  3.790   -5.364  1.00 16.09 ? 628 TRP A CZ2 1 
ATOM   731  C  CZ3 . TRP A 1 89  ? 9.108   2.395   -4.784  1.00 13.45 ? 628 TRP A CZ3 1 
ATOM   732  C  CH2 . TRP A 1 89  ? 10.124  2.762   -5.665  1.00 14.25 ? 628 TRP A CH2 1 
ATOM   733  N  N   . SER A 1 90  ? 9.199   5.024   2.807   1.00 14.54 ? 629 SER A N   1 
ATOM   734  C  CA  . SER A 1 90  ? 8.348   5.261   3.950   1.00 14.23 ? 629 SER A CA  1 
ATOM   735  C  C   . SER A 1 90  ? 8.018   6.713   4.213   1.00 13.57 ? 629 SER A C   1 
ATOM   736  O  O   . SER A 1 90  ? 6.899   6.999   4.540   1.00 14.09 ? 629 SER A O   1 
ATOM   737  C  CB  . SER A 1 90  ? 8.779   4.492   5.260   1.00 12.72 ? 629 SER A CB  1 
ATOM   738  O  OG  . SER A 1 90  ? 9.922   5.062   5.803   1.00 14.77 ? 629 SER A OG  1 
ATOM   739  N  N   . PRO A 1 91  ? 8.981   7.646   4.053   1.00 14.96 ? 630 PRO A N   1 
ATOM   740  C  CA  . PRO A 1 91  ? 8.650   9.059   4.206   1.00 14.36 ? 630 PRO A CA  1 
ATOM   741  C  C   . PRO A 1 91  ? 7.587   9.561   3.195   1.00 14.58 ? 630 PRO A C   1 
ATOM   742  O  O   . PRO A 1 91  ? 6.834   10.458  3.522   1.00 12.26 ? 630 PRO A O   1 
ATOM   743  C  CB  . PRO A 1 91  ? 10.003  9.757   3.948   1.00 14.32 ? 630 PRO A CB  1 
ATOM   744  C  CG  . PRO A 1 91  ? 11.008  8.764   4.416   1.00 16.87 ? 630 PRO A CG  1 
ATOM   745  C  CD  . PRO A 1 91  ? 10.429  7.464   3.857   1.00 14.41 ? 630 PRO A CD  1 
ATOM   746  N  N   . VAL A 1 92  ? 7.569   8.998   1.977   1.00 13.32 ? 631 VAL A N   1 
ATOM   747  C  CA  . VAL A 1 92  ? 6.576   9.416   0.981   1.00 13.69 ? 631 VAL A CA  1 
ATOM   748  C  C   . VAL A 1 92  ? 5.175   9.025   1.521   1.00 12.72 ? 631 VAL A C   1 
ATOM   749  O  O   . VAL A 1 92  ? 4.266   9.842   1.509   1.00 12.44 ? 631 VAL A O   1 
ATOM   750  C  CB  . VAL A 1 92  ? 6.817   8.786   -0.412  1.00 13.05 ? 631 VAL A CB  1 
ATOM   751  C  CG1 . VAL A 1 92  ? 5.732   9.296   -1.416  1.00 13.59 ? 631 VAL A CG1 1 
ATOM   752  C  CG2 . VAL A 1 92  ? 8.289   9.114   -0.894  1.00 12.22 ? 631 VAL A CG2 1 
ATOM   753  N  N   . PHE A 1 93  ? 5.042   7.774   2.004   1.00 12.72 ? 632 PHE A N   1 
ATOM   754  C  CA  . PHE A 1 93  ? 3.812   7.332   2.737   1.00 12.14 ? 632 PHE A CA  1 
ATOM   755  C  C   . PHE A 1 93  ? 3.410   8.279   3.875   1.00 12.50 ? 632 PHE A C   1 
ATOM   756  O  O   . PHE A 1 93  ? 2.246   8.725   3.948   1.00 14.12 ? 632 PHE A O   1 
ATOM   757  C  CB  . PHE A 1 93  ? 3.965   5.922   3.240   1.00 11.28 ? 632 PHE A CB  1 
ATOM   758  C  CG  . PHE A 1 93  ? 3.808   4.850   2.141   1.00 12.58 ? 632 PHE A CG  1 
ATOM   759  C  CD1 . PHE A 1 93  ? 4.925   4.300   1.521   1.00 11.75 ? 632 PHE A CD1 1 
ATOM   760  C  CD2 . PHE A 1 93  ? 2.505   4.386   1.751   1.00 12.59 ? 632 PHE A CD2 1 
ATOM   761  C  CE1 . PHE A 1 93  ? 4.784   3.263   0.542   1.00 13.86 ? 632 PHE A CE1 1 
ATOM   762  C  CE2 . PHE A 1 93  ? 2.371   3.384   0.797   1.00 13.54 ? 632 PHE A CE2 1 
ATOM   763  C  CZ  . PHE A 1 93  ? 3.532   2.832   0.186   1.00 15.06 ? 632 PHE A CZ  1 
ATOM   764  N  N   . ARG A 1 94  ? 4.367   8.701   4.682   1.00 12.89 ? 633 ARG A N   1 
ATOM   765  C  CA  . ARG A 1 94  ? 4.042   9.458   5.922   1.00 14.47 ? 633 ARG A CA  1 
ATOM   766  C  C   . ARG A 1 94  ? 3.712   10.948  5.645   1.00 14.36 ? 633 ARG A C   1 
ATOM   767  O  O   . ARG A 1 94  ? 3.030   11.624  6.443   1.00 14.64 ? 633 ARG A O   1 
ATOM   768  C  CB  . ARG A 1 94  ? 5.157   9.321   6.967   1.00 15.02 ? 633 ARG A CB  1 
ATOM   769  C  CG  . ARG A 1 94  ? 5.487   7.868   7.367   1.00 18.39 ? 633 ARG A CG  1 
ATOM   770  C  CD  . ARG A 1 94  ? 6.705   7.807   8.305   1.00 20.39 ? 633 ARG A CD  1 
ATOM   771  N  NE  . ARG A 1 94  ? 6.498   8.440   9.605   1.00 27.61 ? 633 ARG A NE  1 
ATOM   772  C  CZ  . ARG A 1 94  ? 7.449   8.554   10.557  1.00 30.00 ? 633 ARG A CZ  1 
ATOM   773  N  NH1 . ARG A 1 94  ? 8.686   8.087   10.355  1.00 31.25 ? 633 ARG A NH1 1 
ATOM   774  N  NH2 . ARG A 1 94  ? 7.169   9.130   11.715  1.00 23.74 ? 633 ARG A NH2 1 
ATOM   775  N  N   . ASN A 1 95  ? 4.035   11.394  4.447   1.00 13.44 ? 634 ASN A N   1 
ATOM   776  C  CA  . ASN A 1 95  ? 3.702   12.750  4.004   1.00 13.96 ? 634 ASN A CA  1 
ATOM   777  C  C   . ASN A 1 95  ? 2.188   12.919  3.839   1.00 14.78 ? 634 ASN A C   1 
ATOM   778  O  O   . ASN A 1 95  ? 1.642   14.029  4.099   1.00 13.96 ? 634 ASN A O   1 
ATOM   779  C  CB  . ASN A 1 95  ? 4.369   13.068  2.656   1.00 13.77 ? 634 ASN A CB  1 
ATOM   780  C  CG  . ASN A 1 95  ? 4.030   14.459  2.161   1.00 12.81 ? 634 ASN A CG  1 
ATOM   781  O  OD1 . ASN A 1 95  ? 4.520   15.389  2.723   1.00 16.76 ? 634 ASN A OD1 1 
ATOM   782  N  ND2 . ASN A 1 95  ? 3.138   14.610  1.129   1.00 10.93 ? 634 ASN A ND2 1 
ATOM   783  N  N   . TYR A 1 96  ? 1.526   11.827  3.414   1.00 14.26 ? 635 TYR A N   1 
ATOM   784  C  CA  . TYR A 1 96  ? 0.081   11.832  3.132   1.00 14.81 ? 635 TYR A CA  1 
ATOM   785  C  C   . TYR A 1 96  ? -0.718  11.099  4.257   1.00 15.09 ? 635 TYR A C   1 
ATOM   786  O  O   . TYR A 1 96  ? -1.863  11.494  4.569   1.00 15.01 ? 635 TYR A O   1 
ATOM   787  C  CB  . TYR A 1 96  ? -0.217  11.159  1.790   1.00 14.29 ? 635 TYR A CB  1 
ATOM   788  C  CG  . TYR A 1 96  ? 0.545   11.772  0.638   1.00 14.47 ? 635 TYR A CG  1 
ATOM   789  C  CD1 . TYR A 1 96  ? 1.652   11.135  0.129   1.00 13.49 ? 635 TYR A CD1 1 
ATOM   790  C  CD2 . TYR A 1 96  ? 0.153   13.007  0.064   1.00 13.96 ? 635 TYR A CD2 1 
ATOM   791  C  CE1 . TYR A 1 96  ? 2.390   11.742  -0.954  1.00 13.38 ? 635 TYR A CE1 1 
ATOM   792  C  CE2 . TYR A 1 96  ? 0.854   13.563  -1.015  1.00 12.27 ? 635 TYR A CE2 1 
ATOM   793  C  CZ  . TYR A 1 96  ? 1.973   12.909  -1.483  1.00 12.11 ? 635 TYR A CZ  1 
ATOM   794  O  OH  . TYR A 1 96  ? 2.699   13.421  -2.498  1.00 16.32 ? 635 TYR A OH  1 
ATOM   795  N  N   . ILE A 1 97  ? -0.148  10.035  4.810   1.00 15.28 ? 636 ILE A N   1 
ATOM   796  C  CA  . ILE A 1 97  ? -0.910  9.232   5.783   1.00 16.06 ? 636 ILE A CA  1 
ATOM   797  C  C   . ILE A 1 97  ? -0.714  9.747   7.167   1.00 17.02 ? 636 ILE A C   1 
ATOM   798  O  O   . ILE A 1 97  ? 0.285   9.418   7.812   1.00 18.27 ? 636 ILE A O   1 
ATOM   799  C  CB  . ILE A 1 97  ? -0.646  7.706   5.683   1.00 16.53 ? 636 ILE A CB  1 
ATOM   800  C  CG1 . ILE A 1 97  ? -0.901  7.217   4.255   1.00 16.74 ? 636 ILE A CG1 1 
ATOM   801  C  CG2 . ILE A 1 97  ? -1.538  6.942   6.770   1.00 14.69 ? 636 ILE A CG2 1 
ATOM   802  C  CD1 . ILE A 1 97  ? -0.274  5.952   3.978   1.00 22.25 ? 636 ILE A CD1 1 
ATOM   803  N  N   . LYS A 1 98  ? -1.694  10.493  7.668   1.00 18.27 ? 637 LYS A N   1 
ATOM   804  C  CA  . LYS A 1 98  ? -1.489  11.241  8.927   1.00 19.03 ? 637 LYS A CA  1 
ATOM   805  C  C   . LYS A 1 98  ? -2.531  10.980  10.036  1.00 19.57 ? 637 LYS A C   1 
ATOM   806  O  O   . LYS A 1 98  ? -2.170  10.854  11.221  1.00 19.64 ? 637 LYS A O   1 
ATOM   807  C  CB  . LYS A 1 98  ? -1.442  12.717  8.618   1.00 19.69 ? 637 LYS A CB  1 
ATOM   808  C  CG  . LYS A 1 98  ? 0.029   13.192  8.357   1.00 21.84 ? 637 LYS A CG  1 
ATOM   809  C  CD  . LYS A 1 98  ? -0.007  14.278  7.411   1.00 18.12 ? 637 LYS A CD  1 
ATOM   810  C  CE  . LYS A 1 98  ? 1.450   14.790  7.258   1.00 17.31 ? 637 LYS A CE  1 
ATOM   811  N  NZ  . LYS A 1 98  ? 1.241   16.025  6.471   1.00 10.01 ? 637 LYS A NZ  1 
ATOM   812  N  N   . ARG A 1 99  ? -3.794  10.910  9.638   1.00 17.32 ? 638 ARG A N   1 
ATOM   813  C  CA  . ARG A 1 99  ? -4.902  10.734  10.573  1.00 18.18 ? 638 ARG A CA  1 
ATOM   814  C  C   . ARG A 1 99  ? -5.435  9.294   10.479  1.00 17.44 ? 638 ARG A C   1 
ATOM   815  O  O   . ARG A 1 99  ? -5.176  8.562   9.472   1.00 18.01 ? 638 ARG A O   1 
ATOM   816  C  CB  . ARG A 1 99  ? -6.033  11.746  10.292  1.00 17.59 ? 638 ARG A CB  1 
ATOM   817  C  CG  . ARG A 1 99  ? -5.702  13.205  10.679  1.00 20.56 ? 638 ARG A CG  1 
ATOM   818  C  CD  . ARG A 1 99  ? -6.641  14.204  10.015  1.00 18.46 ? 638 ARG A CD  1 
ATOM   819  N  NE  . ARG A 1 99  ? -5.980  15.527  9.945   1.00 24.44 ? 638 ARG A NE  1 
ATOM   820  C  CZ  . ARG A 1 99  ? -6.393  16.641  10.546  1.00 25.60 ? 638 ARG A CZ  1 
ATOM   821  N  NH1 . ARG A 1 99  ? -7.474  16.666  11.297  1.00 30.68 ? 638 ARG A NH1 1 
ATOM   822  N  NH2 . ARG A 1 99  ? -5.702  17.747  10.412  1.00 29.67 ? 638 ARG A NH2 1 
ATOM   823  N  N   . ALA A 1 100 ? -6.157  8.901   11.515  1.00 17.16 ? 639 ALA A N   1 
ATOM   824  C  CA  . ALA A 1 100 ? -6.688  7.519   11.638  1.00 17.51 ? 639 ALA A CA  1 
ATOM   825  C  C   . ALA A 1 100 ? -7.363  7.150   10.317  1.00 17.44 ? 639 ALA A C   1 
ATOM   826  O  O   . ALA A 1 100 ? -7.096  6.067   9.793   1.00 17.64 ? 639 ALA A O   1 
ATOM   827  C  CB  . ALA A 1 100 ? -7.726  7.433   12.803  1.00 18.21 ? 639 ALA A CB  1 
ATOM   828  N  N   . ALA A 1 101 ? -8.161  8.070   9.755   1.00 17.12 ? 640 ALA A N   1 
ATOM   829  C  CA  . ALA A 1 101 ? -8.938  7.719   8.563   1.00 17.78 ? 640 ALA A CA  1 
ATOM   830  C  C   . ALA A 1 101 ? -8.016  7.400   7.388   1.00 17.65 ? 640 ALA A C   1 
ATOM   831  O  O   . ALA A 1 101 ? -8.324  6.509   6.567   1.00 15.93 ? 640 ALA A O   1 
ATOM   832  C  CB  . ALA A 1 101 ? -9.904  8.781   8.202   1.00 19.03 ? 640 ALA A CB  1 
ATOM   833  N  N   . ASP A 1 102 ? -6.881  8.135   7.325   1.00 15.92 ? 641 ASP A N   1 
ATOM   834  C  CA  . ASP A 1 102 ? -5.856  7.932   6.315   1.00 15.28 ? 641 ASP A CA  1 
ATOM   835  C  C   . ASP A 1 102 ? -5.223  6.588   6.474   1.00 16.10 ? 641 ASP A C   1 
ATOM   836  O  O   . ASP A 1 102 ? -4.933  5.942   5.479   1.00 16.31 ? 641 ASP A O   1 
ATOM   837  C  CB  . ASP A 1 102 ? -4.707  8.992   6.469   1.00 14.82 ? 641 ASP A CB  1 
ATOM   838  C  CG  . ASP A 1 102 ? -5.228  10.441  6.524   1.00 13.86 ? 641 ASP A CG  1 
ATOM   839  O  OD1 . ASP A 1 102 ? -6.341  10.715  5.990   1.00 11.69 ? 641 ASP A OD1 1 
ATOM   840  O  OD2 . ASP A 1 102 ? -4.522  11.312  7.050   1.00 13.31 ? 641 ASP A OD2 1 
ATOM   841  N  N   . HIS A 1 103 ? -4.923  6.194   7.723   1.00 16.99 ? 642 HIS A N   1 
ATOM   842  C  CA  . HIS A 1 103 ? -4.286  4.911   7.973   1.00 19.02 ? 642 HIS A CA  1 
ATOM   843  C  C   . HIS A 1 103 ? -5.220  3.764   7.457   1.00 19.03 ? 642 HIS A C   1 
ATOM   844  O  O   . HIS A 1 103 ? -4.746  2.810   6.848   1.00 18.74 ? 642 HIS A O   1 
ATOM   845  C  CB  . HIS A 1 103 ? -3.943  4.682   9.494   1.00 19.51 ? 642 HIS A CB  1 
ATOM   846  C  CG  . HIS A 1 103 ? -2.697  5.390   9.994   1.00 20.31 ? 642 HIS A CG  1 
ATOM   847  N  ND1 . HIS A 1 103 ? -2.508  6.754   9.910   1.00 20.50 ? 642 HIS A ND1 1 
ATOM   848  C  CD2 . HIS A 1 103 ? -1.627  4.913   10.671  1.00 18.61 ? 642 HIS A CD2 1 
ATOM   849  C  CE1 . HIS A 1 103 ? -1.349  7.074   10.457  1.00 16.05 ? 642 HIS A CE1 1 
ATOM   850  N  NE2 . HIS A 1 103 ? -0.788  5.971   10.920  1.00 19.41 ? 642 HIS A NE2 1 
ATOM   851  N  N   . LEU A 1 104 ? -6.513  3.857   7.762   1.00 19.40 ? 643 LEU A N   1 
ATOM   852  C  CA  . LEU A 1 104 ? -7.556  2.940   7.195   1.00 21.44 ? 643 LEU A CA  1 
ATOM   853  C  C   . LEU A 1 104 ? -7.696  2.978   5.670   1.00 21.20 ? 643 LEU A C   1 
ATOM   854  O  O   . LEU A 1 104 ? -7.956  1.947   5.054   1.00 21.78 ? 643 LEU A O   1 
ATOM   855  C  CB  . LEU A 1 104 ? -8.949  3.236   7.801   1.00 21.18 ? 643 LEU A CB  1 
ATOM   856  C  CG  . LEU A 1 104 ? -9.273  2.742   9.216   1.00 24.52 ? 643 LEU A CG  1 
ATOM   857  C  CD1 . LEU A 1 104 ? -8.467  1.482   9.616   1.00 27.58 ? 643 LEU A CD1 1 
ATOM   858  C  CD2 . LEU A 1 104 ? -9.263  3.813   10.288  1.00 26.53 ? 643 LEU A CD2 1 
ATOM   859  N  N   . GLU A 1 105 ? -7.540  4.143   5.033   1.00 21.19 ? 644 GLU A N   1 
ATOM   860  C  CA  . GLU A 1 105 ? -7.514  4.137   3.583   1.00 22.05 ? 644 GLU A CA  1 
ATOM   861  C  C   . GLU A 1 105 ? -6.373  3.323   3.036   1.00 21.24 ? 644 GLU A C   1 
ATOM   862  O  O   . GLU A 1 105 ? -6.539  2.632   2.020   1.00 21.24 ? 644 GLU A O   1 
ATOM   863  C  CB  . GLU A 1 105 ? -7.453  5.535   2.930   1.00 23.79 ? 644 GLU A CB  1 
ATOM   864  C  CG  . GLU A 1 105 ? -8.714  6.378   3.123   1.00 27.18 ? 644 GLU A CG  1 
ATOM   865  C  CD  . GLU A 1 105 ? -9.984  5.681   2.590   1.00 32.68 ? 644 GLU A CD  1 
ATOM   866  O  OE1 . GLU A 1 105 ? -9.914  4.843   1.651   1.00 36.73 ? 644 GLU A OE1 1 
ATOM   867  O  OE2 . GLU A 1 105 ? -11.043 5.976   3.128   1.00 32.67 ? 644 GLU A OE2 1 
ATOM   868  N  N   . ALA A 1 106 ? -5.196  3.443   3.651   1.00 19.90 ? 645 ALA A N   1 
ATOM   869  C  CA  . ALA A 1 106 ? -4.056  2.719   3.145   1.00 19.89 ? 645 ALA A CA  1 
ATOM   870  C  C   . ALA A 1 106 ? -4.273  1.216   3.425   1.00 18.94 ? 645 ALA A C   1 
ATOM   871  O  O   . ALA A 1 106 ? -4.038  0.381   2.559   1.00 19.19 ? 645 ALA A O   1 
ATOM   872  C  CB  . ALA A 1 106 ? -2.702  3.224   3.767   1.00 19.38 ? 645 ALA A CB  1 
ATOM   873  N  N   . LEU A 1 107 ? -4.735  0.882   4.624   1.00 18.71 ? 646 LEU A N   1 
ATOM   874  C  CA  . LEU A 1 107 ? -4.965  -0.549  4.968   1.00 19.25 ? 646 LEU A CA  1 
ATOM   875  C  C   . LEU A 1 107 ? -5.934  -1.204  3.969   1.00 17.25 ? 646 LEU A C   1 
ATOM   876  O  O   . LEU A 1 107 ? -5.838  -2.368  3.653   1.00 16.39 ? 646 LEU A O   1 
ATOM   877  C  CB  . LEU A 1 107 ? -5.447  -0.702  6.438   1.00 19.27 ? 646 LEU A CB  1 
ATOM   878  C  CG  . LEU A 1 107 ? -4.257  -0.805  7.402   1.00 20.65 ? 646 LEU A CG  1 
ATOM   879  C  CD1 . LEU A 1 107 ? -4.555  -0.095  8.706   1.00 19.00 ? 646 LEU A CD1 1 
ATOM   880  C  CD2 . LEU A 1 107 ? -3.910  -2.271  7.600   1.00 23.61 ? 646 LEU A CD2 1 
ATOM   881  N  N   . ALA A 1 108 ? -6.883  -0.438  3.492   1.00 18.65 ? 647 ALA A N   1 
ATOM   882  C  CA  . ALA A 1 108 ? -7.892  -0.984  2.626   1.00 18.00 ? 647 ALA A CA  1 
ATOM   883  C  C   . ALA A 1 108 ? -7.308  -1.175  1.236   1.00 17.77 ? 647 ALA A C   1 
ATOM   884  O  O   . ALA A 1 108 ? -7.620  -2.133  0.536   1.00 15.00 ? 647 ALA A O   1 
ATOM   885  C  CB  . ALA A 1 108 ? -9.147  -0.111  2.609   1.00 19.40 ? 647 ALA A CB  1 
ATOM   886  N  N   . ALA A 1 109 ? -6.398  -0.281  0.840   1.00 17.41 ? 648 ALA A N   1 
ATOM   887  C  CA  . ALA A 1 109 ? -5.674  -0.518  -0.382  1.00 16.21 ? 648 ALA A CA  1 
ATOM   888  C  C   . ALA A 1 109 ? -4.789  -1.745  -0.206  1.00 16.13 ? 648 ALA A C   1 
ATOM   889  O  O   . ALA A 1 109 ? -4.666  -2.512  -1.134  1.00 16.63 ? 648 ALA A O   1 
ATOM   890  C  CB  . ALA A 1 109 ? -4.842  0.720   -0.749  1.00 15.78 ? 648 ALA A CB  1 
ATOM   891  N  N   . ILE A 1 110 ? -4.121  -1.914  0.934   1.00 15.75 ? 649 ILE A N   1 
ATOM   892  C  CA  . ILE A 1 110 ? -3.266  -3.085  1.127   1.00 16.49 ? 649 ILE A CA  1 
ATOM   893  C  C   . ILE A 1 110 ? -4.121  -4.373  1.100   1.00 18.54 ? 649 ILE A C   1 
ATOM   894  O  O   . ILE A 1 110 ? -3.706  -5.385  0.499   1.00 18.15 ? 649 ILE A O   1 
ATOM   895  C  CB  . ILE A 1 110 ? -2.494  -2.992  2.452   1.00 16.39 ? 649 ILE A CB  1 
ATOM   896  C  CG1 . ILE A 1 110 ? -1.420  -1.875  2.400   1.00 16.34 ? 649 ILE A CG1 1 
ATOM   897  C  CG2 . ILE A 1 110 ? -1.836  -4.328  2.870   1.00 17.74 ? 649 ILE A CG2 1 
ATOM   898  C  CD1 . ILE A 1 110 ? -1.140  -1.356  3.877   1.00 11.04 ? 649 ILE A CD1 1 
ATOM   899  N  N   . GLU A 1 111 ? -5.311  -4.304  1.720   1.00 17.47 ? 650 GLU A N   1 
ATOM   900  C  CA  . GLU A 1 111 ? -6.239  -5.436  1.665   1.00 19.66 ? 650 GLU A CA  1 
ATOM   901  C  C   . GLU A 1 111 ? -6.586  -5.807  0.217   1.00 19.93 ? 650 GLU A C   1 
ATOM   902  O  O   . GLU A 1 111 ? -6.404  -6.957  -0.187  1.00 20.53 ? 650 GLU A O   1 
ATOM   903  C  CB  . GLU A 1 111 ? -7.520  -5.153  2.433   1.00 18.94 ? 650 GLU A CB  1 
ATOM   904  C  CG  . GLU A 1 111 ? -8.413  -6.424  2.516   1.00 22.10 ? 650 GLU A CG  1 
ATOM   905  C  CD  . GLU A 1 111 ? -9.689  -6.210  3.289   1.00 24.89 ? 650 GLU A CD  1 
ATOM   906  O  OE1 . GLU A 1 111 ? -9.852  -5.168  3.944   1.00 24.96 ? 650 GLU A OE1 1 
ATOM   907  O  OE2 . GLU A 1 111 ? -10.548 -7.117  3.231   1.00 28.24 ? 650 GLU A OE2 1 
ATOM   908  N  N   . ASP A 1 112 ? -7.080  -4.832  -0.550  1.00 20.01 ? 651 ASP A N   1 
ATOM   909  C  CA  . ASP A 1 112 ? -7.416  -5.003  -1.970  1.00 20.39 ? 651 ASP A CA  1 
ATOM   910  C  C   . ASP A 1 112 ? -6.277  -5.613  -2.798  1.00 20.55 ? 651 ASP A C   1 
ATOM   911  O  O   . ASP A 1 112 ? -6.510  -6.440  -3.671  1.00 19.58 ? 651 ASP A O   1 
ATOM   912  C  CB  . ASP A 1 112 ? -7.843  -3.665  -2.595  1.00 20.93 ? 651 ASP A CB  1 
ATOM   913  C  CG  . ASP A 1 112 ? -8.236  -3.797  -4.075  1.00 25.43 ? 651 ASP A CG  1 
ATOM   914  O  OD1 . ASP A 1 112 ? -9.387  -4.196  -4.323  1.00 31.44 ? 651 ASP A OD1 1 
ATOM   915  O  OD2 . ASP A 1 112 ? -7.442  -3.481  -5.005  1.00 27.94 ? 651 ASP A OD2 1 
ATOM   916  N  N   . PHE A 1 113 ? -5.043  -5.221  -2.503  1.00 20.32 ? 652 PHE A N   1 
ATOM   917  C  CA  . PHE A 1 113 ? -3.877  -5.759  -3.200  1.00 20.20 ? 652 PHE A CA  1 
ATOM   918  C  C   . PHE A 1 113 ? -3.733  -7.236  -2.872  1.00 21.41 ? 652 PHE A C   1 
ATOM   919  O  O   . PHE A 1 113 ? -3.526  -8.083  -3.765  1.00 21.65 ? 652 PHE A O   1 
ATOM   920  C  CB  . PHE A 1 113 ? -2.555  -5.041  -2.796  1.00 19.15 ? 652 PHE A CB  1 
ATOM   921  C  CG  . PHE A 1 113 ? -1.330  -5.745  -3.316  1.00 17.98 ? 652 PHE A CG  1 
ATOM   922  C  CD1 . PHE A 1 113 ? -0.896  -5.530  -4.642  1.00 18.52 ? 652 PHE A CD1 1 
ATOM   923  C  CD2 . PHE A 1 113 ? -0.637  -6.662  -2.503  1.00 18.33 ? 652 PHE A CD2 1 
ATOM   924  C  CE1 . PHE A 1 113 ? 0.233   -6.184  -5.151  1.00 17.55 ? 652 PHE A CE1 1 
ATOM   925  C  CE2 . PHE A 1 113 ? 0.443   -7.338  -2.980  1.00 17.34 ? 652 PHE A CE2 1 
ATOM   926  C  CZ  . PHE A 1 113 ? 0.925   -7.093  -4.311  1.00 20.73 ? 652 PHE A CZ  1 
ATOM   927  N  N   . PHE A 1 114 ? -3.778  -7.553  -1.593  1.00 21.99 ? 653 PHE A N   1 
ATOM   928  C  CA  . PHE A 1 114 ? -3.626  -8.983  -1.212  1.00 22.61 ? 653 PHE A CA  1 
ATOM   929  C  C   . PHE A 1 114 ? -4.744  -9.921  -1.740  1.00 23.85 ? 653 PHE A C   1 
ATOM   930  O  O   . PHE A 1 114 ? -4.446  -10.951 -2.324  1.00 24.52 ? 653 PHE A O   1 
ATOM   931  C  CB  . PHE A 1 114 ? -3.286  -9.144  0.252   1.00 21.00 ? 653 PHE A CB  1 
ATOM   932  C  CG  . PHE A 1 114 ? -1.838  -8.886  0.545   1.00 23.39 ? 653 PHE A CG  1 
ATOM   933  C  CD1 . PHE A 1 114 ? -0.874  -9.822  0.217   1.00 23.66 ? 653 PHE A CD1 1 
ATOM   934  C  CD2 . PHE A 1 114 ? -1.431  -7.685  1.115   1.00 22.65 ? 653 PHE A CD2 1 
ATOM   935  C  CE1 . PHE A 1 114 ? 0.442   -9.592  0.483   1.00 26.00 ? 653 PHE A CE1 1 
ATOM   936  C  CE2 . PHE A 1 114 ? -0.096  -7.430  1.378   1.00 22.97 ? 653 PHE A CE2 1 
ATOM   937  C  CZ  . PHE A 1 114 ? 0.846   -8.372  1.071   1.00 25.97 ? 653 PHE A CZ  1 
ATOM   938  N  N   . LEU A 1 115 ? -5.989  -9.474  -1.630  1.00 24.97 ? 654 LEU A N   1 
ATOM   939  C  CA  . LEU A 1 115 ? -7.182  -10.079 -2.235  1.00 27.00 ? 654 LEU A CA  1 
ATOM   940  C  C   . LEU A 1 115 ? -7.113  -10.227 -3.747  1.00 27.64 ? 654 LEU A C   1 
ATOM   941  O  O   . LEU A 1 115 ? -7.757  -11.089 -4.297  1.00 28.38 ? 654 LEU A O   1 
ATOM   942  C  CB  . LEU A 1 115 ? -8.392  -9.189  -1.930  1.00 26.95 ? 654 LEU A CB  1 
ATOM   943  C  CG  . LEU A 1 115 ? -9.266  -9.370  -0.666  1.00 29.86 ? 654 LEU A CG  1 
ATOM   944  C  CD1 . LEU A 1 115 ? -8.512  -9.807  0.623   1.00 32.77 ? 654 LEU A CD1 1 
ATOM   945  C  CD2 . LEU A 1 115 ? -10.276 -8.181  -0.418  1.00 28.64 ? 654 LEU A CD2 1 
ATOM   946  N  N   . GLU A 1 116 ? -6.364  -9.362  -4.423  1.00 27.57 ? 655 GLU A N   1 
ATOM   947  C  CA  . GLU A 1 116 ? -6.219  -9.483  -5.861  1.00 28.09 ? 655 GLU A CA  1 
ATOM   948  C  C   . GLU A 1 116 ? -5.005  -10.343 -6.241  1.00 26.15 ? 655 GLU A C   1 
ATOM   949  O  O   . GLU A 1 116 ? -4.865  -10.712 -7.393  1.00 26.81 ? 655 GLU A O   1 
ATOM   950  C  CB  . GLU A 1 116 ? -6.093  -8.116  -6.505  1.00 28.46 ? 655 GLU A CB  1 
ATOM   951  C  CG  . GLU A 1 116 ? -7.317  -7.292  -6.492  1.00 33.17 ? 655 GLU A CG  1 
ATOM   952  C  CD  . GLU A 1 116 ? -7.050  -5.933  -7.149  1.00 42.09 ? 655 GLU A CD  1 
ATOM   953  O  OE1 . GLU A 1 116 ? -5.855  -5.623  -7.531  1.00 42.03 ? 655 GLU A OE1 1 
ATOM   954  O  OE2 . GLU A 1 116 ? -8.041  -5.164  -7.288  1.00 46.92 ? 655 GLU A OE2 1 
ATOM   955  N  N   . HIS A 1 117 ? -4.127  -10.609 -5.291  1.00 23.40 ? 656 HIS A N   1 
ATOM   956  C  CA  . HIS A 1 117 ? -2.901  -11.406 -5.541  1.00 24.32 ? 656 HIS A CA  1 
ATOM   957  C  C   . HIS A 1 117 ? -2.811  -12.538 -4.508  1.00 25.25 ? 656 HIS A C   1 
ATOM   958  O  O   . HIS A 1 117 ? -1.903  -12.580 -3.689  1.00 25.15 ? 656 HIS A O   1 
ATOM   959  C  CB  . HIS A 1 117 ? -1.638  -10.528 -5.529  1.00 21.97 ? 656 HIS A CB  1 
ATOM   960  C  CG  . HIS A 1 117 ? -1.697  -9.411  -6.534  1.00 19.75 ? 656 HIS A CG  1 
ATOM   961  N  ND1 . HIS A 1 117 ? -2.419  -8.266  -6.308  1.00 16.03 ? 656 HIS A ND1 1 
ATOM   962  C  CD2 . HIS A 1 117 ? -1.260  -9.333  -7.810  1.00 14.30 ? 656 HIS A CD2 1 
ATOM   963  C  CE1 . HIS A 1 117 ? -2.353  -7.486  -7.374  1.00 20.52 ? 656 HIS A CE1 1 
ATOM   964  N  NE2 . HIS A 1 117 ? -1.641  -8.105  -8.291  1.00 17.99 ? 656 HIS A NE2 1 
ATOM   965  N  N   . GLU A 1 118 ? -3.809  -13.429 -4.560  1.00 27.73 ? 657 GLU A N   1 
ATOM   966  C  CA  . GLU A 1 118 ? -4.045  -14.527 -3.593  1.00 29.52 ? 657 GLU A CA  1 
ATOM   967  C  C   . GLU A 1 118 ? -2.788  -15.324 -3.230  1.00 28.88 ? 657 GLU A C   1 
ATOM   968  O  O   . GLU A 1 118 ? -2.635  -15.707 -2.083  1.00 29.72 ? 657 GLU A O   1 
ATOM   969  C  CB  . GLU A 1 118 ? -5.131  -15.470 -4.166  1.00 30.04 ? 657 GLU A CB  1 
ATOM   970  C  CG  . GLU A 1 118 ? -4.788  -15.813 -5.672  1.00 37.69 ? 657 GLU A CG  1 
ATOM   971  C  CD  . GLU A 1 118 ? -5.844  -16.628 -6.481  1.00 43.26 ? 657 GLU A CD  1 
ATOM   972  O  OE1 . GLU A 1 118 ? -6.882  -17.058 -5.912  1.00 46.78 ? 657 GLU A OE1 1 
ATOM   973  O  OE2 . GLU A 1 118 ? -5.609  -16.842 -7.702  1.00 42.85 ? 657 GLU A OE2 1 
ATOM   974  N  N   . ALA A 1 119 ? -1.910  -15.576 -4.203  1.00 28.86 ? 658 ALA A N   1 
ATOM   975  C  CA  . ALA A 1 119 ? -0.631  -16.273 -3.977  1.00 28.53 ? 658 ALA A CA  1 
ATOM   976  C  C   . ALA A 1 119 ? 0.402   -15.524 -3.099  1.00 29.23 ? 658 ALA A C   1 
ATOM   977  O  O   . ALA A 1 119 ? 1.348   -16.139 -2.549  1.00 28.45 ? 658 ALA A O   1 
ATOM   978  C  CB  . ALA A 1 119 ? -0.004  -16.687 -5.312  1.00 29.09 ? 658 ALA A CB  1 
ATOM   979  N  N   . LEU A 1 120 ? 0.218   -14.208 -2.935  1.00 27.98 ? 659 LEU A N   1 
ATOM   980  C  CA  . LEU A 1 120 ? 1.069   -13.420 -1.994  1.00 27.44 ? 659 LEU A CA  1 
ATOM   981  C  C   . LEU A 1 120 ? 0.512   -13.318 -0.533  1.00 28.84 ? 659 LEU A C   1 
ATOM   982  O  O   . LEU A 1 120 ? 1.221   -12.841 0.367   1.00 28.78 ? 659 LEU A O   1 
ATOM   983  C  CB  . LEU A 1 120 ? 1.263   -12.024 -2.562  1.00 26.28 ? 659 LEU A CB  1 
ATOM   984  C  CG  . LEU A 1 120 ? 1.829   -11.982 -3.980  1.00 23.11 ? 659 LEU A CG  1 
ATOM   985  C  CD1 . LEU A 1 120 ? 2.027   -10.472 -4.299  1.00 24.56 ? 659 LEU A CD1 1 
ATOM   986  C  CD2 . LEU A 1 120 ? 3.157   -12.733 -4.003  1.00 18.48 ? 659 LEU A CD2 1 
ATOM   987  N  N   . GLY A 1 121 ? -0.733  -13.762 -0.326  1.00 29.12 ? 660 GLY A N   1 
ATOM   988  C  CA  . GLY A 1 121 ? -1.465  -13.678 0.979   1.00 31.05 ? 660 GLY A CA  1 
ATOM   989  C  C   . GLY A 1 121 ? -0.691  -14.133 2.206   1.00 31.69 ? 660 GLY A C   1 
ATOM   990  O  O   . GLY A 1 121 ? -0.740  -13.505 3.285   1.00 30.31 ? 660 GLY A O   1 
ATOM   991  N  N   . ILE A 1 122 ? 0.042   -15.220 2.014   1.00 32.55 ? 661 ILE A N   1 
ATOM   992  C  CA  . ILE A 1 122 ? 1.008   -15.756 2.984   1.00 34.77 ? 661 ILE A CA  1 
ATOM   993  C  C   . ILE A 1 122 ? 1.954   -14.700 3.574   1.00 33.78 ? 661 ILE A C   1 
ATOM   994  O  O   . ILE A 1 122 ? 2.328   -14.799 4.759   1.00 34.56 ? 661 ILE A O   1 
ATOM   995  C  CB  . ILE A 1 122 ? 1.858   -16.909 2.322   1.00 36.18 ? 661 ILE A CB  1 
ATOM   996  C  CG1 . ILE A 1 122 ? 0.941   -17.939 1.627   1.00 39.27 ? 661 ILE A CG1 1 
ATOM   997  C  CG2 . ILE A 1 122 ? 2.868   -17.559 3.325   1.00 37.13 ? 661 ILE A CG2 1 
ATOM   998  C  CD1 . ILE A 1 122 ? 0.540   -17.562 0.141   1.00 38.27 ? 661 ILE A CD1 1 
ATOM   999  N  N   . SER A 1 123 ? 2.330   -13.696 2.761   1.00 32.19 ? 662 SER A N   1 
ATOM   1000 C  CA  . SER A 1 123 ? 3.330   -12.712 3.175   1.00 30.62 ? 662 SER A CA  1 
ATOM   1001 C  C   . SER A 1 123 ? 2.704   -11.468 3.790   1.00 29.63 ? 662 SER A C   1 
ATOM   1002 O  O   . SER A 1 123 ? 3.404   -10.593 4.305   1.00 29.42 ? 662 SER A O   1 
ATOM   1003 C  CB  . SER A 1 123 ? 4.292   -12.383 2.030   1.00 30.88 ? 662 SER A CB  1 
ATOM   1004 O  OG  . SER A 1 123 ? 3.591   -11.860 0.930   1.00 33.18 ? 662 SER A OG  1 
HETATM 1005 N  N   . MSE A 1 124 ? 1.378   -11.416 3.791   1.00 28.60 ? 663 MSE A N   1 
HETATM 1006 C  CA  . MSE A 1 124 ? 0.651   -10.292 4.388   1.00 28.28 ? 663 MSE A CA  1 
HETATM 1007 C  C   . MSE A 1 124 ? 1.005   -9.895  5.818   1.00 27.61 ? 663 MSE A C   1 
HETATM 1008 O  O   . MSE A 1 124 ? 0.990   -8.683  6.136   1.00 25.71 ? 663 MSE A O   1 
HETATM 1009 C  CB  . MSE A 1 124 ? -0.854  -10.493 4.309   1.00 29.48 ? 663 MSE A CB  1 
HETATM 1010 C  CG  . MSE A 1 124 ? -1.593  -9.233  4.723   1.00 31.73 ? 663 MSE A CG  1 
HETATM 1011 SE SE  . MSE A 1 124 ? -3.516  -9.288  4.446   1.00 44.39 ? 663 MSE A SE  1 
HETATM 1012 C  CE  . MSE A 1 124 ? -3.927  -7.383  4.329   1.00 38.07 ? 663 MSE A CE  1 
ATOM   1013 N  N   . ALA A 1 125 ? 1.282   -10.882 6.695   1.00 26.17 ? 664 ALA A N   1 
ATOM   1014 C  CA  . ALA A 1 125 ? 1.694   -10.561 8.086   1.00 26.03 ? 664 ALA A CA  1 
ATOM   1015 C  C   . ALA A 1 125 ? 3.017   -9.827  8.117   1.00 25.07 ? 664 ALA A C   1 
ATOM   1016 O  O   . ALA A 1 125 ? 3.162   -8.840  8.842   1.00 24.78 ? 664 ALA A O   1 
ATOM   1017 C  CB  . ALA A 1 125 ? 1.786   -11.845 8.977   1.00 26.12 ? 664 ALA A CB  1 
ATOM   1018 N  N   . LYS A 1 126 ? 3.976   -10.308 7.319   1.00 24.37 ? 665 LYS A N   1 
ATOM   1019 C  CA  . LYS A 1 126 ? 5.317   -9.688  7.245   1.00 25.20 ? 665 LYS A CA  1 
ATOM   1020 C  C   . LYS A 1 126 ? 5.272   -8.279  6.631   1.00 23.42 ? 665 LYS A C   1 
ATOM   1021 O  O   . LYS A 1 126 ? 6.108   -7.450  6.943   1.00 23.64 ? 665 LYS A O   1 
ATOM   1022 C  CB  . LYS A 1 126 ? 6.281   -10.559 6.444   1.00 25.00 ? 665 LYS A CB  1 
ATOM   1023 C  CG  . LYS A 1 126 ? 6.703   -11.789 7.189   1.00 29.19 ? 665 LYS A CG  1 
ATOM   1024 C  CD  . LYS A 1 126 ? 7.729   -12.617 6.411   1.00 34.70 ? 665 LYS A CD  1 
ATOM   1025 C  CE  . LYS A 1 126 ? 9.168   -12.147 6.686   1.00 38.81 ? 665 LYS A CE  1 
ATOM   1026 N  NZ  . LYS A 1 126 ? 9.577   -11.024 5.787   1.00 43.36 ? 665 LYS A NZ  1 
ATOM   1027 N  N   . VAL A 1 127 ? 4.292   -8.035  5.757   1.00 23.00 ? 666 VAL A N   1 
ATOM   1028 C  CA  . VAL A 1 127 ? 4.171   -6.759  5.092   1.00 21.53 ? 666 VAL A CA  1 
ATOM   1029 C  C   . VAL A 1 127 ? 3.558   -5.718  6.053   1.00 21.45 ? 666 VAL A C   1 
ATOM   1030 O  O   . VAL A 1 127 ? 4.028   -4.583  6.143   1.00 20.77 ? 666 VAL A O   1 
ATOM   1031 C  CB  . VAL A 1 127 ? 3.376   -6.926  3.788   1.00 22.36 ? 666 VAL A CB  1 
ATOM   1032 C  CG1 . VAL A 1 127 ? 2.873   -5.561  3.231   1.00 19.79 ? 666 VAL A CG1 1 
ATOM   1033 C  CG2 . VAL A 1 127 ? 4.244   -7.627  2.767   1.00 20.52 ? 666 VAL A CG2 1 
ATOM   1034 N  N   . LEU A 1 128 ? 2.513   -6.101  6.767   1.00 21.71 ? 667 LEU A N   1 
ATOM   1035 C  CA  . LEU A 1 128 ? 1.946   -5.255  7.850   1.00 22.04 ? 667 LEU A CA  1 
ATOM   1036 C  C   . LEU A 1 128 ? 2.955   -4.906  8.973   1.00 22.49 ? 667 LEU A C   1 
ATOM   1037 O  O   . LEU A 1 128 ? 3.001   -3.760  9.414   1.00 21.32 ? 667 LEU A O   1 
ATOM   1038 C  CB  . LEU A 1 128 ? 0.642   -5.828  8.422   1.00 21.99 ? 667 LEU A CB  1 
ATOM   1039 C  CG  . LEU A 1 128 ? -0.569  -6.005  7.469   1.00 23.10 ? 667 LEU A CG  1 
ATOM   1040 C  CD1 . LEU A 1 128 ? -1.751  -6.693  8.085   1.00 24.00 ? 667 LEU A CD1 1 
ATOM   1041 C  CD2 . LEU A 1 128 ? -1.010  -4.675  6.786   1.00 23.73 ? 667 LEU A CD2 1 
HETATM 1042 N  N   . MSE A 1 129 ? 3.743   -5.880  9.420   1.00 23.62 ? 668 MSE A N   1 
HETATM 1043 C  CA  . MSE A 1 129 ? 4.926   -5.619  10.304  1.00 25.70 ? 668 MSE A CA  1 
HETATM 1044 C  C   . MSE A 1 129 ? 5.896   -4.513  9.797   1.00 25.01 ? 668 MSE A C   1 
HETATM 1045 O  O   . MSE A 1 129 ? 6.334   -3.592  10.544  1.00 24.45 ? 668 MSE A O   1 
HETATM 1046 C  CB  . MSE A 1 129 ? 5.701   -6.948  10.524  1.00 26.47 ? 668 MSE A CB  1 
HETATM 1047 C  CG  . MSE A 1 129 ? 6.891   -6.819  11.433  1.00 32.23 ? 668 MSE A CG  1 
HETATM 1048 SE SE  . MSE A 1 129 ? 6.341   -6.353  13.299  1.00 46.03 ? 668 MSE A SE  1 
HETATM 1049 C  CE  . MSE A 1 129 ? 5.683   -8.131  13.844  1.00 42.47 ? 668 MSE A CE  1 
ATOM   1050 N  N   . ALA A 1 130 ? 6.240   -4.602  8.504   1.00 23.32 ? 669 ALA A N   1 
ATOM   1051 C  CA  . ALA A 1 130 ? 7.073   -3.574  7.896   1.00 21.22 ? 669 ALA A CA  1 
ATOM   1052 C  C   . ALA A 1 130 ? 6.355   -2.230  7.919   1.00 19.42 ? 669 ALA A C   1 
ATOM   1053 O  O   . ALA A 1 130 ? 6.969   -1.262  8.314   1.00 20.02 ? 669 ALA A O   1 
ATOM   1054 C  CB  . ALA A 1 130 ? 7.494   -3.950  6.471   1.00 20.57 ? 669 ALA A CB  1 
ATOM   1055 N  N   . PHE A 1 131 ? 5.070   -2.159  7.566   1.00 17.97 ? 670 PHE A N   1 
ATOM   1056 C  CA  . PHE A 1 131 ? 4.373   -0.860  7.603   1.00 17.75 ? 670 PHE A CA  1 
ATOM   1057 C  C   . PHE A 1 131 ? 4.301   -0.377  9.042   1.00 18.69 ? 670 PHE A C   1 
ATOM   1058 O  O   . PHE A 1 131 ? 4.288   0.817   9.300   1.00 16.13 ? 670 PHE A O   1 
ATOM   1059 C  CB  . PHE A 1 131 ? 2.932   -0.926  7.096   1.00 16.80 ? 670 PHE A CB  1 
ATOM   1060 C  CG  . PHE A 1 131 ? 2.804   -0.842  5.610   1.00 16.50 ? 670 PHE A CG  1 
ATOM   1061 C  CD1 . PHE A 1 131 ? 2.888   -1.980  4.843   1.00 14.18 ? 670 PHE A CD1 1 
ATOM   1062 C  CD2 . PHE A 1 131 ? 2.543   0.378   4.988   1.00 16.08 ? 670 PHE A CD2 1 
ATOM   1063 C  CE1 . PHE A 1 131 ? 2.782   -1.948  3.454   1.00 17.73 ? 670 PHE A CE1 1 
ATOM   1064 C  CE2 . PHE A 1 131 ? 2.411   0.452   3.586   1.00 16.49 ? 670 PHE A CE2 1 
ATOM   1065 C  CZ  . PHE A 1 131 ? 2.527   -0.704  2.808   1.00 14.94 ? 670 PHE A CZ  1 
ATOM   1066 N  N   . TYR A 1 132 ? 4.236   -1.322  9.983   1.00 19.68 ? 671 TYR A N   1 
ATOM   1067 C  CA  . TYR A 1 132 ? 4.118   -0.932  11.395  1.00 21.35 ? 671 TYR A CA  1 
ATOM   1068 C  C   . TYR A 1 132 ? 5.438   -0.438  11.946  1.00 22.62 ? 671 TYR A C   1 
ATOM   1069 O  O   . TYR A 1 132 ? 5.496   0.679   12.461  1.00 22.05 ? 671 TYR A O   1 
ATOM   1070 C  CB  . TYR A 1 132 ? 3.575   -2.101  12.211  1.00 23.03 ? 671 TYR A CB  1 
ATOM   1071 C  CG  . TYR A 1 132 ? 3.581   -1.896  13.718  1.00 23.84 ? 671 TYR A CG  1 
ATOM   1072 C  CD1 . TYR A 1 132 ? 4.509   -2.567  14.520  1.00 31.79 ? 671 TYR A CD1 1 
ATOM   1073 C  CD2 . TYR A 1 132 ? 2.657   -1.074  14.328  1.00 27.11 ? 671 TYR A CD2 1 
ATOM   1074 C  CE1 . TYR A 1 132 ? 4.499   -2.437  15.932  1.00 32.82 ? 671 TYR A CE1 1 
ATOM   1075 C  CE2 . TYR A 1 132 ? 2.627   -0.932  15.725  1.00 30.93 ? 671 TYR A CE2 1 
ATOM   1076 C  CZ  . TYR A 1 132 ? 3.564   -1.605  16.508  1.00 33.87 ? 671 TYR A CZ  1 
ATOM   1077 O  OH  . TYR A 1 132 ? 3.564   -1.468  17.878  1.00 35.49 ? 671 TYR A OH  1 
ATOM   1078 N  N   . GLN A 1 133 ? 6.498   -1.253  11.787  1.00 23.89 ? 672 GLN A N   1 
ATOM   1079 C  CA  A GLN A 1 133 ? 7.838   -0.860  12.243  0.50 24.75 ? 672 GLN A CA  1 
ATOM   1080 C  CA  B GLN A 1 133 ? 7.894   -0.908  12.162  0.50 24.85 ? 672 GLN A CA  1 
ATOM   1081 C  C   . GLN A 1 133 ? 8.373   0.433   11.579  1.00 25.54 ? 672 GLN A C   1 
ATOM   1082 O  O   . GLN A 1 133 ? 9.143   1.194   12.205  1.00 23.96 ? 672 GLN A O   1 
ATOM   1083 C  CB  A GLN A 1 133 ? 8.841   -2.022  12.072  0.50 25.57 ? 672 GLN A CB  1 
ATOM   1084 C  CB  B GLN A 1 133 ? 8.876   -1.984  11.642  0.50 25.50 ? 672 GLN A CB  1 
ATOM   1085 C  CG  A GLN A 1 133 ? 8.619   -3.204  13.026  0.50 25.85 ? 672 GLN A CG  1 
ATOM   1086 C  CG  B GLN A 1 133 ? 8.956   -3.322  12.394  0.50 26.48 ? 672 GLN A CG  1 
ATOM   1087 C  CD  A GLN A 1 133 ? 9.059   -2.892  14.437  0.50 26.97 ? 672 GLN A CD  1 
ATOM   1088 C  CD  B GLN A 1 133 ? 9.896   -4.281  11.681  0.50 27.47 ? 672 GLN A CD  1 
ATOM   1089 O  OE1 A GLN A 1 133 ? 10.088  -2.245  14.648  0.50 27.72 ? 672 GLN A OE1 1 
ATOM   1090 O  OE1 B GLN A 1 133 ? 10.429  -3.953  10.624  0.50 28.01 ? 672 GLN A OE1 1 
ATOM   1091 N  NE2 A GLN A 1 133 ? 8.291   -3.358  15.417  0.50 24.12 ? 672 GLN A NE2 1 
ATOM   1092 N  NE2 B GLN A 1 133 ? 10.103  -5.459  12.248  0.50 27.70 ? 672 GLN A NE2 1 
ATOM   1093 N  N   . LEU A 1 134 ? 7.969   0.680   10.328  1.00 24.57 ? 673 LEU A N   1 
ATOM   1094 C  CA  . LEU A 1 134 ? 8.419   1.869   9.601   1.00 25.22 ? 673 LEU A CA  1 
ATOM   1095 C  C   . LEU A 1 134 ? 7.544   3.091   9.919   1.00 24.38 ? 673 LEU A C   1 
ATOM   1096 O  O   . LEU A 1 134 ? 7.709   4.178   9.325   1.00 23.23 ? 673 LEU A O   1 
ATOM   1097 C  CB  . LEU A 1 134 ? 8.507   1.573   8.070   1.00 26.43 ? 673 LEU A CB  1 
ATOM   1098 C  CG  . LEU A 1 134 ? 9.612   0.643   7.573   1.00 26.33 ? 673 LEU A CG  1 
ATOM   1099 C  CD1 . LEU A 1 134 ? 9.323   0.164   6.125   1.00 27.80 ? 673 LEU A CD1 1 
ATOM   1100 C  CD2 . LEU A 1 134 ? 10.999  1.367   7.679   1.00 28.14 ? 673 LEU A CD2 1 
ATOM   1101 N  N   . GLU A 1 135 ? 6.594   2.873   10.858  1.00 24.38 ? 674 GLU A N   1 
ATOM   1102 C  CA  . GLU A 1 135 ? 5.659   3.900   11.337  1.00 23.81 ? 674 GLU A CA  1 
ATOM   1103 C  C   . GLU A 1 135 ? 4.767   4.515   10.271  1.00 22.31 ? 674 GLU A C   1 
ATOM   1104 O  O   . GLU A 1 135 ? 4.309   5.669   10.401  1.00 20.94 ? 674 GLU A O   1 
ATOM   1105 C  CB  . GLU A 1 135 ? 6.370   4.991   12.184  1.00 25.24 ? 674 GLU A CB  1 
ATOM   1106 C  CG  . GLU A 1 135 ? 7.278   4.435   13.242  1.00 25.62 ? 674 GLU A CG  1 
ATOM   1107 C  CD  . GLU A 1 135 ? 8.182   5.502   13.824  1.00 32.36 ? 674 GLU A CD  1 
ATOM   1108 O  OE1 . GLU A 1 135 ? 9.346   5.569   13.442  1.00 35.05 ? 674 GLU A OE1 1 
ATOM   1109 O  OE2 . GLU A 1 135 ? 7.738   6.317   14.639  1.00 33.93 ? 674 GLU A OE2 1 
ATOM   1110 N  N   . ILE A 1 136 ? 4.499   3.731   9.216   1.00 20.82 ? 675 ILE A N   1 
ATOM   1111 C  CA  . ILE A 1 136 ? 3.580   4.175   8.192   1.00 19.19 ? 675 ILE A CA  1 
ATOM   1112 C  C   . ILE A 1 136 ? 2.183   3.960   8.756   1.00 20.57 ? 675 ILE A C   1 
ATOM   1113 O  O   . ILE A 1 136 ? 1.345   4.849   8.708   1.00 21.38 ? 675 ILE A O   1 
ATOM   1114 C  CB  . ILE A 1 136 ? 3.729   3.396   6.873   1.00 19.31 ? 675 ILE A CB  1 
ATOM   1115 C  CG1 . ILE A 1 136 ? 5.100   3.660   6.243   1.00 16.47 ? 675 ILE A CG1 1 
ATOM   1116 C  CG2 . ILE A 1 136 ? 2.585   3.793   5.923   1.00 16.76 ? 675 ILE A CG2 1 
ATOM   1117 C  CD1 . ILE A 1 136 ? 5.576   2.479   5.465   1.00 18.64 ? 675 ILE A CD1 1 
ATOM   1118 N  N   . LEU A 1 137 ? 1.965   2.797   9.353   1.00 20.64 ? 676 LEU A N   1 
ATOM   1119 C  CA  . LEU A 1 137 ? 0.662   2.506   10.004  1.00 20.89 ? 676 LEU A CA  1 
ATOM   1120 C  C   . LEU A 1 137 ? 0.726   2.298   11.536  1.00 20.44 ? 676 LEU A C   1 
ATOM   1121 O  O   . LEU A 1 137 ? 1.605   1.595   12.032  1.00 20.36 ? 676 LEU A O   1 
ATOM   1122 C  CB  . LEU A 1 137 ? 0.015   1.282   9.335   1.00 20.76 ? 676 LEU A CB  1 
ATOM   1123 C  CG  . LEU A 1 137 ? -0.175  1.321   7.819   1.00 16.51 ? 676 LEU A CG  1 
ATOM   1124 C  CD1 . LEU A 1 137 ? -0.770  -0.039  7.389   1.00 15.54 ? 676 LEU A CD1 1 
ATOM   1125 C  CD2 . LEU A 1 137 ? -1.075  2.489   7.458   1.00 13.74 ? 676 LEU A CD2 1 
ATOM   1126 N  N   . ALA A 1 138 ? -0.208  2.924   12.252  1.00 20.15 ? 677 ALA A N   1 
ATOM   1127 C  CA  . ALA A 1 138 ? -0.329  2.795   13.698  1.00 21.09 ? 677 ALA A CA  1 
ATOM   1128 C  C   . ALA A 1 138 ? -0.917  1.438   14.074  1.00 22.00 ? 677 ALA A C   1 
ATOM   1129 O  O   . ALA A 1 138 ? -1.829  0.946   13.385  1.00 20.78 ? 677 ALA A O   1 
ATOM   1130 C  CB  . ALA A 1 138 ? -1.195  3.906   14.245  1.00 20.77 ? 677 ALA A CB  1 
ATOM   1131 N  N   . GLY A 1 139 ? -0.422  0.840   15.161  1.00 23.10 ? 678 GLY A N   1 
ATOM   1132 C  CA  . GLY A 1 139 ? -0.954  -0.463  15.623  1.00 25.79 ? 678 GLY A CA  1 
ATOM   1133 C  C   . GLY A 1 139 ? -2.470  -0.467  15.851  1.00 27.77 ? 678 GLY A C   1 
ATOM   1134 O  O   . GLY A 1 139 ? -3.154  -1.464  15.584  1.00 28.52 ? 678 GLY A O   1 
ATOM   1135 N  N   . GLU A 1 140 ? -3.018  0.656   16.328  1.00 28.93 ? 679 GLU A N   1 
ATOM   1136 C  CA  . GLU A 1 140 ? -4.427  0.686   16.705  1.00 30.19 ? 679 GLU A CA  1 
ATOM   1137 C  C   . GLU A 1 140 ? -5.359  0.694   15.499  1.00 29.53 ? 679 GLU A C   1 
ATOM   1138 O  O   . GLU A 1 140 ? -6.441  0.100   15.567  1.00 28.57 ? 679 GLU A O   1 
ATOM   1139 C  CB  . GLU A 1 140 ? -4.725  1.795   17.737  1.00 31.78 ? 679 GLU A CB  1 
ATOM   1140 C  CG  . GLU A 1 140 ? -4.272  3.161   17.327  1.00 34.68 ? 679 GLU A CG  1 
ATOM   1141 C  CD  . GLU A 1 140 ? -2.786  3.461   17.639  1.00 41.39 ? 679 GLU A CD  1 
ATOM   1142 O  OE1 . GLU A 1 140 ? -1.922  2.541   17.769  1.00 41.26 ? 679 GLU A OE1 1 
ATOM   1143 O  OE2 . GLU A 1 140 ? -2.473  4.673   17.715  1.00 42.55 ? 679 GLU A OE2 1 
ATOM   1144 N  N   . THR A 1 141 ? -4.928  1.326   14.394  1.00 28.04 ? 680 THR A N   1 
ATOM   1145 C  CA  . THR A 1 141 ? -5.673  1.260   13.112  1.00 27.68 ? 680 THR A CA  1 
ATOM   1146 C  C   . THR A 1 141 ? -5.536  -0.089  12.410  1.00 26.39 ? 680 THR A C   1 
ATOM   1147 O  O   . THR A 1 141 ? -6.485  -0.542  11.738  1.00 25.85 ? 680 THR A O   1 
ATOM   1148 C  CB  . THR A 1 141 ? -5.258  2.359   12.105  1.00 27.32 ? 680 THR A CB  1 
ATOM   1149 O  OG1 . THR A 1 141 ? -3.852  2.219   11.836  1.00 30.82 ? 680 THR A OG1 1 
ATOM   1150 C  CG2 . THR A 1 141 ? -5.549  3.763   12.647  1.00 27.01 ? 680 THR A CG2 1 
ATOM   1151 N  N   . ILE A 1 142 ? -4.368  -0.723  12.544  1.00 26.00 ? 681 ILE A N   1 
ATOM   1152 C  CA  . ILE A 1 142 ? -4.200  -2.105  12.052  1.00 26.17 ? 681 ILE A CA  1 
ATOM   1153 C  C   . ILE A 1 142 ? -5.222  -3.063  12.730  1.00 27.51 ? 681 ILE A C   1 
ATOM   1154 O  O   . ILE A 1 142 ? -5.910  -3.838  12.039  1.00 25.96 ? 681 ILE A O   1 
ATOM   1155 C  CB  . ILE A 1 142 ? -2.706  -2.666  12.142  1.00 27.04 ? 681 ILE A CB  1 
ATOM   1156 C  CG1 . ILE A 1 142 ? -1.749  -1.827  11.263  1.00 22.48 ? 681 ILE A CG1 1 
ATOM   1157 C  CG2 . ILE A 1 142 ? -2.643  -4.147  11.672  1.00 24.33 ? 681 ILE A CG2 1 
ATOM   1158 C  CD1 . ILE A 1 142 ? -0.267  -1.871  11.717  1.00 23.54 ? 681 ILE A CD1 1 
ATOM   1159 N  N   . LEU A 1 143 ? -5.336  -2.950  14.061  1.00 29.23 ? 682 LEU A N   1 
ATOM   1160 C  CA  . LEU A 1 143 ? -6.360  -3.705  14.850  1.00 30.42 ? 682 LEU A CA  1 
ATOM   1161 C  C   . LEU A 1 143 ? -7.804  -3.370  14.443  1.00 30.53 ? 682 LEU A C   1 
ATOM   1162 O  O   . LEU A 1 143 ? -8.601  -4.259  14.164  1.00 32.27 ? 682 LEU A O   1 
ATOM   1163 C  CB  . LEU A 1 143 ? -6.112  -3.558  16.352  1.00 30.03 ? 682 LEU A CB  1 
ATOM   1164 C  CG  . LEU A 1 143 ? -4.696  -3.989  16.746  1.00 30.71 ? 682 LEU A CG  1 
ATOM   1165 C  CD1 . LEU A 1 143 ? -4.285  -3.464  18.133  1.00 34.96 ? 682 LEU A CD1 1 
ATOM   1166 C  CD2 . LEU A 1 143 ? -4.476  -5.503  16.632  1.00 30.42 ? 682 LEU A CD2 1 
ATOM   1167 N  N   . SER A 1 144 ? -8.114  -2.094  14.370  1.00 31.04 ? 683 SER A N   1 
ATOM   1168 C  CA  A SER A 1 144 ? -9.407  -1.628  13.894  0.50 31.49 ? 683 SER A CA  1 
ATOM   1169 C  CA  B SER A 1 144 ? -9.419  -1.647  13.893  0.50 31.43 ? 683 SER A CA  1 
ATOM   1170 C  C   . SER A 1 144 ? -9.747  -2.255  12.539  1.00 31.70 ? 683 SER A C   1 
ATOM   1171 O  O   . SER A 1 144 ? -10.813 -2.832  12.360  1.00 31.84 ? 683 SER A O   1 
ATOM   1172 C  CB  A SER A 1 144 ? -9.398  -0.097  13.801  0.50 31.11 ? 683 SER A CB  1 
ATOM   1173 C  CB  B SER A 1 144 ? -9.461  -0.123  13.800  0.50 31.06 ? 683 SER A CB  1 
ATOM   1174 O  OG  A SER A 1 144 ? -10.334 0.358   12.850  0.50 31.77 ? 683 SER A OG  1 
ATOM   1175 O  OG  B SER A 1 144 ? -9.111  0.430   15.042  0.50 31.39 ? 683 SER A OG  1 
ATOM   1176 N  N   . TRP A 1 145 ? -8.820  -2.142  11.582  1.00 31.61 ? 684 TRP A N   1 
ATOM   1177 C  CA  . TRP A 1 145 ? -9.018  -2.715  10.260  1.00 31.06 ? 684 TRP A CA  1 
ATOM   1178 C  C   . TRP A 1 145 ? -9.312  -4.229  10.347  1.00 32.17 ? 684 TRP A C   1 
ATOM   1179 O  O   . TRP A 1 145 ? -10.227 -4.720  9.702   1.00 31.24 ? 684 TRP A O   1 
ATOM   1180 C  CB  . TRP A 1 145 ? -7.775  -2.505  9.383   1.00 30.07 ? 684 TRP A CB  1 
ATOM   1181 C  CG  . TRP A 1 145 ? -7.689  -3.468  8.210   1.00 26.27 ? 684 TRP A CG  1 
ATOM   1182 C  CD1 . TRP A 1 145 ? -8.308  -3.332  7.010   1.00 27.00 ? 684 TRP A CD1 1 
ATOM   1183 C  CD2 . TRP A 1 145 ? -6.931  -4.687  8.133   1.00 27.93 ? 684 TRP A CD2 1 
ATOM   1184 N  NE1 . TRP A 1 145 ? -7.974  -4.368  6.178   1.00 27.00 ? 684 TRP A NE1 1 
ATOM   1185 C  CE2 . TRP A 1 145 ? -7.137  -5.222  6.839   1.00 26.72 ? 684 TRP A CE2 1 
ATOM   1186 C  CE3 . TRP A 1 145 ? -6.080  -5.369  9.023   1.00 27.72 ? 684 TRP A CE3 1 
ATOM   1187 C  CZ2 . TRP A 1 145 ? -6.567  -6.420  6.422   1.00 28.66 ? 684 TRP A CZ2 1 
ATOM   1188 C  CZ3 . TRP A 1 145 ? -5.488  -6.549  8.607   1.00 29.30 ? 684 TRP A CZ3 1 
ATOM   1189 C  CH2 . TRP A 1 145 ? -5.731  -7.063  7.310   1.00 30.16 ? 684 TRP A CH2 1 
ATOM   1190 N  N   . PHE A 1 146 ? -8.501  -4.947  11.113  1.00 34.06 ? 685 PHE A N   1 
ATOM   1191 C  CA  . PHE A 1 146 ? -8.634  -6.394  11.217  1.00 37.90 ? 685 PHE A CA  1 
ATOM   1192 C  C   . PHE A 1 146 ? -10.043 -6.798  11.689  1.00 39.67 ? 685 PHE A C   1 
ATOM   1193 O  O   . PHE A 1 146 ? -10.581 -7.831  11.238  1.00 39.71 ? 685 PHE A O   1 
ATOM   1194 C  CB  . PHE A 1 146 ? -7.543  -6.997  12.110  1.00 38.11 ? 685 PHE A CB  1 
ATOM   1195 C  CG  . PHE A 1 146 ? -7.601  -8.510  12.190  1.00 40.20 ? 685 PHE A CG  1 
ATOM   1196 C  CD1 . PHE A 1 146 ? -8.210  -9.144  13.278  1.00 42.20 ? 685 PHE A CD1 1 
ATOM   1197 C  CD2 . PHE A 1 146 ? -7.091  -9.308  11.152  1.00 42.42 ? 685 PHE A CD2 1 
ATOM   1198 C  CE1 . PHE A 1 146 ? -8.267  -10.570 13.351  1.00 42.24 ? 685 PHE A CE1 1 
ATOM   1199 C  CE2 . PHE A 1 146 ? -7.163  -10.736 11.212  1.00 42.50 ? 685 PHE A CE2 1 
ATOM   1200 C  CZ  . PHE A 1 146 ? -7.749  -11.354 12.314  1.00 42.04 ? 685 PHE A CZ  1 
ATOM   1201 N  N   . SER A 1 147 ? -10.643 -5.941  12.521  1.00 41.64 ? 686 SER A N   1 
ATOM   1202 C  CA  . SER A 1 147 ? -11.917 -6.211  13.183  1.00 44.69 ? 686 SER A CA  1 
ATOM   1203 C  C   . SER A 1 147 ? -13.166 -5.721  12.445  1.00 46.49 ? 686 SER A C   1 
ATOM   1204 O  O   . SER A 1 147 ? -14.246 -5.725  13.022  1.00 46.43 ? 686 SER A O   1 
ATOM   1205 C  CB  . SER A 1 147 ? -11.896 -5.591  14.577  1.00 44.56 ? 686 SER A CB  1 
ATOM   1206 O  OG  . SER A 1 147 ? -10.756 -6.023  15.306  1.00 47.29 ? 686 SER A OG  1 
ATOM   1207 N  N   . GLN A 1 148 ? -13.027 -5.301  11.184  1.00 48.80 ? 687 GLN A N   1 
ATOM   1208 C  CA  . GLN A 1 148 ? -14.129 -4.639  10.439  1.00 51.39 ? 687 GLN A CA  1 
ATOM   1209 C  C   . GLN A 1 148 ? -15.333 -5.512  9.982   1.00 53.14 ? 687 GLN A C   1 
ATOM   1210 O  O   . GLN A 1 148 ? -15.267 -6.749  9.990   1.00 53.38 ? 687 GLN A O   1 
ATOM   1211 C  CB  . GLN A 1 148 ? -13.579 -3.892  9.215   1.00 51.06 ? 687 GLN A CB  1 
ATOM   1212 C  CG  . GLN A 1 148 ? -13.055 -2.474  9.474   1.00 51.31 ? 687 GLN A CG  1 
ATOM   1213 C  CD  . GLN A 1 148 ? -12.277 -1.939  8.268   1.00 51.08 ? 687 GLN A CD  1 
ATOM   1214 O  OE1 . GLN A 1 148 ? -12.444 -2.431  7.144   1.00 49.36 ? 687 GLN A OE1 1 
ATOM   1215 N  NE2 . GLN A 1 148 ? -11.405 -0.944  8.501   1.00 49.32 ? 687 GLN A NE2 1 
ATOM   1216 N  N   . ARG A 1 149 ? -16.399 -4.818  9.540   1.00 55.53 ? 688 ARG A N   1 
ATOM   1217 C  CA  . ARG A 1 149 ? -17.662 -5.405  9.012   1.00 56.66 ? 688 ARG A CA  1 
ATOM   1218 C  C   . ARG A 1 149 ? -17.587 -6.071  7.618   1.00 57.27 ? 688 ARG A C   1 
ATOM   1219 O  O   . ARG A 1 149 ? -18.106 -7.175  7.452   1.00 57.15 ? 688 ARG A O   1 
ATOM   1220 C  CB  . ARG A 1 149 ? -18.828 -4.370  9.102   1.00 57.38 ? 688 ARG A CB  1 
ATOM   1221 C  CG  . ARG A 1 149 ? -19.010 -3.337  7.952   1.00 58.33 ? 688 ARG A CG  1 
ATOM   1222 C  CD  . ARG A 1 149 ? -17.785 -2.423  7.715   1.00 61.83 ? 688 ARG A CD  1 
ATOM   1223 N  NE  . ARG A 1 149 ? -17.852 -1.721  6.424   1.00 63.83 ? 688 ARG A NE  1 
ATOM   1224 C  CZ  . ARG A 1 149 ? -16.801 -1.451  5.639   1.00 64.35 ? 688 ARG A CZ  1 
ATOM   1225 N  NH1 . ARG A 1 149 ? -15.567 -1.832  5.991   1.00 63.06 ? 688 ARG A NH1 1 
ATOM   1226 N  NH2 . ARG A 1 149 ? -16.986 -0.806  4.486   1.00 62.34 ? 688 ARG A NH2 1 
ATOM   1227 N  N   . ASP A 1 150 ? -16.934 -5.421  6.637   1.00 58.30 ? 689 ASP A N   1 
ATOM   1228 C  CA  . ASP A 1 150 ? -16.864 -5.908  5.226   1.00 58.89 ? 689 ASP A CA  1 
ATOM   1229 C  C   . ASP A 1 150 ? -15.447 -6.230  4.728   1.00 59.13 ? 689 ASP A C   1 
ATOM   1230 O  O   . ASP A 1 150 ? -14.985 -7.381  4.796   1.00 59.17 ? 689 ASP A O   1 
ATOM   1231 C  CB  . ASP A 1 150 ? -17.495 -4.887  4.271   1.00 59.12 ? 689 ASP A CB  1 
ATOM   1232 C  CG  . ASP A 1 150 ? -19.011 -4.720  4.483   1.00 60.47 ? 689 ASP A CG  1 
ATOM   1233 O  OD1 . ASP A 1 150 ? -19.514 -4.884  5.616   1.00 59.87 ? 689 ASP A OD1 1 
ATOM   1234 O  OD2 . ASP A 1 150 ? -19.712 -4.407  3.496   1.00 60.58 ? 689 ASP A OD2 1 
ATOM   1235 N  N   . ASP A 1 153 ? -16.611 -10.712 2.194   1.00 52.30 ? 692 ASP A N   1 
ATOM   1236 C  CA  . ASP A 1 153 ? -16.662 -12.122 1.738   1.00 52.41 ? 692 ASP A CA  1 
ATOM   1237 C  C   . ASP A 1 153 ? -15.271 -12.783 1.698   1.00 51.11 ? 692 ASP A C   1 
ATOM   1238 O  O   . ASP A 1 153 ? -14.926 -13.579 2.583   1.00 50.89 ? 692 ASP A O   1 
ATOM   1239 C  CB  . ASP A 1 153 ? -17.357 -12.222 0.368   1.00 53.00 ? 692 ASP A CB  1 
ATOM   1240 C  CG  . ASP A 1 153 ? -18.804 -12.697 0.470   1.00 54.91 ? 692 ASP A CG  1 
ATOM   1241 O  OD1 . ASP A 1 153 ? -19.672 -11.924 0.958   1.00 54.95 ? 692 ASP A OD1 1 
ATOM   1242 O  OD2 . ASP A 1 153 ? -19.060 -13.849 0.050   1.00 55.21 ? 692 ASP A OD2 1 
ATOM   1243 N  N   . LYS A 1 154 ? -14.495 -12.451 0.662   1.00 50.59 ? 693 LYS A N   1 
ATOM   1244 C  CA  A LYS A 1 154 ? -13.075 -12.830 0.519   0.50 50.07 ? 693 LYS A CA  1 
ATOM   1245 C  CA  B LYS A 1 154 ? -13.111 -12.909 0.589   0.50 50.24 ? 693 LYS A CA  1 
ATOM   1246 C  C   . LYS A 1 154 ? -12.227 -12.184 1.617   1.00 49.82 ? 693 LYS A C   1 
ATOM   1247 O  O   . LYS A 1 154 ? -11.207 -12.743 2.061   1.00 49.14 ? 693 LYS A O   1 
ATOM   1248 C  CB  A LYS A 1 154 ? -12.529 -12.367 -0.841  0.50 50.01 ? 693 LYS A CB  1 
ATOM   1249 C  CB  B LYS A 1 154 ? -12.564 -12.797 -0.836  0.50 50.44 ? 693 LYS A CB  1 
ATOM   1250 C  CG  A LYS A 1 154 ? -12.978 -13.176 -2.054  0.50 50.23 ? 693 LYS A CG  1 
ATOM   1251 C  CG  B LYS A 1 154 ? -13.096 -13.887 -1.775  0.50 51.04 ? 693 LYS A CG  1 
ATOM   1252 C  CD  A LYS A 1 154 ? -12.290 -12.679 -3.345  0.50 49.56 ? 693 LYS A CD  1 
ATOM   1253 C  CD  B LYS A 1 154 ? -12.067 -14.238 -2.849  0.50 52.00 ? 693 LYS A CD  1 
ATOM   1254 C  CE  A LYS A 1 154 ? -11.037 -13.493 -3.730  0.50 48.96 ? 693 LYS A CE  1 
ATOM   1255 C  CE  B LYS A 1 154 ? -11.651 -12.985 -3.612  0.50 52.40 ? 693 LYS A CE  1 
ATOM   1256 N  NZ  A LYS A 1 154 ? -9.735  -12.862 -3.332  0.50 46.41 ? 693 LYS A NZ  1 
ATOM   1257 N  NZ  B LYS A 1 154 ? -12.846 -12.163 -3.982  0.50 52.14 ? 693 LYS A NZ  1 
ATOM   1258 N  N   . GLY A 1 155 ? -12.650 -10.979 2.019   1.00 49.60 ? 694 GLY A N   1 
ATOM   1259 C  CA  . GLY A 1 155 ? -12.008 -10.189 3.073   1.00 50.11 ? 694 GLY A CA  1 
ATOM   1260 C  C   . GLY A 1 155 ? -12.183 -10.849 4.421   1.00 50.52 ? 694 GLY A C   1 
ATOM   1261 O  O   . GLY A 1 155 ? -11.257 -10.873 5.220   1.00 49.92 ? 694 GLY A O   1 
ATOM   1262 N  N   . GLN A 1 156 ? -13.367 -11.418 4.656   1.00 51.42 ? 695 GLN A N   1 
ATOM   1263 C  CA  . GLN A 1 156 ? -13.602 -12.213 5.876   1.00 52.73 ? 695 GLN A CA  1 
ATOM   1264 C  C   . GLN A 1 156 ? -12.750 -13.497 5.864   1.00 52.89 ? 695 GLN A C   1 
ATOM   1265 O  O   . GLN A 1 156 ? -12.177 -13.867 6.886   1.00 53.39 ? 695 GLN A O   1 
ATOM   1266 C  CB  . GLN A 1 156 ? -15.107 -12.456 6.160   1.00 52.76 ? 695 GLN A CB  1 
ATOM   1267 C  CG  . GLN A 1 156 ? -15.997 -11.144 6.157   1.00 54.37 ? 695 GLN A CG  1 
ATOM   1268 C  CD  . GLN A 1 156 ? -15.508 -10.009 7.115   1.00 56.16 ? 695 GLN A CD  1 
ATOM   1269 O  OE1 . GLN A 1 156 ? -15.558 -10.143 8.350   1.00 55.92 ? 695 GLN A OE1 1 
ATOM   1270 N  NE2 . GLN A 1 156 ? -15.056 -8.886  6.533   1.00 54.57 ? 695 GLN A NE2 1 
ATOM   1271 N  N   . GLN A 1 157 ? -12.608 -14.116 4.688   1.00 53.50 ? 696 GLN A N   1 
ATOM   1272 C  CA  . GLN A 1 157 ? -11.742 -15.296 4.502   1.00 53.77 ? 696 GLN A CA  1 
ATOM   1273 C  C   . GLN A 1 157 ? -10.227 -15.027 4.571   1.00 54.12 ? 696 GLN A C   1 
ATOM   1274 O  O   . GLN A 1 157 ? -9.429  -15.945 4.808   1.00 54.29 ? 696 GLN A O   1 
ATOM   1275 C  CB  . GLN A 1 157 ? -12.079 -16.011 3.193   1.00 53.45 ? 696 GLN A CB  1 
ATOM   1276 C  CG  . GLN A 1 157 ? -11.780 -17.524 3.236   1.00 55.44 ? 696 GLN A CG  1 
ATOM   1277 C  CD  . GLN A 1 157 ? -12.384 -18.287 4.474   1.00 54.57 ? 696 GLN A CD  1 
ATOM   1278 O  OE1 . GLN A 1 157 ? -13.497 -18.002 4.918   1.00 55.12 ? 696 GLN A OE1 1 
ATOM   1279 N  NE2 . GLN A 1 157 ? -11.629 -19.241 5.012   1.00 52.51 ? 696 GLN A NE2 1 
ATOM   1280 N  N   . LEU A 1 158 ? -9.827  -13.781 4.329   1.00 54.36 ? 697 LEU A N   1 
ATOM   1281 C  CA  . LEU A 1 158 ? -8.423  -13.367 4.494   1.00 54.02 ? 697 LEU A CA  1 
ATOM   1282 C  C   . LEU A 1 158 ? -8.051  -13.236 5.979   1.00 53.77 ? 697 LEU A C   1 
ATOM   1283 O  O   . LEU A 1 158 ? -6.937  -13.564 6.364   1.00 53.46 ? 697 LEU A O   1 
ATOM   1284 C  CB  . LEU A 1 158 ? -8.166  -12.053 3.739   1.00 53.91 ? 697 LEU A CB  1 
ATOM   1285 C  CG  . LEU A 1 158 ? -6.803  -11.353 3.863   1.00 54.54 ? 697 LEU A CG  1 
ATOM   1286 C  CD1 . LEU A 1 158 ? -5.825  -11.826 2.781   1.00 54.22 ? 697 LEU A CD1 1 
ATOM   1287 C  CD2 . LEU A 1 158 ? -6.957  -9.815  3.859   1.00 54.15 ? 697 LEU A CD2 1 
ATOM   1288 N  N   . ARG A 1 159 ? -9.006  -12.770 6.792   1.00 54.17 ? 698 ARG A N   1 
ATOM   1289 C  CA  . ARG A 1 159 ? -8.844  -12.532 8.240   1.00 54.52 ? 698 ARG A CA  1 
ATOM   1290 C  C   . ARG A 1 159 ? -8.793  -13.818 9.069   1.00 55.65 ? 698 ARG A C   1 
ATOM   1291 O  O   . ARG A 1 159 ? -8.623  -13.770 10.306  1.00 55.57 ? 698 ARG A O   1 
ATOM   1292 C  CB  . ARG A 1 159 ? -9.975  -11.648 8.761   1.00 54.25 ? 698 ARG A CB  1 
ATOM   1293 C  CG  . ARG A 1 159 ? -9.732  -10.176 8.602   1.00 52.08 ? 698 ARG A CG  1 
ATOM   1294 C  CD  . ARG A 1 159 ? -11.028 -9.405  8.624   1.00 48.38 ? 698 ARG A CD  1 
ATOM   1295 N  NE  . ARG A 1 159 ? -10.785 -7.981  8.423   1.00 45.18 ? 698 ARG A NE  1 
ATOM   1296 C  CZ  . ARG A 1 159 ? -10.731 -7.363  7.235   1.00 46.14 ? 698 ARG A CZ  1 
ATOM   1297 N  NH1 . ARG A 1 159 ? -10.905 -8.027  6.077   1.00 43.20 ? 698 ARG A NH1 1 
ATOM   1298 N  NH2 . ARG A 1 159 ? -10.495 -6.051  7.203   1.00 42.67 ? 698 ARG A NH2 1 
ATOM   1299 N  N   . LYS A 1 160 ? -8.988  -14.953 8.382   1.00 56.46 ? 699 LYS A N   1 
ATOM   1300 C  CA  . LYS A 1 160 ? -8.671  -16.272 8.926   1.00 56.56 ? 699 LYS A CA  1 
ATOM   1301 C  C   . LYS A 1 160 ? -7.377  -16.757 8.299   1.00 56.58 ? 699 LYS A C   1 
ATOM   1302 O  O   . LYS A 1 160 ? -7.251  -17.940 8.023   1.00 56.94 ? 699 LYS A O   1 
ATOM   1303 C  CB  . LYS A 1 160 ? -9.745  -17.301 8.591   1.00 56.56 ? 699 LYS A CB  1 
ATOM   1304 C  CG  . LYS A 1 160 ? -11.051 -16.754 8.101   1.00 56.45 ? 699 LYS A CG  1 
ATOM   1305 C  CD  . LYS A 1 160 ? -12.128 -16.915 9.129   1.00 56.90 ? 699 LYS A CD  1 
ATOM   1306 C  CE  . LYS A 1 160 ? -13.488 -16.903 8.452   1.00 55.32 ? 699 LYS A CE  1 
ATOM   1307 N  NZ  . LYS A 1 160 ? -14.486 -17.339 9.421   1.00 56.31 ? 699 LYS A NZ  1 
ATOM   1308 N  N   . ASN A 1 161 ? -6.449  -15.850 8.009   1.00 56.43 ? 700 ASN A N   1 
ATOM   1309 C  CA  . ASN A 1 161 ? -5.074  -16.249 7.686   1.00 56.63 ? 700 ASN A CA  1 
ATOM   1310 C  C   . ASN A 1 161 ? -4.305  -16.365 8.996   1.00 56.60 ? 700 ASN A C   1 
ATOM   1311 O  O   . ASN A 1 161 ? -4.443  -15.510 9.895   1.00 56.81 ? 700 ASN A O   1 
ATOM   1312 C  CB  . ASN A 1 161 ? -4.394  -15.280 6.712   1.00 56.79 ? 700 ASN A CB  1 
ATOM   1313 C  CG  . ASN A 1 161 ? -2.971  -15.694 6.362   1.00 57.72 ? 700 ASN A CG  1 
ATOM   1314 O  OD1 . ASN A 1 161 ? -2.754  -16.537 5.493   1.00 59.34 ? 700 ASN A OD1 1 
ATOM   1315 N  ND2 . ASN A 1 161 ? -1.990  -15.096 7.040   1.00 58.46 ? 700 ASN A ND2 1 
ATOM   1316 N  N   . GLN A 1 162 ? -3.515  -17.435 9.089   1.00 56.21 ? 701 GLN A N   1 
ATOM   1317 C  CA  . GLN A 1 162 ? -2.963  -17.955 10.346  1.00 55.43 ? 701 GLN A CA  1 
ATOM   1318 C  C   . GLN A 1 162 ? -1.871  -17.046 10.877  1.00 54.60 ? 701 GLN A C   1 
ATOM   1319 O  O   . GLN A 1 162 ? -1.920  -16.583 12.025  1.00 54.64 ? 701 GLN A O   1 
ATOM   1320 C  CB  . GLN A 1 162 ? -2.395  -19.372 10.102  1.00 56.05 ? 701 GLN A CB  1 
ATOM   1321 C  CG  . GLN A 1 162 ? -1.958  -20.149 11.372  1.00 56.61 ? 701 GLN A CG  1 
ATOM   1322 C  CD  . GLN A 1 162 ? -3.103  -20.964 12.000  1.00 57.09 ? 701 GLN A CD  1 
ATOM   1323 O  OE1 . GLN A 1 162 ? -2.915  -22.122 12.379  1.00 55.67 ? 701 GLN A OE1 1 
ATOM   1324 N  NE2 . GLN A 1 162 ? -4.289  -20.360 12.100  1.00 55.00 ? 701 GLN A NE2 1 
ATOM   1325 N  N   . GLN A 1 163 ? -0.884  -16.832 10.012  1.00 53.43 ? 702 GLN A N   1 
ATOM   1326 C  CA  . GLN A 1 163 ? 0.222   -15.917 10.199  1.00 52.13 ? 702 GLN A CA  1 
ATOM   1327 C  C   . GLN A 1 163 ? -0.258  -14.532 10.585  1.00 51.06 ? 702 GLN A C   1 
ATOM   1328 O  O   . GLN A 1 163 ? 0.402   -13.845 11.354  1.00 50.65 ? 702 GLN A O   1 
ATOM   1329 C  CB  . GLN A 1 163 ? 0.965   -15.823 8.878   1.00 52.42 ? 702 GLN A CB  1 
ATOM   1330 C  CG  . GLN A 1 163 ? 2.449   -15.669 9.015   1.00 53.61 ? 702 GLN A CG  1 
ATOM   1331 C  CD  . GLN A 1 163 ? 3.182   -16.402 7.926   1.00 54.87 ? 702 GLN A CD  1 
ATOM   1332 O  OE1 . GLN A 1 163 ? 2.858   -17.550 7.616   1.00 53.58 ? 702 GLN A OE1 1 
ATOM   1333 N  NE2 . GLN A 1 163 ? 4.180   -15.747 7.332   1.00 55.33 ? 702 GLN A NE2 1 
ATOM   1334 N  N   . LEU A 1 164 ? -1.411  -14.135 10.034  1.00 50.42 ? 703 LEU A N   1 
ATOM   1335 C  CA  . LEU A 1 164 ? -2.048  -12.824 10.294  1.00 49.58 ? 703 LEU A CA  1 
ATOM   1336 C  C   . LEU A 1 164 ? -2.668  -12.769 11.711  1.00 49.24 ? 703 LEU A C   1 
ATOM   1337 O  O   . LEU A 1 164 ? -2.335  -11.871 12.510  1.00 48.85 ? 703 LEU A O   1 
ATOM   1338 C  CB  . LEU A 1 164 ? -3.061  -12.469 9.181   1.00 49.10 ? 703 LEU A CB  1 
ATOM   1339 C  CG  . LEU A 1 164 ? -4.026  -11.282 9.338   1.00 48.34 ? 703 LEU A CG  1 
ATOM   1340 C  CD1 . LEU A 1 164 ? -3.260  -9.955  9.330   1.00 48.83 ? 703 LEU A CD1 1 
ATOM   1341 C  CD2 . LEU A 1 164 ? -5.121  -11.269 8.308   1.00 45.43 ? 703 LEU A CD2 1 
ATOM   1342 N  N   . GLN A 1 165 ? -3.541  -13.737 12.033  1.00 49.10 ? 704 GLN A N   1 
ATOM   1343 C  CA  . GLN A 1 165 ? -4.057  -13.881 13.419  1.00 48.64 ? 704 GLN A CA  1 
ATOM   1344 C  C   . GLN A 1 165 ? -2.925  -13.833 14.455  1.00 47.40 ? 704 GLN A C   1 
ATOM   1345 O  O   . GLN A 1 165 ? -3.014  -13.080 15.430  1.00 47.21 ? 704 GLN A O   1 
ATOM   1346 C  CB  . GLN A 1 165 ? -4.976  -15.104 13.576  1.00 48.80 ? 704 GLN A CB  1 
ATOM   1347 C  CG  . GLN A 1 165 ? -6.433  -14.784 13.172  1.00 51.45 ? 704 GLN A CG  1 
ATOM   1348 C  CD  . GLN A 1 165 ? -7.279  -16.005 12.818  1.00 54.51 ? 704 GLN A CD  1 
ATOM   1349 O  OE1 . GLN A 1 165 ? -6.837  -16.906 12.081  1.00 57.15 ? 704 GLN A OE1 1 
ATOM   1350 N  NE2 . GLN A 1 165 ? -8.514  -16.025 13.315  1.00 53.26 ? 704 GLN A NE2 1 
ATOM   1351 N  N   . ARG A 1 166 ? -1.857  -14.594 14.205  1.00 46.58 ? 705 ARG A N   1 
ATOM   1352 C  CA  . ARG A 1 166 ? -0.653  -14.576 15.037  1.00 45.92 ? 705 ARG A CA  1 
ATOM   1353 C  C   . ARG A 1 166 ? -0.089  -13.166 15.189  1.00 44.57 ? 705 ARG A C   1 
ATOM   1354 O  O   . ARG A 1 166 ? 0.291   -12.747 16.290  1.00 44.05 ? 705 ARG A O   1 
ATOM   1355 C  CB  . ARG A 1 166 ? 0.432   -15.471 14.435  1.00 46.79 ? 705 ARG A CB  1 
ATOM   1356 C  CG  . ARG A 1 166 ? 0.242   -16.936 14.667  1.00 49.81 ? 705 ARG A CG  1 
ATOM   1357 C  CD  . ARG A 1 166 ? 1.200   -17.460 15.721  1.00 55.43 ? 705 ARG A CD  1 
ATOM   1358 N  NE  . ARG A 1 166 ? 0.691   -18.726 16.267  1.00 61.04 ? 705 ARG A NE  1 
ATOM   1359 C  CZ  . ARG A 1 166 ? 1.226   -19.406 17.280  1.00 61.33 ? 705 ARG A CZ  1 
ATOM   1360 N  NH1 . ARG A 1 166 ? 2.327   -18.969 17.890  1.00 60.83 ? 705 ARG A NH1 1 
ATOM   1361 N  NH2 . ARG A 1 166 ? 0.652   -20.538 17.672  1.00 60.63 ? 705 ARG A NH2 1 
ATOM   1362 N  N   . PHE A 1 167 ? -0.021  -12.445 14.068  1.00 42.27 ? 706 PHE A N   1 
ATOM   1363 C  CA  . PHE A 1 167 ? 0.486   -11.085 14.069  1.00 39.77 ? 706 PHE A CA  1 
ATOM   1364 C  C   . PHE A 1 167 ? -0.478  -10.134 14.821  1.00 39.05 ? 706 PHE A C   1 
ATOM   1365 O  O   . PHE A 1 167 ? -0.029  -9.267  15.570  1.00 37.69 ? 706 PHE A O   1 
ATOM   1366 C  CB  . PHE A 1 167 ? 0.748   -10.611 12.614  1.00 39.22 ? 706 PHE A CB  1 
ATOM   1367 C  CG  . PHE A 1 167 ? 0.948   -9.120  12.471  1.00 35.34 ? 706 PHE A CG  1 
ATOM   1368 C  CD1 . PHE A 1 167 ? -0.080  -8.321  11.985  1.00 32.66 ? 706 PHE A CD1 1 
ATOM   1369 C  CD2 . PHE A 1 167 ? 2.168   -8.527  12.831  1.00 35.47 ? 706 PHE A CD2 1 
ATOM   1370 C  CE1 . PHE A 1 167 ? 0.081   -6.967  11.842  1.00 33.66 ? 706 PHE A CE1 1 
ATOM   1371 C  CE2 . PHE A 1 167 ? 2.352   -7.129  12.709  1.00 35.33 ? 706 PHE A CE2 1 
ATOM   1372 C  CZ  . PHE A 1 167 ? 1.291   -6.350  12.205  1.00 33.47 ? 706 PHE A CZ  1 
ATOM   1373 N  N   . ILE A 1 168 ? -1.786  -10.277 14.584  1.00 38.49 ? 707 ILE A N   1 
ATOM   1374 C  CA  . ILE A 1 168 ? -2.794  -9.446  15.262  1.00 38.23 ? 707 ILE A CA  1 
ATOM   1375 C  C   . ILE A 1 168 ? -2.740  -9.623  16.783  1.00 39.41 ? 707 ILE A C   1 
ATOM   1376 O  O   . ILE A 1 168 ? -3.012  -8.685  17.532  1.00 38.60 ? 707 ILE A O   1 
ATOM   1377 C  CB  . ILE A 1 168 ? -4.201  -9.718  14.743  1.00 37.23 ? 707 ILE A CB  1 
ATOM   1378 C  CG1 . ILE A 1 168 ? -4.311  -9.298  13.268  1.00 38.53 ? 707 ILE A CG1 1 
ATOM   1379 C  CG2 . ILE A 1 168 ? -5.238  -8.964  15.551  1.00 37.25 ? 707 ILE A CG2 1 
ATOM   1380 C  CD1 . ILE A 1 168 ? -3.964  -7.807  12.953  1.00 35.98 ? 707 ILE A CD1 1 
ATOM   1381 N  N   . GLN A 1 169 ? -2.341  -10.806 17.239  1.00 40.67 ? 708 GLN A N   1 
ATOM   1382 C  CA  . GLN A 1 169 ? -2.228  -11.021 18.668  1.00 43.07 ? 708 GLN A CA  1 
ATOM   1383 C  C   . GLN A 1 169 ? -0.938  -10.457 19.240  1.00 43.34 ? 708 GLN A C   1 
ATOM   1384 O  O   . GLN A 1 169 ? -0.949  -9.801  20.286  1.00 43.31 ? 708 GLN A O   1 
ATOM   1385 C  CB  . GLN A 1 169 ? -2.425  -12.498 19.009  1.00 43.61 ? 708 GLN A CB  1 
ATOM   1386 C  CG  . GLN A 1 169 ? -3.870  -12.963 18.721  1.00 47.06 ? 708 GLN A CG  1 
ATOM   1387 C  CD  . GLN A 1 169 ? -4.938  -12.169 19.522  1.00 50.05 ? 708 GLN A CD  1 
ATOM   1388 O  OE1 . GLN A 1 169 ? -5.937  -11.697 18.944  1.00 49.53 ? 708 GLN A OE1 1 
ATOM   1389 N  NE2 . GLN A 1 169 ? -4.730  -12.037 20.857  1.00 46.55 ? 708 GLN A NE2 1 
ATOM   1390 N  N   . TRP A 1 170 ? 0.161   -10.699 18.531  1.00 44.10 ? 709 TRP A N   1 
ATOM   1391 C  CA  . TRP A 1 170 ? 1.460   -10.061 18.801  1.00 44.24 ? 709 TRP A CA  1 
ATOM   1392 C  C   . TRP A 1 170 ? 1.349   -8.535  18.904  1.00 44.18 ? 709 TRP A C   1 
ATOM   1393 O  O   . TRP A 1 170 ? 1.917   -7.887  19.804  1.00 43.35 ? 709 TRP A O   1 
ATOM   1394 C  CB  . TRP A 1 170 ? 2.408   -10.422 17.659  1.00 44.54 ? 709 TRP A CB  1 
ATOM   1395 C  CG  . TRP A 1 170 ? 3.767   -9.857  17.808  1.00 45.77 ? 709 TRP A CG  1 
ATOM   1396 C  CD1 . TRP A 1 170 ? 4.856   -10.507 18.294  1.00 47.91 ? 709 TRP A CD1 1 
ATOM   1397 C  CD2 . TRP A 1 170 ? 4.200   -8.534  17.466  1.00 46.83 ? 709 TRP A CD2 1 
ATOM   1398 N  NE1 . TRP A 1 170 ? 5.947   -9.670  18.283  1.00 48.07 ? 709 TRP A NE1 1 
ATOM   1399 C  CE2 . TRP A 1 170 ? 5.576   -8.456  17.773  1.00 47.32 ? 709 TRP A CE2 1 
ATOM   1400 C  CE3 . TRP A 1 170 ? 3.566   -7.408  16.912  1.00 48.45 ? 709 TRP A CE3 1 
ATOM   1401 C  CZ2 . TRP A 1 170 ? 6.327   -7.300  17.572  1.00 48.23 ? 709 TRP A CZ2 1 
ATOM   1402 C  CZ3 . TRP A 1 170 ? 4.309   -6.251  16.709  1.00 46.75 ? 709 TRP A CZ3 1 
ATOM   1403 C  CH2 . TRP A 1 170 ? 5.678   -6.204  17.044  1.00 49.33 ? 709 TRP A CH2 1 
ATOM   1404 N  N   . LEU A 1 171 ? 0.624   -7.976  17.943  1.00 44.46 ? 710 LEU A N   1 
ATOM   1405 C  CA  . LEU A 1 171 ? 0.425   -6.545  17.825  1.00 44.85 ? 710 LEU A CA  1 
ATOM   1406 C  C   . LEU A 1 171 ? -0.384  -5.985  18.989  1.00 46.30 ? 710 LEU A C   1 
ATOM   1407 O  O   . LEU A 1 171 ? -0.240  -4.810  19.340  1.00 46.35 ? 710 LEU A O   1 
ATOM   1408 C  CB  . LEU A 1 171 ? -0.302  -6.246  16.524  1.00 43.77 ? 710 LEU A CB  1 
ATOM   1409 C  CG  . LEU A 1 171 ? -0.485  -4.781  16.154  1.00 42.39 ? 710 LEU A CG  1 
ATOM   1410 C  CD1 . LEU A 1 171 ? 0.866   -4.027  16.107  1.00 38.53 ? 710 LEU A CD1 1 
ATOM   1411 C  CD2 . LEU A 1 171 ? -1.235  -4.724  14.834  1.00 39.53 ? 710 LEU A CD2 1 
ATOM   1412 N  N   . LYS A 1 172 ? -1.272  -6.802  19.551  1.00 47.70 ? 711 LYS A N   1 
ATOM   1413 C  CA  . LYS A 1 172 ? -2.019  -6.397  20.756  1.00 49.54 ? 711 LYS A CA  1 
ATOM   1414 C  C   . LYS A 1 172 ? -1.125  -6.358  22.013  1.00 50.39 ? 711 LYS A C   1 
ATOM   1415 O  O   . LYS A 1 172 ? -1.431  -5.653  22.983  1.00 50.48 ? 711 LYS A O   1 
ATOM   1416 C  CB  . LYS A 1 172 ? -3.240  -7.293  20.969  1.00 49.28 ? 711 LYS A CB  1 
ATOM   1417 C  CG  . LYS A 1 172 ? -4.392  -6.935  20.076  1.00 48.68 ? 711 LYS A CG  1 
ATOM   1418 C  CD  . LYS A 1 172 ? -5.408  -8.037  20.045  1.00 48.48 ? 711 LYS A CD  1 
ATOM   1419 C  CE  . LYS A 1 172 ? -6.619  -7.619  19.267  1.00 49.61 ? 711 LYS A CE  1 
ATOM   1420 N  NZ  . LYS A 1 172 ? -7.562  -8.762  19.243  1.00 49.59 ? 711 LYS A NZ  1 
ATOM   1421 N  N   . GLU A 1 173 ? -0.007  -7.082  21.973  1.00 51.92 ? 712 GLU A N   1 
ATOM   1422 C  CA  . GLU A 1 173 ? 0.943   -7.071  23.088  1.00 53.31 ? 712 GLU A CA  1 
ATOM   1423 C  C   . GLU A 1 173 ? 1.784   -5.796  23.107  1.00 54.05 ? 712 GLU A C   1 
ATOM   1424 O  O   . GLU A 1 173 ? 1.812   -5.106  24.137  1.00 54.17 ? 712 GLU A O   1 
ATOM   1425 C  CB  . GLU A 1 173 ? 1.833   -8.334  23.119  1.00 53.60 ? 712 GLU A CB  1 
ATOM   1426 C  CG  . GLU A 1 173 ? 1.111   -9.579  23.582  1.00 54.33 ? 712 GLU A CG  1 
ATOM   1427 C  CD  . GLU A 1 173 ? 1.826   -10.861 23.203  1.00 57.28 ? 712 GLU A CD  1 
ATOM   1428 O  OE1 . GLU A 1 173 ? 3.016   -10.813 22.811  1.00 57.06 ? 712 GLU A OE1 1 
ATOM   1429 O  OE2 . GLU A 1 173 ? 1.181   -11.932 23.304  1.00 58.17 ? 712 GLU A OE2 1 
ATOM   1430 N  N   . ALA A 1 174 ? 2.454   -5.471  21.993  1.00 54.60 ? 713 ALA A N   1 
ATOM   1431 C  CA  . ALA A 1 174 ? 3.288   -4.253  21.949  1.00 55.37 ? 713 ALA A CA  1 
ATOM   1432 C  C   . ALA A 1 174 ? 2.492   -2.941  22.168  1.00 55.70 ? 713 ALA A C   1 
ATOM   1433 O  O   . ALA A 1 174 ? 3.035   -1.956  22.704  1.00 55.49 ? 713 ALA A O   1 
ATOM   1434 C  CB  . ALA A 1 174 ? 4.150   -4.193  20.663  1.00 55.63 ? 713 ALA A CB  1 
ATOM   1435 N  N   . GLU A 1 175 ? 1.206   -2.953  21.788  1.00 56.23 ? 714 GLU A N   1 
ATOM   1436 C  CA  . GLU A 1 175 ? 0.304   -1.796  21.952  1.00 56.98 ? 714 GLU A CA  1 
ATOM   1437 C  C   . GLU A 1 175 ? -0.171  -1.601  23.395  1.00 57.28 ? 714 GLU A C   1 
ATOM   1438 O  O   . GLU A 1 175 ? 0.231   -0.639  24.061  1.00 57.46 ? 714 GLU A O   1 
ATOM   1439 C  CB  . GLU A 1 175 ? -0.913  -1.882  21.007  1.00 56.95 ? 714 GLU A CB  1 
ATOM   1440 C  CG  . GLU A 1 175 ? -0.595  -1.763  19.496  1.00 56.88 ? 714 GLU A CG  1 
ATOM   1441 C  CD  . GLU A 1 175 ? 0.297   -0.577  19.141  1.00 56.65 ? 714 GLU A CD  1 
ATOM   1442 O  OE1 . GLU A 1 175 ? -0.205  0.558   19.021  1.00 59.47 ? 714 GLU A OE1 1 
ATOM   1443 O  OE2 . GLU A 1 175 ? 1.503   -0.787  18.959  1.00 54.28 ? 714 GLU A OE2 1 
ATOM   1444 N  N   . GLU A 1 176 ? -1.033  -2.507  23.855  1.00 57.31 ? 715 GLU A N   1 
ATOM   1445 C  CA  . GLU A 1 176 ? -1.522  -2.470  25.217  1.00 57.31 ? 715 GLU A CA  1 
ATOM   1446 C  C   . GLU A 1 176 ? -0.580  -3.261  26.088  1.00 57.33 ? 715 GLU A C   1 
ATOM   1447 O  O   . GLU A 1 176 ? -0.972  -4.288  26.621  1.00 57.22 ? 715 GLU A O   1 
HETATM 1448 C  C1  . GOL B 2 .   ? -8.948  13.016  5.734   1.00 17.80 ? 1   GOL A C1  1 
HETATM 1449 O  O1  . GOL B 2 .   ? -8.076  12.586  6.749   1.00 17.85 ? 1   GOL A O1  1 
HETATM 1450 C  C2  . GOL B 2 .   ? -8.652  14.481  5.531   1.00 17.23 ? 1   GOL A C2  1 
HETATM 1451 O  O2  . GOL B 2 .   ? -7.246  14.627  5.362   1.00 17.43 ? 1   GOL A O2  1 
HETATM 1452 C  C3  . GOL B 2 .   ? -9.082  15.297  6.751   1.00 19.95 ? 1   GOL A C3  1 
HETATM 1453 O  O3  . GOL B 2 .   ? -9.134  16.673  6.356   1.00 18.75 ? 1   GOL A O3  1 
HETATM 1454 O  O   . HOH C 3 .   ? -9.475  13.125  -0.302  1.00 10.40 ? 2   HOH A O   1 
HETATM 1455 O  O   . HOH C 3 .   ? -5.918  20.755  -2.860  1.00 9.76  ? 3   HOH A O   1 
HETATM 1456 O  O   . HOH C 3 .   ? -2.871  13.890  4.783   1.00 11.29 ? 4   HOH A O   1 
HETATM 1457 O  O   . HOH C 3 .   ? 7.570   12.226  5.363   1.00 17.42 ? 5   HOH A O   1 
HETATM 1458 O  O   . HOH C 3 .   ? -8.517  9.683   4.546   1.00 21.67 ? 6   HOH A O   1 
HETATM 1459 O  O   . HOH C 3 .   ? 3.410   -0.419  -9.724  1.00 10.13 ? 7   HOH A O   1 
HETATM 1460 O  O   . HOH C 3 .   ? 13.734  7.172   -4.636  1.00 11.62 ? 8   HOH A O   1 
HETATM 1461 O  O   . HOH C 3 .   ? -4.979  14.016  6.581   1.00 14.54 ? 9   HOH A O   1 
HETATM 1462 O  O   . HOH C 3 .   ? -4.843  1.973   -7.659  1.00 23.48 ? 10  HOH A O   1 
HETATM 1463 O  O   . HOH C 3 .   ? 2.071   7.422   8.067   1.00 17.48 ? 11  HOH A O   1 
HETATM 1464 O  O   . HOH C 3 .   ? -9.216  10.452  11.125  1.00 17.94 ? 12  HOH A O   1 
HETATM 1465 O  O   . HOH C 3 .   ? 16.970  13.917  -5.410  1.00 13.14 ? 13  HOH A O   1 
HETATM 1466 O  O   . HOH C 3 .   ? 0.926   0.082   -10.406 1.00 21.89 ? 14  HOH A O   1 
HETATM 1467 O  O   . HOH C 3 .   ? 8.440   18.024  -0.825  1.00 19.09 ? 15  HOH A O   1 
HETATM 1468 O  O   . HOH C 3 .   ? 5.684   10.907  -14.046 1.00 12.94 ? 16  HOH A O   1 
HETATM 1469 O  O   . HOH C 3 .   ? 12.165  15.052  -8.996  1.00 19.76 ? 17  HOH A O   1 
HETATM 1470 O  O   . HOH C 3 .   ? -4.169  15.870  8.423   1.00 16.99 ? 18  HOH A O   1 
HETATM 1471 O  O   . HOH C 3 .   ? -9.696  12.271  9.139   1.00 15.99 ? 19  HOH A O   1 
HETATM 1472 O  O   . HOH C 3 .   ? 13.912  13.965  1.091   1.00 18.07 ? 20  HOH A O   1 
HETATM 1473 O  O   . HOH C 3 .   ? 4.303   -2.027  -11.536 1.00 23.49 ? 21  HOH A O   1 
HETATM 1474 O  O   . HOH C 3 .   ? 3.939   20.094  -3.653  1.00 13.32 ? 22  HOH A O   1 
HETATM 1475 O  O   . HOH C 3 .   ? 3.305   17.394  -13.001 1.00 19.26 ? 23  HOH A O   1 
HETATM 1476 O  O   . HOH C 3 .   ? -0.929  6.804   -19.716 1.00 31.24 ? 24  HOH A O   1 
HETATM 1477 O  O   . HOH C 3 .   ? -8.457  12.341  1.985   1.00 12.29 ? 25  HOH A O   1 
HETATM 1478 O  O   . HOH C 3 .   ? -4.031  14.850  2.505   1.00 10.02 ? 26  HOH A O   1 
HETATM 1479 O  O   . HOH C 3 .   ? -8.526  17.410  -4.603  1.00 21.22 ? 27  HOH A O   1 
HETATM 1480 O  O   . HOH C 3 .   ? -6.941  19.021  -8.084  1.00 13.79 ? 28  HOH A O   1 
HETATM 1481 O  O   . HOH C 3 .   ? 15.435  5.002   -3.736  1.00 24.77 ? 29  HOH A O   1 
HETATM 1482 O  O   . HOH C 3 .   ? 6.772   -9.152  -14.815 1.00 18.32 ? 30  HOH A O   1 
HETATM 1483 O  O   . HOH C 3 .   ? 13.641  7.131   3.276   1.00 40.68 ? 31  HOH A O   1 
HETATM 1484 O  O   . HOH C 3 .   ? -10.386 13.488  -12.442 1.00 21.84 ? 32  HOH A O   1 
HETATM 1485 O  O   . HOH C 3 .   ? -10.207 14.583  10.386  1.00 22.64 ? 33  HOH A O   1 
HETATM 1486 O  O   . HOH C 3 .   ? 15.924  16.668  -1.910  1.00 22.99 ? 34  HOH A O   1 
HETATM 1487 O  O   . HOH C 3 .   ? 1.715   17.237  0.741   1.00 17.07 ? 35  HOH A O   1 
HETATM 1488 O  O   . HOH C 3 .   ? 3.472   8.900   9.933   1.00 19.96 ? 36  HOH A O   1 
HETATM 1489 O  O   . HOH C 3 .   ? 7.308   17.456  -11.327 1.00 17.46 ? 37  HOH A O   1 
HETATM 1490 O  O   . HOH C 3 .   ? -11.640 10.351  -3.223  1.00 19.13 ? 38  HOH A O   1 
HETATM 1491 O  O   . HOH C 3 .   ? 9.541   12.761  1.905   1.00 22.01 ? 39  HOH A O   1 
HETATM 1492 O  O   . HOH C 3 .   ? 3.613   2.188   13.647  1.00 22.35 ? 40  HOH A O   1 
HETATM 1493 O  O   . HOH C 3 .   ? 12.491  4.124   5.989   1.00 28.34 ? 41  HOH A O   1 
HETATM 1494 O  O   . HOH C 3 .   ? 10.864  -14.357 -10.442 1.00 23.43 ? 42  HOH A O   1 
HETATM 1495 O  O   . HOH C 3 .   ? 16.918  14.189  -8.001  1.00 20.93 ? 43  HOH A O   1 
HETATM 1496 O  O   . HOH C 3 .   ? 0.821   8.252   -18.508 1.00 25.04 ? 44  HOH A O   1 
HETATM 1497 O  O   . HOH C 3 .   ? 8.204   -15.134 -8.958  1.00 21.11 ? 45  HOH A O   1 
HETATM 1498 O  O   . HOH C 3 .   ? -2.501  2.940   -14.501 1.00 18.33 ? 46  HOH A O   1 
HETATM 1499 O  O   . HOH C 3 .   ? -11.190 6.279   -22.452 1.00 23.86 ? 47  HOH A O   1 
HETATM 1500 O  O   . HOH C 3 .   ? -11.021 10.024  4.703   1.00 27.97 ? 48  HOH A O   1 
HETATM 1501 O  O   . HOH C 3 .   ? 14.717  14.908  -9.207  1.00 25.36 ? 49  HOH A O   1 
HETATM 1502 O  O   . HOH C 3 .   ? -3.606  -1.155  -9.003  1.00 21.50 ? 50  HOH A O   1 
HETATM 1503 O  O   . HOH C 3 .   ? 15.389  13.356  -11.349 1.00 16.75 ? 51  HOH A O   1 
HETATM 1504 O  O   . HOH C 3 .   ? -2.153  15.721  10.400  1.00 32.71 ? 52  HOH A O   1 
HETATM 1505 O  O   . HOH C 3 .   ? -1.237  -6.706  -10.643 1.00 24.89 ? 53  HOH A O   1 
HETATM 1506 O  O   . HOH C 3 .   ? -2.297  8.943   -21.483 1.00 18.32 ? 54  HOH A O   1 
HETATM 1507 O  O   . HOH C 3 .   ? 3.208   11.659  9.115   1.00 23.61 ? 55  HOH A O   1 
HETATM 1508 O  O   . HOH C 3 .   ? 20.297  2.153   -9.707  1.00 27.66 ? 56  HOH A O   1 
HETATM 1509 O  O   . HOH C 3 .   ? -11.455 9.525   11.960  1.00 24.51 ? 57  HOH A O   1 
HETATM 1510 O  O   . HOH C 3 .   ? -14.866 13.583  -13.932 1.00 25.95 ? 58  HOH A O   1 
HETATM 1511 O  O   . HOH C 3 .   ? -11.901 -10.024 12.388  1.00 40.83 ? 59  HOH A O   1 
HETATM 1512 O  O   . HOH C 3 .   ? 7.050   -14.148 2.710   1.00 38.08 ? 60  HOH A O   1 
HETATM 1513 O  O   . HOH C 3 .   ? -6.105  10.465  13.719  1.00 29.16 ? 61  HOH A O   1 
HETATM 1514 O  O   . HOH C 3 .   ? -2.620  17.733  7.133   1.00 7.46  ? 62  HOH A O   1 
HETATM 1515 O  O   . HOH C 3 .   ? -6.681  14.507  2.700   1.00 14.67 ? 63  HOH A O   1 
HETATM 1516 O  O   . HOH C 3 .   ? -6.872  3.285   -6.087  1.00 26.35 ? 64  HOH A O   1 
HETATM 1517 O  O   . HOH C 3 .   ? 13.849  2.818   -4.032  1.00 22.31 ? 65  HOH A O   1 
HETATM 1518 O  O   . HOH C 3 .   ? -11.924 11.762  7.874   1.00 19.03 ? 66  HOH A O   1 
HETATM 1519 O  O   . HOH C 3 .   ? -10.470 16.254  -5.569  1.00 23.51 ? 67  HOH A O   1 
HETATM 1520 O  O   . HOH C 3 .   ? 5.437   12.812  9.373   1.00 16.80 ? 68  HOH A O   1 
HETATM 1521 O  O   . HOH C 3 .   ? 0.733   8.842   11.781  1.00 19.19 ? 69  HOH A O   1 
HETATM 1522 O  O   . HOH C 3 .   ? -0.320  13.335  12.292  1.00 23.53 ? 70  HOH A O   1 
HETATM 1523 O  O   . HOH C 3 .   ? -2.695  9.217   13.190  1.00 33.81 ? 71  HOH A O   1 
HETATM 1524 O  O   . HOH C 3 .   ? 15.808  7.562   -14.411 1.00 14.15 ? 72  HOH A O   1 
HETATM 1525 O  O   . HOH C 3 .   ? 4.637   19.950  -6.382  1.00 8.84  ? 73  HOH A O   1 
HETATM 1526 O  O   . HOH C 3 .   ? -1.160  16.293  5.107   1.00 14.41 ? 74  HOH A O   1 
HETATM 1527 O  O   . HOH C 3 .   ? 11.099  9.029   11.710  1.00 24.20 ? 75  HOH A O   1 
HETATM 1528 O  O   . HOH C 3 .   ? -6.333  19.985  -10.470 1.00 20.50 ? 76  HOH A O   1 
HETATM 1529 O  O   . HOH C 3 .   ? -22.478 11.698  -18.094 1.00 27.73 ? 77  HOH A O   1 
HETATM 1530 O  O   . HOH C 3 .   ? -10.947 14.835  -8.055  1.00 24.65 ? 78  HOH A O   1 
HETATM 1531 O  O   . HOH C 3 .   ? 14.947  -6.420  -10.858 1.00 19.43 ? 79  HOH A O   1 
HETATM 1532 O  O   . HOH C 3 .   ? 9.367   0.979   14.891  1.00 33.20 ? 80  HOH A O   1 
HETATM 1533 O  O   . HOH C 3 .   ? 15.964  -9.978  -7.669  1.00 27.70 ? 81  HOH A O   1 
HETATM 1534 O  O   . HOH C 3 .   ? 17.874  -5.230  5.954   1.00 24.85 ? 82  HOH A O   1 
HETATM 1535 O  O   . HOH C 3 .   ? 14.595  -7.744  1.756   1.00 34.85 ? 83  HOH A O   1 
HETATM 1536 O  O   . HOH C 3 .   ? -11.817 10.396  -20.385 1.00 31.99 ? 84  HOH A O   1 
HETATM 1537 O  O   . HOH C 3 .   ? 0.583   -19.582 13.208  1.00 35.99 ? 85  HOH A O   1 
HETATM 1538 O  O   . HOH C 3 .   ? 10.444  -18.472 -13.238 1.00 23.86 ? 86  HOH A O   1 
HETATM 1539 O  O   . HOH C 3 .   ? 8.721   -7.288  8.102   1.00 31.49 ? 87  HOH A O   1 
HETATM 1540 O  O   . HOH C 3 .   ? -11.233 13.028  3.104   1.00 31.23 ? 88  HOH A O   1 
HETATM 1541 O  O   . HOH C 3 .   ? 5.689   21.413  -8.273  1.00 15.61 ? 89  HOH A O   1 
HETATM 1542 O  O   . HOH C 3 .   ? 15.551  -4.616  3.184   1.00 32.87 ? 90  HOH A O   1 
HETATM 1543 O  O   . HOH C 3 .   ? 13.872  -6.334  4.558   1.00 43.68 ? 91  HOH A O   1 
HETATM 1544 O  O   . HOH C 3 .   ? 4.795   -12.832 10.345  1.00 53.70 ? 92  HOH A O   1 
HETATM 1545 O  O   . HOH C 3 .   ? 3.733   -13.112 6.491   1.00 29.53 ? 93  HOH A O   1 
HETATM 1546 O  O   . HOH C 3 .   ? 2.652   -13.774 11.914  1.00 39.94 ? 94  HOH A O   1 
HETATM 1547 O  O   . HOH C 3 .   ? 5.327   15.652  -11.632 1.00 12.56 ? 722 HOH A O   1 
# 
